data_4UZS
#
_entry.id   4UZS
#
_cell.length_a   95.701
_cell.length_b   99.241
_cell.length_c   110.757
_cell.angle_alpha   90.00
_cell.angle_beta   106.47
_cell.angle_gamma   90.00
#
_symmetry.space_group_name_H-M   'P 1 21 1'
#
loop_
_entity.id
_entity.type
_entity.pdbx_description
1 polymer BETA-GALACTOSIDASE
2 non-polymer DI(HYDROXYETHYL)ETHER
3 non-polymer GLYCEROL
4 non-polymer 'HEXAETHYLENE GLYCOL'
5 non-polymer N-PROPANOL
6 water water
#
_entity_poly.entity_id   1
_entity_poly.type   'polypeptide(L)'
_entity_poly.pdbx_seq_one_letter_code
;MSKRRKHSWPQPLKGAESRLWYGGDYNPDQWPEEVWDDDIRLMKKAGVNLVSVGIFSWAKIEPEEGKYDFDWLDRAIDKL
GKAGIAVDLASATASPPMWLTQAHPEVLWKDERGDTVWPGAREHWRPTSPVFREYALNLCRRMAEHYKGNPYVVAWHVSN
EYGCHNRFDYSDDAMRAFQKWCKKRYKTIDAVNEAWGTAFWAQHMNDFSEIIPPRYIGDGNFMNPGKLLDYKRFSSDALK
ELYIAERDVLESITPGLPLTTNFMVSAGGSMLDYDDWGAEVDFVSNDHYFTPGEAHFDEVAYAASLMDGISRKEPWFQME
HSTSAVNWRPINYRAEPGSVVRDSLAQVAMGADAICYFQWRQSKAGAEKWHSSMVPHAGEDSQIFRDVCELGADLGRLSD
EGLMGTKTVKSKVAVVFDYESQWATEYTANPTQQVDHWTEPLDWFRALADNGITADVVPVRSDWDSYEIAVLPCVYLLSE
ETSRRVREFVANGGKLFVTYYTGLSDENDHIWLGGYPGSIRDVVGVRVEEFAPMGNDMPGALDHLDLDNGTVAHDFADVI
TSTADTSTVLASYKAERWTGMNEVPAIVANGYGDGRTVYVGCRLGRQGLAKSLPAMLGSMGLSDLAGDGRVLRVERADAA
AASHFEFVFNRTHEPVTVDVEGEAIAASLAHVDDGRATIDPTGVVVLRR
;
_entity_poly.pdbx_strand_id   A,B,C
#
# COMPACT_ATOMS: atom_id res chain seq x y z
N LYS A 3 -11.47 -37.00 -24.36
CA LYS A 3 -10.69 -36.10 -23.52
C LYS A 3 -10.14 -34.91 -24.31
N ARG A 4 -8.93 -35.05 -24.86
CA ARG A 4 -8.33 -33.94 -25.58
C ARG A 4 -8.94 -33.82 -26.96
N ARG A 5 -9.13 -32.59 -27.41
CA ARG A 5 -9.55 -32.40 -28.78
C ARG A 5 -8.44 -32.77 -29.74
N LYS A 6 -8.82 -33.35 -30.85
CA LYS A 6 -7.89 -33.62 -31.92
C LYS A 6 -7.27 -32.30 -32.41
N HIS A 7 -5.94 -32.30 -32.50
CA HIS A 7 -5.19 -31.13 -32.94
C HIS A 7 -5.61 -30.77 -34.35
N SER A 8 -6.02 -29.52 -34.54
CA SER A 8 -6.41 -29.02 -35.86
C SER A 8 -5.84 -27.62 -36.05
N TRP A 9 -4.96 -27.47 -37.03
CA TRP A 9 -4.18 -26.24 -37.17
C TRP A 9 -4.79 -25.39 -38.26
N PRO A 10 -4.73 -24.04 -38.13
CA PRO A 10 -5.31 -23.20 -39.19
C PRO A 10 -4.58 -23.43 -40.51
N GLN A 11 -5.33 -23.57 -41.59
CA GLN A 11 -4.78 -24.00 -42.86
C GLN A 11 -4.58 -22.82 -43.81
N PRO A 12 -3.66 -22.96 -44.77
CA PRO A 12 -3.34 -21.82 -45.62
C PRO A 12 -4.44 -21.46 -46.61
N LEU A 13 -4.46 -20.21 -47.04
CA LEU A 13 -5.38 -19.79 -48.08
C LEU A 13 -5.10 -20.61 -49.34
N LYS A 14 -6.14 -20.87 -50.12
CA LYS A 14 -6.00 -21.58 -51.40
C LYS A 14 -5.45 -23.01 -51.27
N GLY A 15 -5.50 -23.56 -50.05
CA GLY A 15 -5.02 -24.90 -49.77
C GLY A 15 -3.57 -25.13 -50.16
N ALA A 16 -2.78 -24.06 -50.09
CA ALA A 16 -1.38 -24.09 -50.54
C ALA A 16 -0.46 -24.71 -49.48
N GLU A 17 0.81 -24.31 -49.47
CA GLU A 17 1.73 -24.84 -48.45
C GLU A 17 1.43 -24.26 -47.07
N SER A 18 1.40 -25.12 -46.06
CA SER A 18 1.28 -24.66 -44.68
C SER A 18 2.60 -24.00 -44.27
N ARG A 19 2.62 -22.66 -44.18
CA ARG A 19 3.79 -21.85 -43.79
C ARG A 19 3.66 -21.42 -42.32
N LEU A 20 4.78 -21.03 -41.71
CA LEU A 20 4.72 -20.41 -40.38
C LEU A 20 3.84 -19.17 -40.47
N TRP A 21 2.91 -19.03 -39.53
CA TRP A 21 2.03 -17.86 -39.56
C TRP A 21 2.70 -16.66 -38.90
N TYR A 22 2.40 -15.47 -39.42
CA TYR A 22 3.04 -14.26 -38.90
C TYR A 22 2.08 -13.09 -39.01
N GLY A 23 1.82 -12.42 -37.91
CA GLY A 23 1.09 -11.15 -37.97
C GLY A 23 0.72 -10.62 -36.59
N GLY A 24 -0.56 -10.26 -36.42
CA GLY A 24 -1.00 -9.75 -35.13
C GLY A 24 -2.44 -9.30 -35.09
N ASP A 25 -2.85 -8.80 -33.93
CA ASP A 25 -4.16 -8.20 -33.77
C ASP A 25 -4.29 -7.04 -34.76
N TYR A 26 -5.41 -7.01 -35.46
CA TYR A 26 -5.67 -5.96 -36.44
C TYR A 26 -7.05 -5.33 -36.17
N ASN A 27 -7.08 -4.00 -36.08
CA ASN A 27 -8.30 -3.29 -35.72
C ASN A 27 -8.64 -2.15 -36.67
N PRO A 28 -9.03 -2.50 -37.90
CA PRO A 28 -9.44 -1.52 -38.90
C PRO A 28 -10.58 -0.64 -38.41
N ASP A 29 -11.39 -1.12 -37.45
CA ASP A 29 -12.49 -0.27 -36.97
C ASP A 29 -12.00 0.92 -36.14
N GLN A 30 -10.72 0.94 -35.82
CA GLN A 30 -10.13 2.08 -35.12
C GLN A 30 -9.56 3.17 -36.00
N TRP A 31 -9.56 2.95 -37.32
CA TRP A 31 -8.86 3.87 -38.22
C TRP A 31 -9.75 4.18 -39.41
N PRO A 32 -9.57 5.38 -40.00
CA PRO A 32 -10.27 5.76 -41.24
C PRO A 32 -9.92 4.77 -42.34
N GLU A 33 -10.81 4.55 -43.31
CA GLU A 33 -10.56 3.47 -44.26
C GLU A 33 -9.33 3.68 -45.14
N GLU A 34 -8.92 4.91 -45.38
CA GLU A 34 -7.71 5.13 -46.18
C GLU A 34 -6.49 4.44 -45.56
N VAL A 35 -6.48 4.31 -44.24
CA VAL A 35 -5.39 3.68 -43.52
C VAL A 35 -5.34 2.19 -43.84
N TRP A 36 -6.49 1.60 -44.18
CA TRP A 36 -6.51 0.17 -44.43
C TRP A 36 -5.63 -0.20 -45.63
N ASP A 37 -5.60 0.66 -46.65
CA ASP A 37 -4.76 0.40 -47.82
C ASP A 37 -3.28 0.56 -47.48
N ASP A 38 -2.98 1.51 -46.59
CA ASP A 38 -1.64 1.65 -46.05
C ASP A 38 -1.27 0.40 -45.24
N ASP A 39 -2.20 -0.13 -44.45
CA ASP A 39 -1.95 -1.37 -43.69
C ASP A 39 -1.56 -2.52 -44.61
N ILE A 40 -2.29 -2.68 -45.72
CA ILE A 40 -2.03 -3.77 -46.66
C ILE A 40 -0.64 -3.67 -47.27
N ARG A 41 -0.26 -2.46 -47.69
CA ARG A 41 1.06 -2.22 -48.27
C ARG A 41 2.14 -2.66 -47.29
N LEU A 42 1.99 -2.21 -46.04
CA LEU A 42 2.97 -2.47 -45.01
C LEU A 42 2.96 -3.92 -44.53
N MET A 43 1.79 -4.54 -44.45
CA MET A 43 1.74 -5.95 -44.14
C MET A 43 2.50 -6.79 -45.18
N LYS A 44 2.37 -6.45 -46.46
CA LYS A 44 3.07 -7.21 -47.49
C LYS A 44 4.57 -7.08 -47.34
N LYS A 45 5.02 -5.86 -47.05
CA LYS A 45 6.44 -5.58 -46.88
C LYS A 45 7.01 -6.35 -45.68
N ALA A 46 6.17 -6.55 -44.66
CA ALA A 46 6.58 -7.19 -43.42
C ALA A 46 6.48 -8.70 -43.48
N GLY A 47 5.88 -9.23 -44.54
CA GLY A 47 5.69 -10.66 -44.66
C GLY A 47 4.60 -11.20 -43.75
N VAL A 48 3.66 -10.33 -43.40
CA VAL A 48 2.51 -10.75 -42.60
C VAL A 48 1.60 -11.60 -43.47
N ASN A 49 1.14 -12.72 -42.92
CA ASN A 49 0.21 -13.59 -43.65
C ASN A 49 -1.03 -13.97 -42.85
N LEU A 50 -1.18 -13.41 -41.65
CA LEU A 50 -2.33 -13.69 -40.78
CA LEU A 50 -2.32 -13.70 -40.79
C LEU A 50 -2.56 -12.57 -39.80
N VAL A 51 -3.81 -12.15 -39.67
CA VAL A 51 -4.18 -11.15 -38.67
C VAL A 51 -5.41 -11.64 -37.91
N SER A 52 -5.60 -11.13 -36.69
CA SER A 52 -6.74 -11.52 -35.87
C SER A 52 -7.66 -10.30 -35.74
N VAL A 53 -8.88 -10.42 -36.25
CA VAL A 53 -9.74 -9.24 -36.39
C VAL A 53 -11.04 -9.40 -35.62
N GLY A 54 -11.60 -8.26 -35.21
CA GLY A 54 -12.91 -8.23 -34.61
C GLY A 54 -12.95 -8.53 -33.12
N ILE A 55 -11.80 -8.60 -32.47
CA ILE A 55 -11.75 -9.14 -31.10
C ILE A 55 -12.59 -8.32 -30.10
N PHE A 56 -12.51 -6.99 -30.17
CA PHE A 56 -13.35 -6.14 -29.33
C PHE A 56 -14.34 -5.34 -30.16
N SER A 57 -14.82 -5.97 -31.23
CA SER A 57 -15.71 -5.28 -32.15
C SER A 57 -17.23 -5.43 -31.92
N TRP A 58 -17.63 -5.91 -30.73
CA TRP A 58 -19.06 -6.14 -30.46
C TRP A 58 -19.88 -4.88 -30.72
N ALA A 59 -19.41 -3.73 -30.26
CA ALA A 59 -20.23 -2.52 -30.36
C ALA A 59 -20.31 -2.00 -31.80
N LYS A 60 -19.37 -2.41 -32.65
CA LYS A 60 -19.43 -2.04 -34.07
C LYS A 60 -20.30 -3.04 -34.85
N ILE A 61 -20.15 -4.32 -34.51
CA ILE A 61 -20.88 -5.38 -35.22
C ILE A 61 -22.34 -5.46 -34.83
N GLU A 62 -22.65 -5.33 -33.53
CA GLU A 62 -24.03 -5.24 -33.10
C GLU A 62 -24.23 -3.89 -32.42
N PRO A 63 -24.38 -2.81 -33.22
CA PRO A 63 -24.39 -1.45 -32.66
C PRO A 63 -25.59 -1.17 -31.74
N GLU A 64 -26.67 -1.90 -31.92
CA GLU A 64 -27.85 -1.83 -31.06
C GLU A 64 -28.39 -3.24 -31.05
N GLU A 65 -29.21 -3.57 -30.04
CA GLU A 65 -29.71 -4.93 -29.87
CA GLU A 65 -29.70 -4.93 -29.87
C GLU A 65 -30.43 -5.46 -31.11
N GLY A 66 -29.92 -6.56 -31.68
CA GLY A 66 -30.55 -7.22 -32.82
C GLY A 66 -30.32 -6.52 -34.15
N LYS A 67 -29.45 -5.52 -34.18
CA LYS A 67 -29.11 -4.82 -35.42
C LYS A 67 -27.65 -5.10 -35.74
N TYR A 68 -27.34 -5.46 -36.99
CA TYR A 68 -25.98 -5.88 -37.31
C TYR A 68 -25.38 -5.02 -38.40
N ASP A 69 -24.10 -4.75 -38.24
CA ASP A 69 -23.36 -3.98 -39.22
C ASP A 69 -22.07 -4.76 -39.51
N PHE A 70 -22.14 -5.62 -40.52
CA PHE A 70 -21.03 -6.46 -40.92
C PHE A 70 -20.22 -5.85 -42.05
N ASP A 71 -20.78 -4.87 -42.75
CA ASP A 71 -20.20 -4.53 -44.06
C ASP A 71 -18.73 -4.08 -44.01
N TRP A 72 -18.41 -3.23 -43.02
CA TRP A 72 -17.05 -2.75 -42.84
C TRP A 72 -16.09 -3.96 -42.69
N LEU A 73 -16.51 -4.96 -41.93
CA LEU A 73 -15.64 -6.11 -41.64
C LEU A 73 -15.54 -7.02 -42.87
N ASP A 74 -16.66 -7.13 -43.61
CA ASP A 74 -16.68 -7.91 -44.84
C ASP A 74 -15.64 -7.32 -45.80
N ARG A 75 -15.64 -6.00 -45.91
CA ARG A 75 -14.75 -5.29 -46.83
C ARG A 75 -13.28 -5.36 -46.40
N ALA A 76 -13.06 -5.26 -45.09
CA ALA A 76 -11.71 -5.41 -44.54
C ALA A 76 -11.16 -6.83 -44.78
N ILE A 77 -11.99 -7.85 -44.54
CA ILE A 77 -11.56 -9.24 -44.72
C ILE A 77 -11.27 -9.52 -46.19
N ASP A 78 -12.11 -8.96 -47.07
CA ASP A 78 -11.92 -9.13 -48.52
C ASP A 78 -10.59 -8.53 -48.97
N LYS A 79 -10.30 -7.35 -48.46
CA LYS A 79 -9.06 -6.63 -48.78
C LYS A 79 -7.86 -7.43 -48.30
N LEU A 80 -7.93 -7.92 -47.07
CA LEU A 80 -6.88 -8.76 -46.54
C LEU A 80 -6.67 -10.01 -47.39
N GLY A 81 -7.75 -10.73 -47.69
CA GLY A 81 -7.61 -12.01 -48.34
C GLY A 81 -7.11 -11.87 -49.76
N LYS A 82 -7.52 -10.81 -50.44
CA LYS A 82 -7.07 -10.59 -51.82
C LYS A 82 -5.60 -10.20 -51.87
N ALA A 83 -5.10 -9.74 -50.73
CA ALA A 83 -3.68 -9.43 -50.60
C ALA A 83 -2.87 -10.64 -50.14
N GLY A 84 -3.51 -11.80 -49.99
CA GLY A 84 -2.79 -12.98 -49.54
C GLY A 84 -2.65 -13.10 -48.03
N ILE A 85 -3.48 -12.35 -47.30
CA ILE A 85 -3.42 -12.38 -45.84
C ILE A 85 -4.64 -13.04 -45.24
N ALA A 86 -4.41 -14.06 -44.40
CA ALA A 86 -5.48 -14.87 -43.83
C ALA A 86 -6.07 -14.18 -42.63
N VAL A 87 -7.28 -14.59 -42.27
CA VAL A 87 -7.97 -13.98 -41.13
C VAL A 87 -8.32 -14.97 -40.01
N ASP A 88 -7.84 -14.65 -38.82
CA ASP A 88 -8.23 -15.35 -37.61
C ASP A 88 -9.40 -14.52 -37.08
N LEU A 89 -10.63 -15.04 -37.18
CA LEU A 89 -11.83 -14.25 -36.89
C LEU A 89 -12.25 -14.42 -35.44
N ALA A 90 -12.44 -13.30 -34.75
CA ALA A 90 -12.91 -13.36 -33.37
C ALA A 90 -14.41 -13.61 -33.32
N SER A 91 -14.88 -14.12 -32.17
CA SER A 91 -16.31 -14.18 -31.91
C SER A 91 -16.83 -12.78 -31.61
N ALA A 92 -15.92 -11.86 -31.24
CA ALA A 92 -16.22 -10.48 -30.83
C ALA A 92 -16.91 -10.38 -29.48
N THR A 93 -16.93 -11.49 -28.75
CA THR A 93 -17.70 -11.59 -27.50
C THR A 93 -16.89 -11.25 -26.26
N ALA A 94 -15.71 -10.68 -26.47
CA ALA A 94 -14.78 -10.38 -25.38
C ALA A 94 -15.31 -9.32 -24.41
N SER A 95 -16.04 -8.33 -24.93
CA SER A 95 -16.56 -7.25 -24.09
C SER A 95 -17.81 -6.61 -24.73
N PRO A 96 -18.89 -6.47 -23.94
CA PRO A 96 -20.21 -6.01 -24.42
C PRO A 96 -20.34 -4.51 -24.64
N PRO A 97 -21.24 -4.12 -25.55
CA PRO A 97 -21.48 -2.70 -25.80
C PRO A 97 -22.20 -2.01 -24.67
N MET A 98 -22.12 -0.67 -24.64
CA MET A 98 -22.85 0.13 -23.68
C MET A 98 -24.37 -0.14 -23.69
N TRP A 99 -24.98 -0.32 -24.87
CA TRP A 99 -26.43 -0.55 -24.88
C TRP A 99 -26.79 -1.79 -24.09
N LEU A 100 -25.90 -2.79 -24.13
CA LEU A 100 -26.18 -4.06 -23.46
C LEU A 100 -26.09 -3.89 -21.95
N THR A 101 -25.03 -3.25 -21.48
CA THR A 101 -24.87 -3.15 -20.04
C THR A 101 -25.84 -2.13 -19.46
N GLN A 102 -26.17 -1.09 -20.24
CA GLN A 102 -27.18 -0.12 -19.78
C GLN A 102 -28.54 -0.81 -19.60
N ALA A 103 -28.88 -1.70 -20.53
CA ALA A 103 -30.17 -2.39 -20.49
C ALA A 103 -30.17 -3.50 -19.45
N HIS A 104 -28.99 -4.09 -19.23
CA HIS A 104 -28.86 -5.20 -18.30
C HIS A 104 -27.68 -5.03 -17.36
N PRO A 105 -27.85 -4.17 -16.34
CA PRO A 105 -26.81 -3.98 -15.32
C PRO A 105 -26.44 -5.28 -14.62
N GLU A 106 -27.34 -6.26 -14.63
CA GLU A 106 -27.09 -7.51 -13.91
C GLU A 106 -25.99 -8.37 -14.55
N VAL A 107 -25.48 -7.98 -15.71
CA VAL A 107 -24.35 -8.72 -16.30
C VAL A 107 -23.01 -8.32 -15.67
N LEU A 108 -22.96 -7.16 -15.02
CA LEU A 108 -21.70 -6.62 -14.54
C LEU A 108 -21.25 -7.41 -13.32
N TRP A 109 -19.97 -7.80 -13.26
CA TRP A 109 -19.50 -8.54 -12.09
C TRP A 109 -19.40 -7.68 -10.83
N LYS A 110 -19.43 -8.35 -9.68
CA LYS A 110 -19.35 -7.69 -8.37
C LYS A 110 -18.10 -8.17 -7.63
N ASP A 111 -17.41 -7.25 -6.94
CA ASP A 111 -16.20 -7.64 -6.24
C ASP A 111 -16.54 -8.22 -4.85
N GLU A 112 -15.52 -8.42 -4.03
CA GLU A 112 -15.72 -9.13 -2.76
CA GLU A 112 -15.67 -9.10 -2.73
C GLU A 112 -16.67 -8.40 -1.82
N ARG A 113 -16.72 -7.07 -1.94
CA ARG A 113 -17.59 -6.24 -1.11
C ARG A 113 -18.99 -6.08 -1.70
N GLY A 114 -19.22 -6.69 -2.87
CA GLY A 114 -20.51 -6.57 -3.54
C GLY A 114 -20.63 -5.33 -4.41
N ASP A 115 -19.50 -4.62 -4.60
CA ASP A 115 -19.50 -3.42 -5.44
C ASP A 115 -19.47 -3.78 -6.92
N THR A 116 -20.34 -3.12 -7.68
CA THR A 116 -20.44 -3.33 -9.12
C THR A 116 -19.23 -2.80 -9.86
N VAL A 117 -18.72 -3.61 -10.79
CA VAL A 117 -17.64 -3.21 -11.66
C VAL A 117 -18.26 -2.69 -12.95
N TRP A 118 -18.04 -1.41 -13.24
CA TRP A 118 -18.75 -0.71 -14.31
C TRP A 118 -18.04 -0.82 -15.65
N PRO A 119 -18.73 -0.46 -16.74
CA PRO A 119 -18.00 -0.30 -17.99
C PRO A 119 -17.03 0.88 -17.89
N GLY A 120 -16.14 1.02 -18.87
CA GLY A 120 -15.14 2.07 -18.82
C GLY A 120 -13.79 1.49 -19.23
N ALA A 121 -13.62 0.19 -18.99
CA ALA A 121 -12.48 -0.58 -19.48
C ALA A 121 -12.98 -1.75 -20.33
N ARG A 122 -12.72 -3.00 -19.89
CA ARG A 122 -13.14 -4.16 -20.67
C ARG A 122 -13.40 -5.40 -19.83
N GLU A 123 -14.20 -6.32 -20.40
CA GLU A 123 -14.45 -7.64 -19.81
C GLU A 123 -15.23 -7.56 -18.51
N HIS A 124 -16.05 -6.53 -18.39
CA HIS A 124 -16.81 -6.29 -17.17
C HIS A 124 -18.13 -7.08 -17.20
N TRP A 125 -18.02 -8.40 -17.14
CA TRP A 125 -19.21 -9.25 -17.10
C TRP A 125 -18.99 -10.47 -16.23
N ARG A 126 -20.05 -10.96 -15.59
CA ARG A 126 -19.98 -12.16 -14.75
C ARG A 126 -19.89 -13.40 -15.62
N PRO A 127 -18.86 -14.22 -15.40
CA PRO A 127 -18.70 -15.49 -16.13
C PRO A 127 -19.92 -16.40 -16.05
N THR A 128 -20.70 -16.32 -14.98
CA THR A 128 -21.86 -17.21 -14.84
C THR A 128 -23.22 -16.52 -14.99
N SER A 129 -23.22 -15.29 -15.48
CA SER A 129 -24.49 -14.62 -15.82
C SER A 129 -25.20 -15.35 -16.95
N PRO A 130 -26.44 -15.80 -16.70
CA PRO A 130 -27.24 -16.44 -17.75
C PRO A 130 -27.57 -15.46 -18.89
N VAL A 131 -27.84 -14.20 -18.56
CA VAL A 131 -28.19 -13.21 -19.58
CA VAL A 131 -28.21 -13.27 -19.62
C VAL A 131 -27.00 -12.88 -20.49
N PHE A 132 -25.82 -12.70 -19.90
CA PHE A 132 -24.65 -12.44 -20.73
C PHE A 132 -24.37 -13.63 -21.64
N ARG A 133 -24.53 -14.84 -21.12
CA ARG A 133 -24.32 -16.03 -21.96
C ARG A 133 -25.25 -16.01 -23.16
N GLU A 134 -26.53 -15.70 -22.93
CA GLU A 134 -27.49 -15.56 -24.04
C GLU A 134 -27.02 -14.58 -25.09
N TYR A 135 -26.58 -13.39 -24.66
CA TYR A 135 -26.06 -12.41 -25.60
C TYR A 135 -24.80 -12.90 -26.33
N ALA A 136 -23.89 -13.56 -25.60
CA ALA A 136 -22.65 -14.02 -26.22
C ALA A 136 -22.91 -15.12 -27.24
N LEU A 137 -23.80 -16.05 -26.89
CA LEU A 137 -24.08 -17.15 -27.79
C LEU A 137 -24.80 -16.64 -29.05
N ASN A 138 -25.69 -15.67 -28.87
CA ASN A 138 -26.35 -15.06 -30.01
C ASN A 138 -25.35 -14.43 -30.95
N LEU A 139 -24.38 -13.68 -30.42
CA LEU A 139 -23.38 -13.08 -31.30
C LEU A 139 -22.52 -14.14 -32.01
N CYS A 140 -22.10 -15.17 -31.26
CA CYS A 140 -21.41 -16.30 -31.85
C CYS A 140 -22.18 -16.85 -33.04
N ARG A 141 -23.47 -17.08 -32.85
CA ARG A 141 -24.32 -17.60 -33.92
C ARG A 141 -24.41 -16.65 -35.12
N ARG A 142 -24.65 -15.37 -34.87
CA ARG A 142 -24.77 -14.42 -35.97
C ARG A 142 -23.42 -14.25 -36.70
N MET A 143 -22.32 -14.24 -35.94
CA MET A 143 -20.98 -14.16 -36.54
C MET A 143 -20.70 -15.38 -37.43
N ALA A 144 -20.93 -16.57 -36.89
CA ALA A 144 -20.67 -17.81 -37.61
C ALA A 144 -21.55 -17.93 -38.85
N GLU A 145 -22.84 -17.64 -38.71
CA GLU A 145 -23.76 -17.71 -39.85
C GLU A 145 -23.34 -16.73 -40.96
N HIS A 146 -22.96 -15.52 -40.57
CA HIS A 146 -22.56 -14.53 -41.56
C HIS A 146 -21.24 -14.88 -42.26
N TYR A 147 -20.28 -15.43 -41.52
CA TYR A 147 -18.94 -15.64 -42.09
C TYR A 147 -18.70 -17.05 -42.58
N LYS A 148 -19.71 -17.89 -42.49
CA LYS A 148 -19.57 -19.28 -42.89
C LYS A 148 -19.17 -19.35 -44.35
N GLY A 149 -18.09 -20.10 -44.62
CA GLY A 149 -17.65 -20.32 -46.00
C GLY A 149 -16.80 -19.22 -46.58
N ASN A 150 -16.48 -18.21 -45.77
CA ASN A 150 -15.57 -17.17 -46.24
C ASN A 150 -14.21 -17.78 -46.53
N PRO A 151 -13.65 -17.52 -47.72
CA PRO A 151 -12.46 -18.23 -48.18
C PRO A 151 -11.18 -17.72 -47.54
N TYR A 152 -11.28 -16.65 -46.76
CA TYR A 152 -10.11 -16.01 -46.16
C TYR A 152 -10.06 -16.22 -44.65
N VAL A 153 -11.14 -16.76 -44.10
CA VAL A 153 -11.19 -16.99 -42.65
C VAL A 153 -10.67 -18.39 -42.31
N VAL A 154 -9.63 -18.46 -41.49
CA VAL A 154 -8.94 -19.73 -41.28
C VAL A 154 -9.06 -20.30 -39.86
N ALA A 155 -9.58 -19.50 -38.93
CA ALA A 155 -9.72 -19.97 -37.53
C ALA A 155 -10.68 -19.07 -36.79
N TRP A 156 -11.11 -19.50 -35.60
CA TRP A 156 -11.91 -18.67 -34.69
C TRP A 156 -11.04 -18.33 -33.50
N HIS A 157 -11.08 -17.07 -33.09
CA HIS A 157 -10.37 -16.57 -31.91
C HIS A 157 -11.51 -16.32 -30.93
N VAL A 158 -11.83 -17.30 -30.07
CA VAL A 158 -13.03 -17.18 -29.24
C VAL A 158 -12.83 -16.22 -28.09
N SER A 159 -13.66 -15.18 -28.03
CA SER A 159 -13.59 -14.17 -27.00
C SER A 159 -12.18 -13.59 -26.93
N ASN A 160 -11.71 -13.31 -25.71
CA ASN A 160 -10.34 -12.81 -25.48
C ASN A 160 -9.93 -12.92 -24.02
N GLU A 161 -8.81 -13.58 -23.77
CA GLU A 161 -8.25 -13.78 -22.43
C GLU A 161 -9.32 -13.88 -21.36
N TYR A 162 -10.11 -14.96 -21.37
CA TYR A 162 -11.05 -15.20 -20.28
C TYR A 162 -10.36 -15.02 -18.94
N GLY A 163 -10.99 -14.27 -18.03
CA GLY A 163 -10.51 -14.13 -16.67
C GLY A 163 -9.36 -13.17 -16.49
N CYS A 164 -9.03 -12.38 -17.50
CA CYS A 164 -7.98 -11.37 -17.33
C CYS A 164 -8.42 -10.35 -16.30
N HIS A 165 -9.70 -9.99 -16.37
CA HIS A 165 -10.27 -9.00 -15.46
C HIS A 165 -11.41 -9.54 -14.64
N ASN A 166 -12.08 -10.58 -15.16
CA ASN A 166 -13.28 -11.08 -14.49
C ASN A 166 -13.12 -12.52 -13.99
N ARG A 167 -11.90 -12.88 -13.61
CA ARG A 167 -11.66 -14.21 -13.06
C ARG A 167 -12.58 -14.44 -11.86
N PHE A 168 -12.68 -13.43 -11.00
CA PHE A 168 -13.49 -13.56 -9.80
C PHE A 168 -14.79 -12.76 -9.90
N ASP A 169 -15.91 -13.41 -9.60
CA ASP A 169 -17.20 -12.71 -9.42
C ASP A 169 -17.79 -13.19 -8.11
N TYR A 170 -18.41 -12.28 -7.36
CA TYR A 170 -19.00 -12.64 -6.07
C TYR A 170 -20.50 -12.40 -6.04
N SER A 171 -21.08 -12.12 -7.20
CA SER A 171 -22.52 -11.88 -7.30
C SER A 171 -23.30 -13.14 -6.97
N ASP A 172 -24.61 -13.00 -6.87
CA ASP A 172 -25.47 -14.16 -6.65
C ASP A 172 -25.47 -15.18 -7.77
N ASP A 173 -25.15 -14.78 -9.00
CA ASP A 173 -24.98 -15.78 -10.07
C ASP A 173 -23.81 -16.67 -9.72
N ALA A 174 -22.70 -16.07 -9.29
CA ALA A 174 -21.54 -16.85 -8.87
C ALA A 174 -21.86 -17.72 -7.64
N MET A 175 -22.68 -17.20 -6.73
CA MET A 175 -23.06 -17.97 -5.55
C MET A 175 -23.80 -19.25 -5.95
N ARG A 176 -24.79 -19.10 -6.81
CA ARG A 176 -25.57 -20.25 -7.27
C ARG A 176 -24.67 -21.24 -8.02
N ALA A 177 -23.85 -20.73 -8.94
CA ALA A 177 -22.96 -21.60 -9.71
C ALA A 177 -21.95 -22.35 -8.86
N PHE A 178 -21.38 -21.67 -7.85
CA PHE A 178 -20.42 -22.31 -6.95
C PHE A 178 -21.08 -23.40 -6.10
N GLN A 179 -22.34 -23.16 -5.72
CA GLN A 179 -23.12 -24.20 -5.04
C GLN A 179 -23.28 -25.46 -5.90
N LYS A 180 -23.63 -25.29 -7.17
CA LYS A 180 -23.75 -26.43 -8.08
C LYS A 180 -22.39 -27.08 -8.34
N TRP A 181 -21.33 -26.28 -8.40
CA TRP A 181 -19.99 -26.80 -8.68
C TRP A 181 -19.53 -27.68 -7.52
N CYS A 182 -19.87 -27.24 -6.30
CA CYS A 182 -19.46 -28.00 -5.11
C CYS A 182 -20.20 -29.33 -5.02
N LYS A 183 -21.47 -29.30 -5.40
CA LYS A 183 -22.29 -30.51 -5.45
C LYS A 183 -21.73 -31.52 -6.45
N LYS A 184 -21.38 -31.03 -7.65
CA LYS A 184 -20.75 -31.87 -8.66
C LYS A 184 -19.45 -32.49 -8.15
N ARG A 185 -18.60 -31.69 -7.50
CA ARG A 185 -17.31 -32.17 -7.05
C ARG A 185 -17.41 -33.12 -5.86
N TYR A 186 -18.25 -32.76 -4.89
CA TYR A 186 -18.26 -33.45 -3.60
C TYR A 186 -19.47 -34.38 -3.34
N LYS A 187 -20.53 -34.22 -4.11
CA LYS A 187 -21.73 -35.06 -4.03
C LYS A 187 -22.63 -34.78 -2.82
N THR A 188 -22.04 -34.77 -1.62
CA THR A 188 -22.79 -34.48 -0.41
C THR A 188 -22.20 -33.30 0.36
N ILE A 189 -23.04 -32.65 1.19
CA ILE A 189 -22.55 -31.55 2.01
C ILE A 189 -21.54 -32.05 3.05
N ASP A 190 -21.71 -33.28 3.54
CA ASP A 190 -20.70 -33.87 4.45
C ASP A 190 -19.29 -33.86 3.83
N ALA A 191 -19.21 -34.19 2.53
CA ALA A 191 -17.93 -34.18 1.84
C ALA A 191 -17.34 -32.79 1.71
N VAL A 192 -18.19 -31.79 1.44
CA VAL A 192 -17.75 -30.39 1.44
C VAL A 192 -17.20 -29.97 2.80
N ASN A 193 -17.98 -30.16 3.86
CA ASN A 193 -17.50 -29.95 5.23
C ASN A 193 -16.16 -30.62 5.54
N GLU A 194 -15.99 -31.87 5.11
CA GLU A 194 -14.74 -32.59 5.37
CA GLU A 194 -14.75 -32.60 5.35
C GLU A 194 -13.58 -31.98 4.59
N ALA A 195 -13.81 -31.68 3.32
CA ALA A 195 -12.74 -31.11 2.48
C ALA A 195 -12.25 -29.78 3.05
N TRP A 196 -13.20 -28.90 3.40
CA TRP A 196 -12.88 -27.55 3.89
C TRP A 196 -12.56 -27.47 5.40
N GLY A 197 -12.60 -28.60 6.10
CA GLY A 197 -12.29 -28.64 7.53
C GLY A 197 -13.14 -27.69 8.34
N THR A 198 -14.45 -27.74 8.13
CA THR A 198 -15.36 -26.73 8.67
C THR A 198 -15.69 -26.92 10.15
N ALA A 199 -15.15 -27.96 10.76
CA ALA A 199 -15.34 -28.09 12.20
C ALA A 199 -14.65 -26.92 12.89
N PHE A 200 -13.65 -26.37 12.24
CA PHE A 200 -12.86 -25.23 12.73
C PHE A 200 -13.65 -23.93 12.56
N TRP A 201 -13.66 -23.10 13.61
CA TRP A 201 -14.33 -21.78 13.60
C TRP A 201 -15.84 -21.81 13.29
N ALA A 202 -16.49 -22.90 13.68
CA ALA A 202 -17.95 -23.04 13.55
C ALA A 202 -18.45 -22.74 12.16
N GLN A 203 -17.84 -23.39 11.16
CA GLN A 203 -18.20 -23.11 9.78
C GLN A 203 -19.04 -24.26 9.18
N HIS A 204 -19.46 -25.22 10.02
CA HIS A 204 -20.24 -26.38 9.52
C HIS A 204 -21.46 -25.95 8.73
N MET A 205 -21.68 -26.58 7.57
CA MET A 205 -22.82 -26.29 6.72
C MET A 205 -23.82 -27.45 6.67
N ASN A 206 -25.10 -27.13 6.78
CA ASN A 206 -26.15 -28.14 6.84
C ASN A 206 -26.60 -28.64 5.47
N ASP A 207 -26.51 -27.76 4.48
CA ASP A 207 -26.88 -28.08 3.12
C ASP A 207 -26.13 -27.16 2.17
N PHE A 208 -26.37 -27.33 0.87
CA PHE A 208 -25.62 -26.57 -0.12
C PHE A 208 -25.98 -25.09 -0.17
N SER A 209 -27.15 -24.72 0.36
CA SER A 209 -27.52 -23.30 0.40
C SER A 209 -26.63 -22.53 1.38
N GLU A 210 -25.91 -23.25 2.23
CA GLU A 210 -25.05 -22.60 3.23
C GLU A 210 -23.61 -22.39 2.72
N ILE A 211 -23.39 -22.69 1.44
CA ILE A 211 -22.13 -22.37 0.79
C ILE A 211 -22.26 -21.00 0.15
N ILE A 212 -21.44 -20.05 0.62
CA ILE A 212 -21.42 -18.73 0.01
C ILE A 212 -20.02 -18.52 -0.54
N PRO A 213 -19.87 -17.62 -1.52
CA PRO A 213 -18.54 -17.35 -2.05
C PRO A 213 -17.67 -16.68 -1.00
N PRO A 214 -16.35 -16.74 -1.18
CA PRO A 214 -15.42 -16.07 -0.26
C PRO A 214 -15.53 -14.55 -0.40
N ARG A 215 -16.66 -14.01 0.06
CA ARG A 215 -16.90 -12.59 0.04
C ARG A 215 -16.08 -11.87 1.12
N TYR A 216 -16.24 -10.55 1.19
CA TYR A 216 -15.50 -9.70 2.11
C TYR A 216 -15.65 -10.17 3.55
N ILE A 217 -14.52 -10.38 4.22
CA ILE A 217 -14.51 -10.77 5.64
C ILE A 217 -13.77 -9.77 6.55
N GLY A 218 -13.51 -8.58 6.02
CA GLY A 218 -12.69 -7.60 6.74
C GLY A 218 -11.23 -7.72 6.36
N ASP A 219 -10.53 -6.60 6.22
CA ASP A 219 -9.10 -6.64 5.89
C ASP A 219 -8.30 -7.38 6.97
N GLY A 220 -7.32 -8.18 6.55
CA GLY A 220 -6.44 -8.83 7.50
C GLY A 220 -7.02 -10.07 8.17
N ASN A 221 -8.21 -10.50 7.74
CA ASN A 221 -8.81 -11.72 8.30
C ASN A 221 -8.59 -12.93 7.36
N PHE A 222 -8.85 -14.13 7.85
CA PHE A 222 -8.38 -15.32 7.15
C PHE A 222 -9.50 -16.22 6.63
N MET A 223 -9.66 -16.24 5.31
CA MET A 223 -10.70 -17.05 4.65
C MET A 223 -10.40 -18.55 4.84
N ASN A 224 -11.42 -19.38 4.81
CA ASN A 224 -11.22 -20.81 4.83
C ASN A 224 -10.37 -21.19 3.63
N PRO A 225 -9.19 -21.79 3.86
CA PRO A 225 -8.29 -21.95 2.71
C PRO A 225 -8.76 -23.01 1.72
N GLY A 226 -9.45 -24.05 2.21
CA GLY A 226 -10.00 -25.05 1.31
C GLY A 226 -11.00 -24.39 0.37
N LYS A 227 -11.84 -23.54 0.94
CA LYS A 227 -12.86 -22.88 0.16
C LYS A 227 -12.24 -21.93 -0.86
N LEU A 228 -11.22 -21.17 -0.43
CA LEU A 228 -10.58 -20.21 -1.31
C LEU A 228 -9.94 -20.92 -2.50
N LEU A 229 -9.26 -22.03 -2.21
CA LEU A 229 -8.62 -22.83 -3.26
C LEU A 229 -9.66 -23.40 -4.21
N ASP A 230 -10.77 -23.89 -3.67
CA ASP A 230 -11.83 -24.41 -4.54
C ASP A 230 -12.51 -23.29 -5.33
N TYR A 231 -12.44 -22.06 -4.83
CA TYR A 231 -13.10 -20.99 -5.55
C TYR A 231 -12.29 -20.65 -6.80
N LYS A 232 -10.98 -20.86 -6.73
CA LYS A 232 -10.13 -20.66 -7.90
C LYS A 232 -10.37 -21.76 -8.94
N ARG A 233 -10.52 -22.99 -8.47
CA ARG A 233 -10.91 -24.11 -9.33
C ARG A 233 -12.26 -23.81 -10.00
N PHE A 234 -13.25 -23.50 -9.18
CA PHE A 234 -14.57 -23.16 -9.68
C PHE A 234 -14.51 -22.02 -10.68
N SER A 235 -13.70 -21.00 -10.40
CA SER A 235 -13.70 -19.82 -11.25
C SER A 235 -13.07 -20.13 -12.60
N SER A 236 -12.08 -21.01 -12.59
CA SER A 236 -11.46 -21.48 -13.84
C SER A 236 -12.48 -22.31 -14.63
N ASP A 237 -13.15 -23.22 -13.93
CA ASP A 237 -14.16 -24.09 -14.56
C ASP A 237 -15.35 -23.31 -15.12
N ALA A 238 -15.79 -22.28 -14.40
CA ALA A 238 -16.93 -21.47 -14.82
C ALA A 238 -16.63 -20.78 -16.14
N LEU A 239 -15.46 -20.16 -16.24
CA LEU A 239 -15.06 -19.55 -17.51
C LEU A 239 -14.87 -20.60 -18.60
N LYS A 240 -14.32 -21.75 -18.24
CA LYS A 240 -14.14 -22.82 -19.21
C LYS A 240 -15.46 -23.29 -19.76
N GLU A 241 -16.50 -23.33 -18.92
CA GLU A 241 -17.81 -23.78 -19.40
C GLU A 241 -18.41 -22.76 -20.38
N LEU A 242 -18.19 -21.48 -20.12
CA LEU A 242 -18.67 -20.46 -21.06
C LEU A 242 -17.92 -20.58 -22.39
N TYR A 243 -16.60 -20.69 -22.32
CA TYR A 243 -15.81 -20.87 -23.55
C TYR A 243 -16.27 -22.10 -24.34
N ILE A 244 -16.48 -23.22 -23.64
CA ILE A 244 -16.96 -24.45 -24.29
C ILE A 244 -18.29 -24.18 -24.99
N ALA A 245 -19.16 -23.41 -24.36
CA ALA A 245 -20.46 -23.12 -24.95
C ALA A 245 -20.30 -22.25 -26.21
N GLU A 246 -19.41 -21.26 -26.16
CA GLU A 246 -19.23 -20.38 -27.30
C GLU A 246 -18.57 -21.18 -28.42
N ARG A 247 -17.61 -22.02 -28.05
CA ARG A 247 -16.86 -22.83 -29.02
C ARG A 247 -17.83 -23.77 -29.75
N ASP A 248 -18.70 -24.41 -28.97
CA ASP A 248 -19.65 -25.36 -29.52
C ASP A 248 -20.66 -24.75 -30.49
N VAL A 249 -21.13 -23.53 -30.19
CA VAL A 249 -22.05 -22.82 -31.10
C VAL A 249 -21.36 -22.52 -32.42
N LEU A 250 -20.17 -21.91 -32.33
CA LEU A 250 -19.39 -21.61 -33.52
C LEU A 250 -19.16 -22.86 -34.36
N GLU A 251 -18.70 -23.93 -33.73
CA GLU A 251 -18.38 -25.18 -34.42
C GLU A 251 -19.59 -25.84 -35.09
N SER A 252 -20.74 -25.76 -34.44
CA SER A 252 -21.98 -26.32 -34.98
C SER A 252 -22.38 -25.64 -36.29
N ILE A 253 -21.86 -24.44 -36.54
CA ILE A 253 -22.24 -23.68 -37.72
C ILE A 253 -21.15 -23.71 -38.77
N THR A 254 -19.89 -23.77 -38.32
CA THR A 254 -18.75 -23.85 -39.24
C THR A 254 -17.87 -25.04 -38.94
N PRO A 255 -18.41 -26.26 -39.09
CA PRO A 255 -17.65 -27.43 -38.67
C PRO A 255 -16.37 -27.58 -39.47
N GLY A 256 -15.27 -27.94 -38.83
CA GLY A 256 -14.01 -28.06 -39.52
C GLY A 256 -13.10 -26.85 -39.35
N LEU A 257 -13.68 -25.67 -39.12
CA LEU A 257 -12.87 -24.47 -38.86
C LEU A 257 -12.26 -24.52 -37.45
N PRO A 258 -10.92 -24.51 -37.34
CA PRO A 258 -10.23 -24.71 -36.06
C PRO A 258 -10.54 -23.58 -35.06
N LEU A 259 -10.77 -23.92 -33.80
CA LEU A 259 -11.05 -22.94 -32.75
C LEU A 259 -9.97 -22.88 -31.67
N THR A 260 -9.64 -21.66 -31.23
CA THR A 260 -8.78 -21.48 -30.06
C THR A 260 -9.34 -20.36 -29.18
N THR A 261 -8.76 -20.23 -27.99
CA THR A 261 -8.91 -18.98 -27.21
C THR A 261 -7.52 -18.70 -26.63
N ASN A 262 -7.19 -17.43 -26.43
CA ASN A 262 -5.82 -17.06 -26.04
C ASN A 262 -5.55 -17.10 -24.53
N PHE A 263 -4.52 -17.88 -24.15
CA PHE A 263 -4.19 -18.09 -22.74
C PHE A 263 -3.27 -16.96 -22.28
N MET A 264 -2.99 -16.93 -20.97
CA MET A 264 -2.07 -15.94 -20.38
C MET A 264 -1.00 -16.68 -19.57
N VAL A 265 -0.21 -17.47 -20.28
CA VAL A 265 0.80 -18.29 -19.66
C VAL A 265 2.12 -17.51 -19.56
N SER A 266 2.56 -17.29 -18.34
CA SER A 266 3.85 -16.65 -18.09
C SER A 266 4.29 -17.22 -16.76
N ALA A 267 5.53 -17.02 -16.37
CA ALA A 267 6.05 -17.62 -15.12
C ALA A 267 5.13 -17.31 -13.94
N GLY A 268 4.68 -16.06 -13.84
CA GLY A 268 3.88 -15.62 -12.70
C GLY A 268 2.39 -15.49 -12.93
N GLY A 269 1.92 -15.98 -14.07
CA GLY A 269 0.51 -15.96 -14.39
C GLY A 269 -0.21 -17.23 -14.00
N SER A 270 -1.31 -17.11 -13.27
CA SER A 270 -2.10 -18.30 -12.93
C SER A 270 -3.59 -17.99 -12.82
N MET A 271 -4.14 -17.21 -13.75
CA MET A 271 -5.54 -16.83 -13.64
C MET A 271 -6.44 -18.06 -13.76
N LEU A 272 -6.00 -19.05 -14.55
CA LEU A 272 -6.80 -20.24 -14.85
C LEU A 272 -5.87 -21.45 -14.82
N ASP A 273 -6.44 -22.65 -14.76
CA ASP A 273 -5.61 -23.84 -14.87
C ASP A 273 -5.46 -24.05 -16.36
N TYR A 274 -4.42 -23.46 -16.93
CA TYR A 274 -4.26 -23.52 -18.38
C TYR A 274 -3.99 -24.94 -18.90
N ASP A 275 -3.40 -25.81 -18.08
CA ASP A 275 -3.23 -27.18 -18.55
C ASP A 275 -4.58 -27.88 -18.75
N ASP A 276 -5.52 -27.59 -17.85
CA ASP A 276 -6.86 -28.15 -17.96
C ASP A 276 -7.58 -27.61 -19.19
N TRP A 277 -7.49 -26.29 -19.41
CA TRP A 277 -8.10 -25.63 -20.56
C TRP A 277 -7.49 -26.11 -21.88
N GLY A 278 -6.24 -26.55 -21.85
CA GLY A 278 -5.57 -26.97 -23.08
C GLY A 278 -6.26 -28.13 -23.79
N ALA A 279 -7.05 -28.88 -23.05
CA ALA A 279 -7.81 -30.00 -23.60
C ALA A 279 -9.00 -29.56 -24.45
N GLU A 280 -9.33 -28.26 -24.41
CA GLU A 280 -10.56 -27.76 -25.02
C GLU A 280 -10.39 -26.90 -26.25
N VAL A 281 -9.16 -26.80 -26.76
CA VAL A 281 -8.90 -25.97 -27.94
C VAL A 281 -8.36 -26.87 -29.02
N ASP A 282 -8.56 -26.50 -30.28
CA ASP A 282 -8.04 -27.28 -31.42
C ASP A 282 -6.53 -27.09 -31.57
N PHE A 283 -6.08 -25.91 -31.14
CA PHE A 283 -4.67 -25.59 -31.06
C PHE A 283 -4.51 -24.60 -29.92
N VAL A 284 -3.45 -24.77 -29.15
CA VAL A 284 -3.23 -23.96 -27.97
C VAL A 284 -2.57 -22.64 -28.36
N SER A 285 -3.08 -21.53 -27.86
CA SER A 285 -2.57 -20.20 -28.18
CA SER A 285 -2.51 -20.23 -28.18
C SER A 285 -2.22 -19.42 -26.93
N ASN A 286 -1.17 -18.61 -27.00
CA ASN A 286 -0.73 -17.85 -25.83
C ASN A 286 -0.46 -16.36 -26.06
N ASP A 287 -0.72 -15.57 -25.00
CA ASP A 287 -0.27 -14.19 -24.90
C ASP A 287 0.85 -14.13 -23.87
N HIS A 288 2.01 -13.62 -24.25
CA HIS A 288 3.08 -13.50 -23.30
C HIS A 288 3.77 -12.17 -23.51
N TYR A 289 4.05 -11.47 -22.41
CA TYR A 289 4.74 -10.19 -22.51
C TYR A 289 6.00 -10.21 -21.68
N PHE A 290 7.10 -9.77 -22.28
CA PHE A 290 8.41 -9.90 -21.62
C PHE A 290 8.48 -9.20 -20.28
N THR A 291 9.29 -9.76 -19.41
CA THR A 291 9.59 -9.20 -18.11
C THR A 291 10.86 -8.37 -18.32
N PRO A 292 10.77 -7.06 -18.05
CA PRO A 292 11.92 -6.15 -18.19
C PRO A 292 13.02 -6.52 -17.21
N GLY A 293 14.26 -6.21 -17.59
CA GLY A 293 15.37 -6.46 -16.68
C GLY A 293 16.05 -7.79 -16.98
N GLU A 294 16.74 -8.33 -15.99
CA GLU A 294 17.65 -9.46 -16.19
C GLU A 294 16.93 -10.78 -16.57
N ALA A 295 15.65 -10.88 -16.20
CA ALA A 295 14.89 -12.11 -16.45
C ALA A 295 14.31 -12.21 -17.86
N HIS A 296 14.41 -11.12 -18.62
CA HIS A 296 13.78 -11.03 -19.95
C HIS A 296 13.92 -12.29 -20.80
N PHE A 297 15.12 -12.59 -21.29
CA PHE A 297 15.23 -13.73 -22.21
C PHE A 297 14.80 -15.06 -21.59
N ASP A 298 15.35 -15.39 -20.43
CA ASP A 298 15.10 -16.70 -19.83
C ASP A 298 13.61 -16.94 -19.61
N GLU A 299 12.89 -15.91 -19.18
CA GLU A 299 11.50 -16.15 -18.85
C GLU A 299 10.64 -16.22 -20.12
N VAL A 300 11.04 -15.53 -21.19
CA VAL A 300 10.41 -15.76 -22.49
C VAL A 300 10.53 -17.24 -22.89
N ALA A 301 11.75 -17.77 -22.78
CA ALA A 301 12.02 -19.17 -23.09
C ALA A 301 11.20 -20.10 -22.19
N TYR A 302 11.22 -19.84 -20.89
CA TYR A 302 10.46 -20.63 -19.91
C TYR A 302 8.99 -20.72 -20.26
N ALA A 303 8.36 -19.55 -20.46
CA ALA A 303 6.93 -19.52 -20.72
C ALA A 303 6.58 -20.29 -22.00
N ALA A 304 7.42 -20.14 -23.03
CA ALA A 304 7.16 -20.82 -24.29
C ALA A 304 7.38 -22.32 -24.10
N SER A 305 8.37 -22.69 -23.30
CA SER A 305 8.53 -24.10 -22.93
C SER A 305 7.28 -24.66 -22.23
N LEU A 306 6.75 -23.91 -21.26
CA LEU A 306 5.52 -24.31 -20.58
C LEU A 306 4.35 -24.45 -21.57
N MET A 307 4.21 -23.52 -22.52
CA MET A 307 3.22 -23.65 -23.60
C MET A 307 3.39 -24.97 -24.36
N ASP A 308 4.63 -25.31 -24.68
CA ASP A 308 4.90 -26.56 -25.39
C ASP A 308 4.56 -27.77 -24.51
N GLY A 309 4.62 -27.58 -23.19
CA GLY A 309 4.21 -28.60 -22.24
C GLY A 309 2.70 -28.73 -22.24
N ILE A 310 2.01 -27.58 -22.17
CA ILE A 310 0.55 -27.58 -22.22
C ILE A 310 0.01 -28.17 -23.52
N SER A 311 0.72 -27.95 -24.63
CA SER A 311 0.24 -28.44 -25.91
C SER A 311 0.67 -29.88 -26.14
N ARG A 312 1.28 -30.50 -25.13
CA ARG A 312 1.77 -31.88 -25.25
C ARG A 312 2.68 -32.03 -26.48
N LYS A 313 3.54 -31.02 -26.68
CA LYS A 313 4.48 -30.95 -27.80
C LYS A 313 3.88 -30.78 -29.19
N GLU A 314 2.56 -30.66 -29.29
CA GLU A 314 1.94 -30.29 -30.56
C GLU A 314 2.30 -28.84 -30.86
N PRO A 315 2.44 -28.50 -32.15
CA PRO A 315 2.74 -27.13 -32.52
C PRO A 315 1.70 -26.20 -31.90
N TRP A 316 2.15 -25.06 -31.39
CA TRP A 316 1.22 -24.13 -30.75
C TRP A 316 1.39 -22.71 -31.32
N PHE A 317 0.57 -21.79 -30.84
CA PHE A 317 0.33 -20.52 -31.52
C PHE A 317 0.68 -19.36 -30.58
N GLN A 318 1.67 -18.54 -30.94
CA GLN A 318 1.95 -17.36 -30.14
C GLN A 318 1.00 -16.26 -30.61
N MET A 319 -0.09 -16.08 -29.86
CA MET A 319 -1.16 -15.18 -30.29
C MET A 319 -0.78 -13.72 -30.06
N GLU A 320 -0.09 -13.48 -28.96
CA GLU A 320 0.35 -12.10 -28.68
C GLU A 320 1.67 -12.08 -27.98
N HIS A 321 2.41 -11.01 -28.27
CA HIS A 321 3.52 -10.53 -27.45
C HIS A 321 3.77 -9.08 -27.86
N SER A 322 4.77 -8.43 -27.28
CA SER A 322 5.02 -7.03 -27.63
C SER A 322 6.36 -6.86 -28.32
N THR A 323 6.40 -6.00 -29.32
CA THR A 323 7.65 -5.68 -30.01
C THR A 323 8.56 -4.93 -29.03
N SER A 324 7.96 -4.14 -28.15
CA SER A 324 8.75 -3.42 -27.15
C SER A 324 7.92 -3.14 -25.90
N ALA A 325 7.88 -1.89 -25.44
CA ALA A 325 7.20 -1.59 -24.17
C ALA A 325 5.70 -1.90 -24.20
N VAL A 326 5.15 -2.27 -23.04
CA VAL A 326 3.71 -2.39 -22.90
C VAL A 326 3.18 -1.08 -22.32
N ASN A 327 1.89 -1.01 -22.01
CA ASN A 327 1.29 0.19 -21.43
C ASN A 327 1.02 0.04 -19.93
N TRP A 328 0.97 -1.18 -19.45
CA TRP A 328 0.36 -1.46 -18.14
C TRP A 328 1.27 -1.58 -16.92
N ARG A 329 2.58 -1.48 -17.10
CA ARG A 329 3.47 -1.59 -15.95
C ARG A 329 3.64 -0.22 -15.30
N PRO A 330 4.05 -0.20 -14.01
CA PRO A 330 4.34 1.07 -13.34
C PRO A 330 5.44 1.83 -14.09
N ILE A 331 6.41 1.11 -14.65
CA ILE A 331 7.39 1.71 -15.53
C ILE A 331 7.52 0.82 -16.74
N ASN A 332 7.18 1.35 -17.90
CA ASN A 332 7.21 0.50 -19.10
C ASN A 332 8.53 0.53 -19.84
N TYR A 333 9.52 -0.16 -19.30
CA TYR A 333 10.82 -0.32 -19.93
C TYR A 333 10.70 -0.78 -21.38
N ARG A 334 11.56 -0.27 -22.24
CA ARG A 334 11.54 -0.74 -23.61
C ARG A 334 12.35 -2.02 -23.67
N ALA A 335 12.13 -2.80 -24.73
CA ALA A 335 12.91 -4.02 -24.93
C ALA A 335 14.27 -3.66 -25.51
N GLU A 336 15.30 -4.46 -25.17
CA GLU A 336 16.59 -4.30 -25.80
C GLU A 336 16.46 -4.47 -27.31
N PRO A 337 17.20 -3.67 -28.07
CA PRO A 337 17.26 -3.81 -29.53
C PRO A 337 17.61 -5.25 -29.89
N GLY A 338 16.86 -5.83 -30.82
CA GLY A 338 17.07 -7.23 -31.18
C GLY A 338 15.96 -8.14 -30.66
N SER A 339 15.16 -7.64 -29.72
CA SER A 339 14.14 -8.45 -29.07
C SER A 339 13.04 -8.90 -30.02
N VAL A 340 12.71 -8.07 -31.01
CA VAL A 340 11.67 -8.47 -31.97
C VAL A 340 12.00 -9.86 -32.58
N VAL A 341 13.16 -9.98 -33.20
CA VAL A 341 13.51 -11.25 -33.81
C VAL A 341 13.79 -12.30 -32.74
N ARG A 342 14.57 -11.91 -31.74
CA ARG A 342 15.08 -12.86 -30.76
C ARG A 342 13.98 -13.53 -29.94
N ASP A 343 13.09 -12.74 -29.34
CA ASP A 343 12.06 -13.32 -28.49
C ASP A 343 11.13 -14.17 -29.37
N SER A 344 10.83 -13.69 -30.58
CA SER A 344 9.94 -14.46 -31.46
C SER A 344 10.55 -15.82 -31.84
N LEU A 345 11.83 -15.83 -32.12
CA LEU A 345 12.49 -17.08 -32.50
C LEU A 345 12.68 -18.02 -31.30
N ALA A 346 12.72 -17.46 -30.09
CA ALA A 346 12.72 -18.31 -28.90
C ALA A 346 11.38 -19.03 -28.79
N GLN A 347 10.29 -18.34 -29.13
CA GLN A 347 8.96 -18.95 -29.12
C GLN A 347 8.84 -20.03 -30.20
N VAL A 348 9.30 -19.71 -31.42
CA VAL A 348 9.43 -20.72 -32.48
C VAL A 348 10.27 -21.93 -32.04
N ALA A 349 11.43 -21.67 -31.45
CA ALA A 349 12.30 -22.76 -30.97
C ALA A 349 11.56 -23.68 -30.02
N MET A 350 10.72 -23.09 -29.17
CA MET A 350 9.97 -23.86 -28.17
C MET A 350 8.68 -24.42 -28.75
N GLY A 351 8.55 -24.42 -30.07
CA GLY A 351 7.46 -25.16 -30.72
C GLY A 351 6.36 -24.40 -31.42
N ALA A 352 6.42 -23.06 -31.38
CA ALA A 352 5.39 -22.23 -32.02
C ALA A 352 5.50 -22.32 -33.54
N ASP A 353 4.38 -22.59 -34.21
CA ASP A 353 4.31 -22.50 -35.67
C ASP A 353 3.57 -21.25 -36.14
N ALA A 354 3.29 -20.36 -35.19
CA ALA A 354 2.70 -19.05 -35.46
C ALA A 354 3.25 -18.00 -34.49
N ILE A 355 3.58 -16.83 -35.03
CA ILE A 355 4.15 -15.73 -34.25
C ILE A 355 3.34 -14.47 -34.52
N CYS A 356 2.63 -14.00 -33.51
CA CYS A 356 1.77 -12.83 -33.66
C CYS A 356 1.97 -11.84 -32.51
N TYR A 357 1.70 -10.56 -32.78
CA TYR A 357 1.88 -9.49 -31.80
C TYR A 357 0.56 -8.82 -31.46
N PHE A 358 0.41 -8.39 -30.21
CA PHE A 358 -0.48 -7.27 -29.98
C PHE A 358 0.31 -5.96 -30.14
N GLN A 359 0.02 -5.12 -31.14
CA GLN A 359 -0.95 -5.36 -32.21
C GLN A 359 -0.27 -4.87 -33.48
N TRP A 360 -1.01 -4.88 -34.59
CA TRP A 360 -0.42 -4.45 -35.88
C TRP A 360 -0.01 -2.99 -35.90
N ARG A 361 -0.96 -2.08 -35.66
CA ARG A 361 -0.66 -0.65 -35.72
C ARG A 361 -0.89 0.00 -34.36
N GLN A 362 0.10 0.75 -33.87
CA GLN A 362 -0.04 1.37 -32.56
C GLN A 362 -1.23 2.34 -32.54
N SER A 363 -2.10 2.17 -31.55
CA SER A 363 -3.29 3.02 -31.43
C SER A 363 -2.88 4.47 -31.17
N LYS A 364 -3.64 5.42 -31.71
CA LYS A 364 -3.39 6.84 -31.47
C LYS A 364 -4.32 7.35 -30.37
N ALA A 365 -5.30 6.54 -29.99
CA ALA A 365 -6.22 6.89 -28.91
C ALA A 365 -6.62 5.67 -28.09
N GLY A 366 -7.06 5.89 -26.85
CA GLY A 366 -7.52 4.79 -26.03
C GLY A 366 -6.46 4.33 -25.04
N ALA A 367 -6.86 3.42 -24.15
CA ALA A 367 -6.04 3.00 -23.01
C ALA A 367 -4.72 2.29 -23.36
N GLU A 368 -4.60 1.78 -24.58
CA GLU A 368 -3.40 1.04 -24.96
C GLU A 368 -2.60 1.76 -26.02
N LYS A 369 -2.84 3.06 -26.18
CA LYS A 369 -2.10 3.82 -27.18
C LYS A 369 -0.59 3.82 -26.89
N TRP A 370 -0.21 3.63 -25.64
CA TRP A 370 1.22 3.60 -25.33
C TRP A 370 1.82 2.20 -25.41
N HIS A 371 1.00 1.19 -25.74
CA HIS A 371 1.51 -0.18 -25.91
C HIS A 371 2.19 -0.26 -27.28
N SER A 372 3.43 -0.77 -27.32
CA SER A 372 4.15 -0.87 -28.59
C SER A 372 3.42 -1.78 -29.56
N SER A 373 3.80 -1.71 -30.84
CA SER A 373 3.10 -2.42 -31.88
C SER A 373 4.06 -2.69 -33.03
N MET A 374 3.55 -3.33 -34.08
CA MET A 374 4.40 -3.69 -35.21
C MET A 374 4.70 -2.47 -36.07
N VAL A 375 3.70 -1.60 -36.21
CA VAL A 375 3.87 -0.29 -36.83
C VAL A 375 3.72 0.77 -35.74
N PRO A 376 4.86 1.30 -35.28
CA PRO A 376 4.84 2.24 -34.16
C PRO A 376 4.15 3.53 -34.55
N HIS A 377 3.82 4.36 -33.56
CA HIS A 377 3.40 5.74 -33.83
C HIS A 377 4.33 6.41 -34.86
N ALA A 378 5.63 6.08 -34.78
CA ALA A 378 6.64 6.69 -35.64
C ALA A 378 6.47 6.30 -37.10
N GLY A 379 5.77 5.19 -37.36
CA GLY A 379 5.51 4.80 -38.73
C GLY A 379 6.49 3.77 -39.26
N GLU A 380 6.48 3.55 -40.57
CA GLU A 380 7.35 2.53 -41.19
C GLU A 380 8.84 2.88 -41.09
N ASP A 381 9.16 4.17 -41.00
CA ASP A 381 10.55 4.57 -40.79
C ASP A 381 10.89 4.46 -39.31
N SER A 382 11.12 3.23 -38.84
CA SER A 382 11.45 3.00 -37.44
C SER A 382 12.24 1.72 -37.33
N GLN A 383 13.08 1.62 -36.31
CA GLN A 383 13.85 0.39 -36.12
C GLN A 383 12.91 -0.77 -35.85
N ILE A 384 11.85 -0.53 -35.08
CA ILE A 384 10.88 -1.59 -34.81
C ILE A 384 10.22 -2.13 -36.08
N PHE A 385 9.76 -1.25 -36.97
CA PHE A 385 9.16 -1.79 -38.18
C PHE A 385 10.19 -2.53 -39.04
N ARG A 386 11.42 -2.03 -39.08
CA ARG A 386 12.49 -2.74 -39.80
C ARG A 386 12.73 -4.13 -39.23
N ASP A 387 12.73 -4.25 -37.89
CA ASP A 387 12.90 -5.56 -37.25
C ASP A 387 11.70 -6.43 -37.57
N VAL A 388 10.52 -5.82 -37.57
CA VAL A 388 9.30 -6.54 -37.89
C VAL A 388 9.39 -7.13 -39.30
N CYS A 389 9.92 -6.36 -40.24
CA CYS A 389 10.13 -6.86 -41.59
C CYS A 389 11.18 -7.96 -41.65
N GLU A 390 12.29 -7.78 -40.93
CA GLU A 390 13.32 -8.80 -40.83
C GLU A 390 12.78 -10.14 -40.30
N LEU A 391 11.97 -10.07 -39.25
CA LEU A 391 11.39 -11.27 -38.65
C LEU A 391 10.46 -11.96 -39.64
N GLY A 392 9.66 -11.19 -40.37
CA GLY A 392 8.78 -11.80 -41.35
C GLY A 392 9.57 -12.56 -42.43
N ALA A 393 10.70 -11.98 -42.82
CA ALA A 393 11.55 -12.57 -43.84
C ALA A 393 12.17 -13.84 -43.26
N ASP A 394 12.58 -13.78 -42.00
CA ASP A 394 13.16 -14.95 -41.34
C ASP A 394 12.17 -16.11 -41.22
N LEU A 395 10.92 -15.80 -40.90
CA LEU A 395 9.91 -16.86 -40.80
C LEU A 395 9.60 -17.46 -42.17
N GLY A 396 9.72 -16.65 -43.21
CA GLY A 396 9.61 -17.15 -44.57
C GLY A 396 10.71 -18.16 -44.87
N ARG A 397 11.94 -17.80 -44.51
CA ARG A 397 13.08 -18.69 -44.72
C ARG A 397 12.95 -19.99 -43.92
N LEU A 398 12.49 -19.91 -42.67
CA LEU A 398 12.33 -21.12 -41.88
C LEU A 398 11.22 -21.99 -42.47
N SER A 399 10.20 -21.34 -43.04
CA SER A 399 9.11 -22.07 -43.69
C SER A 399 9.64 -22.80 -44.93
N ASP A 400 10.49 -22.12 -45.69
CA ASP A 400 11.12 -22.73 -46.87
C ASP A 400 11.89 -23.98 -46.50
N GLU A 401 12.44 -24.01 -45.28
CA GLU A 401 13.27 -25.12 -44.81
C GLU A 401 12.46 -26.22 -44.15
N GLY A 402 11.15 -26.07 -44.14
CA GLY A 402 10.22 -27.10 -43.66
C GLY A 402 10.13 -27.23 -42.14
N LEU A 403 10.17 -26.11 -41.43
CA LEU A 403 10.13 -26.17 -39.97
C LEU A 403 8.76 -26.60 -39.44
N MET A 404 7.70 -26.19 -40.13
CA MET A 404 6.32 -26.42 -39.65
C MET A 404 6.14 -27.89 -39.32
N GLY A 405 5.47 -28.15 -38.21
CA GLY A 405 5.15 -29.51 -37.86
C GLY A 405 6.23 -30.26 -37.09
N THR A 406 7.48 -29.80 -37.12
CA THR A 406 8.49 -30.39 -36.23
C THR A 406 8.11 -30.08 -34.77
N LYS A 407 8.67 -30.82 -33.83
CA LYS A 407 8.36 -30.64 -32.42
C LYS A 407 9.62 -30.40 -31.61
N THR A 408 9.51 -29.60 -30.56
CA THR A 408 10.64 -29.34 -29.67
C THR A 408 11.05 -30.66 -29.02
N VAL A 409 12.33 -31.01 -29.16
CA VAL A 409 12.82 -32.29 -28.68
C VAL A 409 12.59 -32.42 -27.17
N LYS A 410 12.43 -33.65 -26.73
CA LYS A 410 12.22 -33.93 -25.32
C LYS A 410 13.53 -33.72 -24.59
N SER A 411 13.47 -32.95 -23.50
CA SER A 411 14.66 -32.66 -22.72
C SER A 411 15.01 -33.87 -21.85
N LYS A 412 16.20 -33.86 -21.27
CA LYS A 412 16.55 -34.88 -20.30
C LYS A 412 15.92 -34.57 -18.95
N VAL A 413 15.54 -33.29 -18.77
CA VAL A 413 15.00 -32.84 -17.48
C VAL A 413 13.61 -32.25 -17.64
N ALA A 414 12.68 -32.67 -16.79
CA ALA A 414 11.38 -32.03 -16.70
C ALA A 414 11.30 -31.19 -15.43
N VAL A 415 11.03 -29.89 -15.61
CA VAL A 415 10.73 -29.01 -14.49
C VAL A 415 9.22 -28.93 -14.35
N VAL A 416 8.68 -29.40 -13.22
CA VAL A 416 7.24 -29.55 -13.06
C VAL A 416 6.57 -28.25 -12.63
N PHE A 417 5.47 -27.90 -13.29
CA PHE A 417 4.64 -26.74 -12.90
C PHE A 417 3.20 -27.18 -12.60
N ASP A 418 2.63 -26.65 -11.51
CA ASP A 418 1.28 -27.03 -11.09
C ASP A 418 0.47 -25.78 -10.75
N TYR A 419 -0.44 -25.39 -11.64
CA TYR A 419 -1.32 -24.24 -11.37
C TYR A 419 -2.01 -24.29 -9.99
N GLU A 420 -2.48 -25.47 -9.60
CA GLU A 420 -3.17 -25.60 -8.33
C GLU A 420 -2.25 -25.40 -7.14
N SER A 421 -1.01 -25.89 -7.24
CA SER A 421 -0.02 -25.62 -6.19
C SER A 421 0.23 -24.13 -6.06
N GLN A 422 0.37 -23.42 -7.19
CA GLN A 422 0.48 -21.97 -7.14
C GLN A 422 -0.69 -21.33 -6.40
N TRP A 423 -1.92 -21.76 -6.72
CA TRP A 423 -3.10 -21.26 -6.05
C TRP A 423 -3.04 -21.49 -4.55
N ALA A 424 -2.58 -22.67 -4.14
CA ALA A 424 -2.48 -22.98 -2.72
C ALA A 424 -1.44 -22.08 -2.03
N THR A 425 -0.35 -21.75 -2.71
CA THR A 425 0.70 -20.94 -2.08
C THR A 425 0.26 -19.49 -1.94
N GLU A 426 -0.87 -19.15 -2.57
CA GLU A 426 -1.37 -17.79 -2.52
C GLU A 426 -2.18 -17.51 -1.26
N TYR A 427 -2.46 -18.55 -0.48
CA TYR A 427 -3.23 -18.35 0.75
C TYR A 427 -2.44 -17.43 1.69
N THR A 428 -3.11 -16.63 2.51
CA THR A 428 -2.40 -15.58 3.25
C THR A 428 -1.93 -15.95 4.66
N ALA A 429 -2.19 -17.18 5.07
CA ALA A 429 -1.71 -17.65 6.36
C ALA A 429 -0.89 -18.92 6.19
N ASN A 430 0.00 -18.93 5.20
CA ASN A 430 0.98 -19.99 5.01
C ASN A 430 2.21 -19.70 5.86
N PRO A 431 3.20 -20.61 5.88
CA PRO A 431 4.39 -20.31 6.69
C PRO A 431 5.06 -18.98 6.34
N THR A 432 5.12 -18.63 5.06
CA THR A 432 5.51 -17.27 4.72
C THR A 432 4.82 -16.80 3.47
N GLN A 433 4.36 -15.55 3.47
CA GLN A 433 3.59 -15.08 2.32
C GLN A 433 4.54 -14.62 1.22
N GLN A 434 5.85 -14.71 1.47
CA GLN A 434 6.86 -14.39 0.45
C GLN A 434 7.07 -15.52 -0.56
N VAL A 435 6.56 -16.71 -0.26
CA VAL A 435 6.81 -17.87 -1.11
C VAL A 435 5.60 -18.24 -1.99
N ASP A 436 5.81 -18.15 -3.30
CA ASP A 436 4.85 -18.66 -4.28
C ASP A 436 5.49 -19.87 -4.95
N HIS A 437 4.67 -20.84 -5.37
CA HIS A 437 5.18 -21.96 -6.16
C HIS A 437 5.93 -21.46 -7.39
N TRP A 438 5.37 -20.45 -8.07
CA TRP A 438 5.81 -20.15 -9.44
C TRP A 438 7.27 -19.74 -9.63
N THR A 439 7.87 -19.11 -8.63
CA THR A 439 9.23 -18.62 -8.80
C THR A 439 10.25 -19.76 -8.88
N GLU A 440 9.97 -20.85 -8.18
CA GLU A 440 10.95 -21.93 -8.08
C GLU A 440 11.22 -22.67 -9.40
N PRO A 441 10.16 -23.10 -10.14
CA PRO A 441 10.45 -23.72 -11.44
C PRO A 441 11.22 -22.81 -12.39
N LEU A 442 10.95 -21.50 -12.33
CA LEU A 442 11.70 -20.56 -13.16
C LEU A 442 13.15 -20.53 -12.73
N ASP A 443 13.39 -20.44 -11.42
CA ASP A 443 14.76 -20.47 -10.90
C ASP A 443 15.51 -21.72 -11.38
N TRP A 444 14.85 -22.88 -11.36
CA TRP A 444 15.51 -24.13 -11.76
C TRP A 444 15.79 -24.20 -13.25
N PHE A 445 14.83 -23.74 -14.04
CA PHE A 445 15.02 -23.62 -15.48
C PHE A 445 16.27 -22.79 -15.81
N ARG A 446 16.40 -21.64 -15.16
CA ARG A 446 17.53 -20.75 -15.42
C ARG A 446 18.86 -21.33 -14.93
N ALA A 447 18.82 -21.97 -13.76
CA ALA A 447 20.02 -22.59 -13.17
C ALA A 447 20.47 -23.78 -13.99
N LEU A 448 19.53 -24.57 -14.49
CA LEU A 448 19.89 -25.63 -15.43
C LEU A 448 20.50 -25.04 -16.70
N ALA A 449 19.94 -23.94 -17.19
CA ALA A 449 20.45 -23.31 -18.40
C ALA A 449 21.87 -22.81 -18.15
N ASP A 450 22.13 -22.32 -16.93
CA ASP A 450 23.48 -21.86 -16.58
C ASP A 450 24.48 -23.00 -16.62
N ASN A 451 23.97 -24.23 -16.57
CA ASN A 451 24.82 -25.42 -16.62
C ASN A 451 24.74 -26.11 -17.98
N GLY A 452 24.24 -25.38 -18.98
CA GLY A 452 24.18 -25.88 -20.34
C GLY A 452 23.09 -26.92 -20.60
N ILE A 453 22.04 -26.89 -19.79
CA ILE A 453 20.91 -27.83 -19.94
C ILE A 453 19.61 -27.08 -20.22
N THR A 454 18.95 -27.42 -21.33
CA THR A 454 17.64 -26.84 -21.63
C THR A 454 16.56 -27.78 -21.15
N ALA A 455 15.83 -27.39 -20.10
CA ALA A 455 14.76 -28.21 -19.57
C ALA A 455 13.46 -28.08 -20.35
N ASP A 456 12.58 -29.08 -20.21
CA ASP A 456 11.18 -28.92 -20.59
C ASP A 456 10.41 -28.49 -19.33
N VAL A 457 9.57 -27.47 -19.44
CA VAL A 457 8.64 -27.18 -18.33
C VAL A 457 7.36 -28.00 -18.56
N VAL A 458 7.05 -28.87 -17.61
CA VAL A 458 5.98 -29.87 -17.80
C VAL A 458 4.90 -29.80 -16.73
N PRO A 459 3.64 -29.59 -17.14
CA PRO A 459 2.51 -29.52 -16.19
C PRO A 459 2.43 -30.80 -15.38
N VAL A 460 2.04 -30.68 -14.12
CA VAL A 460 2.08 -31.81 -13.19
C VAL A 460 1.24 -33.01 -13.66
N ARG A 461 0.15 -32.74 -14.38
CA ARG A 461 -0.69 -33.85 -14.85
C ARG A 461 -0.13 -34.49 -16.11
N SER A 462 0.92 -33.90 -16.66
CA SER A 462 1.54 -34.44 -17.88
C SER A 462 2.68 -35.40 -17.54
N ASP A 463 3.52 -35.74 -18.52
CA ASP A 463 4.37 -36.92 -18.39
C ASP A 463 5.80 -36.68 -17.89
N TRP A 464 5.93 -35.87 -16.84
CA TRP A 464 7.24 -35.61 -16.27
C TRP A 464 7.89 -36.90 -15.74
N ASP A 465 7.06 -37.87 -15.36
CA ASP A 465 7.59 -39.13 -14.84
C ASP A 465 8.03 -40.10 -15.93
N SER A 466 8.11 -39.62 -17.18
CA SER A 466 8.69 -40.37 -18.29
C SER A 466 10.09 -39.85 -18.65
N TYR A 467 10.54 -38.85 -17.89
CA TYR A 467 11.82 -38.17 -18.13
C TYR A 467 12.98 -38.82 -17.39
N GLU A 468 14.20 -38.65 -17.91
CA GLU A 468 15.42 -39.10 -17.22
C GLU A 468 15.53 -38.47 -15.84
N ILE A 469 15.26 -37.16 -15.79
CA ILE A 469 15.40 -36.35 -14.59
C ILE A 469 14.17 -35.46 -14.46
N ALA A 470 13.66 -35.29 -13.25
CA ALA A 470 12.60 -34.29 -13.04
C ALA A 470 12.85 -33.45 -11.79
N VAL A 471 12.14 -32.31 -11.68
CA VAL A 471 12.28 -31.39 -10.57
C VAL A 471 10.89 -31.09 -10.07
N LEU A 472 10.65 -31.27 -8.76
CA LEU A 472 9.44 -30.78 -8.08
C LEU A 472 9.83 -29.49 -7.35
N PRO A 473 9.53 -28.34 -7.95
CA PRO A 473 10.03 -27.09 -7.36
C PRO A 473 8.89 -26.38 -6.64
N CYS A 474 8.86 -26.53 -5.32
CA CYS A 474 7.79 -25.99 -4.47
C CYS A 474 6.40 -26.44 -4.90
N VAL A 475 6.27 -27.73 -5.20
CA VAL A 475 4.99 -28.29 -5.60
C VAL A 475 4.23 -28.59 -4.32
N TYR A 476 3.60 -27.54 -3.80
CA TYR A 476 3.03 -27.52 -2.46
C TYR A 476 2.00 -28.63 -2.25
N LEU A 477 1.17 -28.83 -3.25
CA LEU A 477 0.18 -29.91 -3.24
C LEU A 477 0.75 -31.19 -3.84
N LEU A 478 0.62 -32.31 -3.12
CA LEU A 478 0.76 -33.63 -3.73
C LEU A 478 -0.41 -34.51 -3.32
N SER A 479 -1.25 -34.87 -4.28
CA SER A 479 -2.32 -35.83 -4.00
C SER A 479 -1.70 -37.21 -3.78
N GLU A 480 -2.51 -38.16 -3.34
CA GLU A 480 -2.04 -39.53 -3.19
C GLU A 480 -1.58 -40.05 -4.52
N GLU A 481 -2.34 -39.76 -5.57
CA GLU A 481 -2.00 -40.22 -6.92
C GLU A 481 -0.64 -39.69 -7.36
N THR A 482 -0.44 -38.38 -7.25
CA THR A 482 0.83 -37.80 -7.66
C THR A 482 1.96 -38.33 -6.79
N SER A 483 1.67 -38.56 -5.52
CA SER A 483 2.70 -39.09 -4.64
C SER A 483 3.15 -40.47 -5.10
N ARG A 484 2.20 -41.29 -5.52
CA ARG A 484 2.52 -42.62 -6.01
C ARG A 484 3.40 -42.52 -7.25
N ARG A 485 3.09 -41.55 -8.11
CA ARG A 485 3.86 -41.38 -9.34
C ARG A 485 5.30 -40.99 -9.05
N VAL A 486 5.48 -40.19 -8.00
CA VAL A 486 6.80 -39.75 -7.57
C VAL A 486 7.59 -40.97 -7.11
N ARG A 487 6.96 -41.75 -6.25
CA ARG A 487 7.53 -42.95 -5.66
C ARG A 487 7.95 -43.95 -6.75
N GLU A 488 7.04 -44.28 -7.67
CA GLU A 488 7.36 -45.17 -8.80
C GLU A 488 8.46 -44.61 -9.70
N PHE A 489 8.39 -43.30 -9.96
CA PHE A 489 9.38 -42.65 -10.81
C PHE A 489 10.77 -42.87 -10.26
N VAL A 490 10.96 -42.64 -8.96
CA VAL A 490 12.29 -42.82 -8.40
C VAL A 490 12.68 -44.30 -8.29
N ALA A 491 11.77 -45.13 -7.80
CA ALA A 491 12.09 -46.54 -7.57
C ALA A 491 12.55 -47.23 -8.86
N ASN A 492 11.91 -46.87 -9.96
CA ASN A 492 12.21 -47.41 -11.29
C ASN A 492 13.46 -46.84 -11.96
N GLY A 493 14.16 -45.92 -11.30
CA GLY A 493 15.39 -45.40 -11.86
C GLY A 493 15.40 -43.92 -12.22
N GLY A 494 14.31 -43.22 -11.95
CA GLY A 494 14.25 -41.78 -12.20
C GLY A 494 15.15 -41.01 -11.25
N LYS A 495 15.64 -39.87 -11.72
CA LYS A 495 16.46 -39.00 -10.86
C LYS A 495 15.62 -37.77 -10.54
N LEU A 496 15.41 -37.50 -9.26
CA LEU A 496 14.40 -36.52 -8.88
C LEU A 496 14.96 -35.44 -7.98
N PHE A 497 14.77 -34.19 -8.39
CA PHE A 497 15.04 -33.06 -7.48
C PHE A 497 13.74 -32.67 -6.77
N VAL A 498 13.82 -32.42 -5.46
CA VAL A 498 12.66 -31.96 -4.69
C VAL A 498 13.10 -30.79 -3.83
N THR A 499 12.25 -29.76 -3.69
CA THR A 499 12.61 -28.62 -2.86
C THR A 499 11.68 -28.45 -1.67
N TYR A 500 12.10 -27.57 -0.77
CA TYR A 500 11.25 -26.99 0.26
C TYR A 500 9.87 -26.58 -0.34
N TYR A 501 8.85 -26.55 0.52
CA TYR A 501 7.47 -26.20 0.14
C TYR A 501 6.88 -27.17 -0.87
N THR A 502 7.40 -28.41 -0.90
CA THR A 502 6.82 -29.44 -1.76
C THR A 502 6.09 -30.49 -0.95
N GLY A 503 4.91 -30.89 -1.42
CA GLY A 503 4.16 -31.98 -0.85
C GLY A 503 3.72 -31.74 0.58
N LEU A 504 3.46 -30.49 0.93
CA LEU A 504 3.01 -30.20 2.29
C LEU A 504 1.59 -30.74 2.55
N SER A 505 0.73 -30.68 1.53
CA SER A 505 -0.68 -31.04 1.68
C SER A 505 -1.16 -31.91 0.54
N ASP A 506 -2.32 -32.53 0.72
CA ASP A 506 -3.01 -33.20 -0.38
C ASP A 506 -3.83 -32.20 -1.21
N GLU A 507 -4.69 -32.68 -2.10
CA GLU A 507 -5.36 -31.81 -3.08
C GLU A 507 -6.42 -30.90 -2.47
N ASN A 508 -6.82 -31.17 -1.24
CA ASN A 508 -7.74 -30.27 -0.56
C ASN A 508 -7.06 -29.45 0.52
N ASP A 509 -5.73 -29.36 0.44
CA ASP A 509 -4.92 -28.61 1.40
C ASP A 509 -5.07 -29.20 2.82
N HIS A 510 -5.19 -30.53 2.91
CA HIS A 510 -5.02 -31.21 4.20
C HIS A 510 -3.56 -31.61 4.35
N ILE A 511 -2.96 -31.30 5.51
CA ILE A 511 -1.54 -31.55 5.74
C ILE A 511 -1.25 -33.05 5.77
N TRP A 512 -0.19 -33.47 5.09
CA TRP A 512 0.28 -34.85 5.28
C TRP A 512 1.05 -34.84 6.58
N LEU A 513 0.63 -35.70 7.52
CA LEU A 513 1.16 -35.67 8.88
C LEU A 513 2.41 -36.52 9.07
N GLY A 514 3.10 -36.31 10.20
CA GLY A 514 4.20 -37.18 10.59
C GLY A 514 5.60 -36.70 10.22
N GLY A 515 5.69 -35.51 9.64
CA GLY A 515 6.96 -34.95 9.19
C GLY A 515 6.88 -34.59 7.72
N TYR A 516 7.32 -33.38 7.35
CA TYR A 516 7.29 -32.95 5.95
C TYR A 516 8.49 -33.54 5.20
N PRO A 517 8.35 -33.82 3.89
CA PRO A 517 7.09 -33.85 3.11
C PRO A 517 6.35 -35.16 3.39
N GLY A 518 5.16 -35.04 3.97
CA GLY A 518 4.49 -36.15 4.61
C GLY A 518 4.09 -37.32 3.73
N SER A 519 4.04 -37.13 2.41
CA SER A 519 3.64 -38.23 1.55
C SER A 519 4.81 -38.83 0.76
N ILE A 520 5.98 -38.19 0.78
CA ILE A 520 7.13 -38.74 0.07
C ILE A 520 8.47 -38.68 0.82
N ARG A 521 8.43 -38.54 2.15
CA ARG A 521 9.67 -38.32 2.89
C ARG A 521 10.56 -39.55 2.79
N ASP A 522 9.97 -40.72 2.58
CA ASP A 522 10.78 -41.92 2.46
C ASP A 522 11.49 -41.98 1.10
N VAL A 523 10.90 -41.32 0.09
CA VAL A 523 11.57 -41.24 -1.22
C VAL A 523 12.82 -40.35 -1.14
N VAL A 524 12.67 -39.17 -0.56
CA VAL A 524 13.80 -38.23 -0.51
C VAL A 524 14.71 -38.46 0.66
N GLY A 525 14.26 -39.27 1.61
CA GLY A 525 15.08 -39.66 2.75
C GLY A 525 15.41 -38.52 3.70
N VAL A 526 14.49 -37.57 3.85
CA VAL A 526 14.66 -36.50 4.82
C VAL A 526 13.37 -36.39 5.63
N ARG A 527 13.47 -35.84 6.82
CA ARG A 527 12.29 -35.52 7.60
C ARG A 527 12.42 -34.11 8.15
N VAL A 528 11.40 -33.29 7.88
CA VAL A 528 11.33 -31.91 8.35
C VAL A 528 10.28 -31.78 9.48
N GLU A 529 10.71 -31.26 10.64
CA GLU A 529 9.81 -31.08 11.78
C GLU A 529 9.14 -29.71 11.84
N GLU A 530 9.84 -28.68 11.38
CA GLU A 530 9.29 -27.34 11.31
C GLU A 530 10.06 -26.49 10.28
N PHE A 531 9.58 -25.28 10.03
CA PHE A 531 10.20 -24.41 9.04
C PHE A 531 10.91 -23.25 9.72
N ALA A 532 11.93 -22.74 9.07
CA ALA A 532 12.61 -21.53 9.54
C ALA A 532 12.53 -20.48 8.43
N PRO A 533 11.39 -19.79 8.30
CA PRO A 533 11.33 -18.73 7.29
C PRO A 533 12.29 -17.60 7.62
N MET A 534 12.64 -16.80 6.62
CA MET A 534 13.63 -15.75 6.81
C MET A 534 13.15 -14.50 6.08
N GLY A 535 13.66 -13.34 6.47
CA GLY A 535 13.25 -12.11 5.83
C GLY A 535 13.88 -10.88 6.45
N ASN A 536 13.39 -9.71 6.04
CA ASN A 536 13.98 -8.45 6.48
C ASN A 536 12.98 -7.53 7.16
N ASP A 537 11.81 -8.07 7.52
CA ASP A 537 10.73 -7.24 8.06
C ASP A 537 10.66 -7.18 9.58
N MET A 538 11.48 -7.97 10.26
CA MET A 538 11.52 -8.03 11.73
CA MET A 538 11.52 -7.97 11.72
C MET A 538 12.95 -7.84 12.21
N PRO A 539 13.24 -6.72 12.90
CA PRO A 539 14.64 -6.48 13.30
C PRO A 539 15.23 -7.64 14.10
N GLY A 540 16.40 -8.12 13.69
CA GLY A 540 17.07 -9.19 14.42
C GLY A 540 16.65 -10.61 14.06
N ALA A 541 15.67 -10.75 13.18
CA ALA A 541 15.28 -12.09 12.75
C ALA A 541 16.21 -12.49 11.60
N LEU A 542 16.34 -13.79 11.31
CA LEU A 542 17.28 -14.21 10.26
C LEU A 542 16.84 -13.77 8.85
N ASP A 543 17.75 -13.16 8.11
CA ASP A 543 17.47 -12.76 6.73
C ASP A 543 18.18 -13.65 5.72
N HIS A 544 19.00 -14.58 6.21
CA HIS A 544 19.77 -15.47 5.34
C HIS A 544 20.44 -16.57 6.14
N LEU A 545 20.86 -17.63 5.45
CA LEU A 545 21.67 -18.68 6.06
C LEU A 545 22.73 -19.08 5.04
N ASP A 546 24.00 -18.91 5.40
CA ASP A 546 25.08 -19.40 4.54
C ASP A 546 25.06 -20.93 4.51
N LEU A 547 25.37 -21.51 3.35
CA LEU A 547 25.58 -22.96 3.29
C LEU A 547 27.07 -23.24 3.22
N ASP A 548 27.49 -24.45 3.59
CA ASP A 548 28.91 -24.78 3.60
C ASP A 548 29.45 -25.17 2.24
N ASN A 549 28.68 -24.92 1.19
CA ASN A 549 29.18 -25.08 -0.18
C ASN A 549 29.34 -23.73 -0.87
N GLY A 550 29.29 -22.67 -0.08
CA GLY A 550 29.55 -21.33 -0.59
C GLY A 550 28.36 -20.75 -1.33
N THR A 551 27.15 -21.18 -0.97
CA THR A 551 25.95 -20.48 -1.42
C THR A 551 25.22 -19.94 -0.22
N VAL A 552 24.18 -19.17 -0.47
CA VAL A 552 23.42 -18.51 0.59
C VAL A 552 21.91 -18.68 0.39
N ALA A 553 21.22 -19.17 1.41
CA ALA A 553 19.76 -19.33 1.36
C ALA A 553 19.08 -18.04 1.81
N HIS A 554 17.91 -17.76 1.21
CA HIS A 554 17.07 -16.63 1.64
C HIS A 554 15.65 -17.12 1.76
N ASP A 555 14.82 -16.33 2.42
CA ASP A 555 13.36 -16.53 2.47
C ASP A 555 12.83 -17.76 3.24
N PHE A 556 13.50 -18.90 3.13
CA PHE A 556 12.93 -20.11 3.70
C PHE A 556 13.97 -21.21 3.81
N ALA A 557 13.95 -21.91 4.93
CA ALA A 557 14.77 -23.10 5.12
C ALA A 557 13.98 -24.13 5.90
N ASP A 558 14.07 -25.41 5.50
CA ASP A 558 13.48 -26.51 6.26
C ASP A 558 14.36 -26.87 7.45
N VAL A 559 13.77 -27.16 8.61
CA VAL A 559 14.56 -27.71 9.70
C VAL A 559 14.57 -29.24 9.56
N ILE A 560 15.53 -29.76 8.79
CA ILE A 560 15.67 -31.20 8.62
C ILE A 560 16.27 -31.77 9.90
N THR A 561 15.56 -32.70 10.52
CA THR A 561 16.00 -33.25 11.80
C THR A 561 16.47 -34.71 11.72
N SER A 562 16.19 -35.39 10.61
CA SER A 562 16.78 -36.72 10.38
C SER A 562 16.94 -36.97 8.90
N THR A 563 17.85 -37.87 8.54
CA THR A 563 17.99 -38.29 7.15
C THR A 563 18.11 -39.81 7.13
N ALA A 564 17.80 -40.43 5.99
CA ALA A 564 17.76 -41.90 5.91
C ALA A 564 19.15 -42.51 5.86
N ASP A 565 19.21 -43.81 6.16
CA ASP A 565 20.46 -44.56 6.14
C ASP A 565 21.15 -44.51 4.78
N THR A 566 20.36 -44.33 3.73
CA THR A 566 20.84 -44.35 2.36
C THR A 566 21.18 -42.96 1.81
N SER A 567 21.08 -41.94 2.67
CA SER A 567 21.25 -40.57 2.19
C SER A 567 22.65 -40.04 2.46
N THR A 568 22.97 -38.93 1.81
CA THR A 568 24.26 -38.26 1.98
C THR A 568 24.01 -36.75 2.02
N VAL A 569 24.40 -36.11 3.11
CA VAL A 569 24.28 -34.65 3.20
C VAL A 569 25.31 -33.99 2.29
N LEU A 570 24.83 -33.22 1.29
CA LEU A 570 25.75 -32.58 0.36
C LEU A 570 26.16 -31.20 0.84
N ALA A 571 25.28 -30.58 1.64
CA ALA A 571 25.58 -29.27 2.19
C ALA A 571 24.72 -29.05 3.44
N SER A 572 25.22 -28.21 4.34
CA SER A 572 24.51 -27.84 5.58
C SER A 572 24.64 -26.34 5.86
N TYR A 573 23.78 -25.81 6.72
CA TYR A 573 23.85 -24.39 7.02
C TYR A 573 24.97 -24.09 8.00
N LYS A 574 25.54 -22.90 7.88
CA LYS A 574 26.44 -22.35 8.88
C LYS A 574 25.74 -21.16 9.50
N ALA A 575 25.62 -21.13 10.83
CA ALA A 575 24.89 -20.05 11.49
C ALA A 575 25.31 -19.90 12.93
N GLU A 576 24.96 -18.75 13.53
CA GLU A 576 25.15 -18.55 14.96
C GLU A 576 24.39 -19.62 15.74
N ARG A 577 24.99 -20.10 16.82
CA ARG A 577 24.41 -21.21 17.58
C ARG A 577 22.97 -20.94 18.06
N TRP A 578 22.69 -19.71 18.49
CA TRP A 578 21.40 -19.39 19.08
C TRP A 578 20.24 -19.64 18.12
N THR A 579 20.52 -19.65 16.82
CA THR A 579 19.46 -19.79 15.82
C THR A 579 18.97 -21.21 15.70
N GLY A 580 19.77 -22.16 16.16
CA GLY A 580 19.41 -23.57 16.07
C GLY A 580 19.63 -24.17 14.70
N MET A 581 20.15 -23.39 13.76
CA MET A 581 20.26 -23.85 12.38
C MET A 581 21.67 -24.29 12.00
N ASN A 582 22.63 -24.10 12.90
CA ASN A 582 24.00 -24.45 12.55
C ASN A 582 24.14 -25.96 12.38
N GLU A 583 24.76 -26.35 11.26
CA GLU A 583 24.97 -27.75 10.89
C GLU A 583 23.69 -28.52 10.57
N VAL A 584 22.57 -27.81 10.42
CA VAL A 584 21.36 -28.47 9.95
C VAL A 584 21.51 -28.75 8.45
N PRO A 585 21.13 -29.98 8.00
CA PRO A 585 21.30 -30.30 6.58
C PRO A 585 20.51 -29.36 5.67
N ALA A 586 21.11 -28.97 4.55
CA ALA A 586 20.46 -28.07 3.59
C ALA A 586 20.15 -28.78 2.27
N ILE A 587 21.08 -29.61 1.81
CA ILE A 587 20.94 -30.33 0.55
C ILE A 587 21.28 -31.78 0.82
N VAL A 588 20.35 -32.70 0.54
CA VAL A 588 20.54 -34.10 0.89
C VAL A 588 20.26 -35.01 -0.30
N ALA A 589 21.21 -35.89 -0.59
CA ALA A 589 21.07 -36.84 -1.68
C ALA A 589 20.54 -38.14 -1.13
N ASN A 590 19.75 -38.87 -1.90
CA ASN A 590 19.32 -40.19 -1.44
C ASN A 590 19.31 -41.22 -2.55
N GLY A 591 19.46 -42.48 -2.18
CA GLY A 591 19.27 -43.56 -3.14
C GLY A 591 18.00 -44.28 -2.75
N TYR A 592 17.12 -44.52 -3.71
CA TYR A 592 15.80 -45.11 -3.45
C TYR A 592 15.45 -46.04 -4.61
N GLY A 593 15.45 -47.35 -4.37
CA GLY A 593 15.30 -48.30 -5.48
C GLY A 593 16.46 -48.12 -6.42
N ASP A 594 16.19 -48.08 -7.71
CA ASP A 594 17.25 -47.85 -8.71
C ASP A 594 17.44 -46.38 -9.05
N GLY A 595 16.69 -45.51 -8.36
CA GLY A 595 16.77 -44.08 -8.61
C GLY A 595 17.60 -43.28 -7.61
N ARG A 596 17.69 -41.97 -7.84
CA ARG A 596 18.44 -41.07 -6.99
C ARG A 596 17.60 -39.82 -6.76
N THR A 597 17.62 -39.28 -5.54
CA THR A 597 16.99 -37.97 -5.31
C THR A 597 17.98 -36.94 -4.81
N VAL A 598 17.63 -35.67 -4.96
CA VAL A 598 18.31 -34.60 -4.21
C VAL A 598 17.22 -33.70 -3.63
N TYR A 599 17.24 -33.51 -2.32
CA TYR A 599 16.30 -32.62 -1.64
C TYR A 599 17.00 -31.29 -1.32
N VAL A 600 16.41 -30.16 -1.73
CA VAL A 600 17.01 -28.85 -1.50
C VAL A 600 16.09 -28.15 -0.52
N GLY A 601 16.50 -28.05 0.73
CA GLY A 601 15.60 -27.62 1.80
C GLY A 601 15.54 -26.11 2.04
N CYS A 602 15.93 -25.32 1.06
CA CYS A 602 15.96 -23.88 1.21
C CYS A 602 15.89 -23.23 -0.15
N ARG A 603 15.61 -21.92 -0.18
CA ARG A 603 15.61 -21.18 -1.43
C ARG A 603 17.00 -20.65 -1.79
N LEU A 604 17.58 -21.21 -2.85
CA LEU A 604 18.94 -20.86 -3.25
C LEU A 604 18.98 -19.90 -4.43
N GLY A 605 17.85 -19.77 -5.12
CA GLY A 605 17.73 -18.85 -6.23
C GLY A 605 18.43 -19.38 -7.46
N ARG A 606 18.34 -18.66 -8.57
CA ARG A 606 19.10 -19.06 -9.75
C ARG A 606 20.58 -19.24 -9.46
N GLN A 607 21.17 -18.29 -8.75
CA GLN A 607 22.62 -18.31 -8.60
C GLN A 607 23.10 -19.47 -7.69
N GLY A 608 22.39 -19.69 -6.60
CA GLY A 608 22.78 -20.75 -5.67
C GLY A 608 22.53 -22.13 -6.24
N LEU A 609 21.45 -22.28 -7.00
CA LEU A 609 21.13 -23.55 -7.63
C LEU A 609 22.15 -23.85 -8.71
N ALA A 610 22.49 -22.83 -9.51
CA ALA A 610 23.46 -23.00 -10.59
C ALA A 610 24.81 -23.45 -10.05
N LYS A 611 25.25 -22.82 -8.96
CA LYS A 611 26.51 -23.19 -8.32
C LYS A 611 26.46 -24.60 -7.71
N SER A 612 25.31 -24.97 -7.15
CA SER A 612 25.14 -26.25 -6.47
C SER A 612 24.87 -27.42 -7.42
N LEU A 613 24.46 -27.13 -8.65
CA LEU A 613 24.04 -28.21 -9.55
C LEU A 613 25.10 -29.29 -9.86
N PRO A 614 26.36 -28.89 -10.13
CA PRO A 614 27.38 -29.91 -10.40
C PRO A 614 27.50 -30.97 -9.31
N ALA A 615 27.60 -30.54 -8.05
CA ALA A 615 27.65 -31.50 -6.94
C ALA A 615 26.36 -32.31 -6.82
N MET A 616 25.21 -31.67 -7.04
CA MET A 616 23.93 -32.38 -6.97
C MET A 616 23.79 -33.43 -8.07
N LEU A 617 24.06 -33.02 -9.31
CA LEU A 617 24.01 -33.92 -10.45
C LEU A 617 25.02 -35.06 -10.24
N GLY A 618 26.19 -34.69 -9.74
CA GLY A 618 27.21 -35.69 -9.42
C GLY A 618 26.68 -36.79 -8.52
N SER A 619 25.90 -36.42 -7.51
CA SER A 619 25.41 -37.38 -6.53
C SER A 619 24.39 -38.31 -7.18
N MET A 620 23.83 -37.87 -8.30
CA MET A 620 22.85 -38.67 -9.02
CA MET A 620 22.85 -38.67 -9.01
C MET A 620 23.54 -39.53 -10.06
N GLY A 621 24.87 -39.37 -10.17
CA GLY A 621 25.67 -40.05 -11.17
C GLY A 621 25.62 -39.40 -12.55
N LEU A 622 25.57 -38.07 -12.60
CA LEU A 622 25.31 -37.36 -13.84
C LEU A 622 26.27 -36.19 -14.13
N SER A 623 27.54 -36.34 -13.79
CA SER A 623 28.48 -35.23 -13.98
C SER A 623 28.64 -34.82 -15.45
N ASP A 624 28.40 -35.75 -16.37
CA ASP A 624 28.60 -35.50 -17.80
C ASP A 624 27.49 -34.67 -18.46
N LEU A 625 26.48 -34.27 -17.69
CA LEU A 625 25.36 -33.54 -18.28
C LEU A 625 25.62 -32.03 -18.41
N ALA A 626 26.81 -31.60 -17.97
CA ALA A 626 27.23 -30.19 -17.93
C ALA A 626 27.09 -29.38 -19.23
N GLY A 627 27.88 -28.33 -19.38
CA GLY A 627 27.87 -27.58 -20.62
C GLY A 627 28.00 -26.06 -20.52
N ASP A 628 27.99 -25.43 -21.68
CA ASP A 628 28.20 -23.98 -21.79
C ASP A 628 26.88 -23.24 -21.57
N GLY A 629 26.77 -22.55 -20.43
CA GLY A 629 25.57 -21.80 -20.12
C GLY A 629 25.53 -20.39 -20.69
N ARG A 630 26.55 -20.00 -21.44
CA ARG A 630 26.52 -18.66 -22.07
C ARG A 630 25.41 -18.59 -23.12
N VAL A 631 24.99 -19.75 -23.63
CA VAL A 631 23.94 -19.81 -24.63
C VAL A 631 22.85 -20.78 -24.21
N LEU A 632 21.66 -20.59 -24.76
CA LEU A 632 20.61 -21.57 -24.65
C LEU A 632 20.51 -22.22 -26.01
N ARG A 633 20.55 -23.55 -26.05
CA ARG A 633 20.36 -24.28 -27.31
C ARG A 633 19.02 -25.00 -27.23
N VAL A 634 18.18 -24.80 -28.24
CA VAL A 634 16.84 -25.41 -28.25
C VAL A 634 16.69 -26.09 -29.59
N GLU A 635 16.25 -27.34 -29.59
CA GLU A 635 16.15 -28.06 -30.87
C GLU A 635 14.71 -28.47 -31.21
N ARG A 636 14.38 -28.40 -32.50
CA ARG A 636 13.15 -29.04 -33.01
C ARG A 636 13.48 -30.15 -33.99
N ALA A 637 12.61 -31.16 -34.07
CA ALA A 637 12.89 -32.29 -34.93
C ALA A 637 11.61 -32.90 -35.46
N ASP A 638 11.71 -33.58 -36.61
CA ASP A 638 10.59 -34.33 -37.16
C ASP A 638 10.46 -35.69 -36.50
N ALA A 639 9.33 -36.36 -36.74
CA ALA A 639 9.18 -37.75 -36.35
C ALA A 639 10.20 -38.54 -37.15
N ALA A 640 10.68 -39.64 -36.56
CA ALA A 640 11.87 -40.39 -37.00
C ALA A 640 13.15 -39.72 -36.50
N ALA A 641 13.01 -38.49 -36.01
CA ALA A 641 14.17 -37.66 -35.64
C ALA A 641 15.18 -37.65 -36.80
N ALA A 642 14.65 -37.47 -38.01
CA ALA A 642 15.48 -37.44 -39.22
C ALA A 642 16.11 -36.06 -39.38
N SER A 643 15.28 -35.03 -39.32
CA SER A 643 15.77 -33.65 -39.49
C SER A 643 15.77 -32.90 -38.15
N HIS A 644 16.81 -32.10 -37.94
CA HIS A 644 16.95 -31.33 -36.72
C HIS A 644 17.12 -29.85 -37.04
N PHE A 645 16.51 -29.01 -36.23
CA PHE A 645 16.77 -27.58 -36.26
C PHE A 645 17.27 -27.14 -34.91
N GLU A 646 18.38 -26.40 -34.90
CA GLU A 646 18.92 -25.90 -33.64
C GLU A 646 18.84 -24.39 -33.59
N PHE A 647 18.30 -23.87 -32.48
CA PHE A 647 18.20 -22.43 -32.26
C PHE A 647 19.15 -22.06 -31.12
N VAL A 648 20.05 -21.11 -31.34
CA VAL A 648 21.04 -20.78 -30.32
C VAL A 648 20.95 -19.30 -29.95
N PHE A 649 20.86 -19.03 -28.65
CA PHE A 649 20.59 -17.69 -28.13
C PHE A 649 21.69 -17.27 -27.16
N ASN A 650 22.25 -16.07 -27.36
CA ASN A 650 23.20 -15.55 -26.38
C ASN A 650 22.43 -15.18 -25.11
N ARG A 651 22.87 -15.65 -23.94
CA ARG A 651 22.19 -15.29 -22.70
C ARG A 651 22.94 -14.20 -21.93
N THR A 652 24.03 -13.71 -22.51
CA THR A 652 24.93 -12.78 -21.80
C THR A 652 24.96 -11.39 -22.42
N HIS A 653 25.79 -10.53 -21.84
CA HIS A 653 25.91 -9.14 -22.27
C HIS A 653 27.12 -8.88 -23.17
N GLU A 654 27.83 -9.91 -23.59
CA GLU A 654 28.96 -9.75 -24.50
CA GLU A 654 28.94 -9.72 -24.52
C GLU A 654 28.81 -10.73 -25.65
N PRO A 655 29.46 -10.43 -26.80
CA PRO A 655 29.33 -11.39 -27.89
C PRO A 655 29.92 -12.73 -27.46
N VAL A 656 29.33 -13.81 -27.93
CA VAL A 656 29.88 -15.15 -27.67
C VAL A 656 30.08 -15.91 -28.97
N THR A 657 31.06 -16.80 -28.98
CA THR A 657 31.26 -17.67 -30.13
C THR A 657 31.21 -19.12 -29.68
N VAL A 658 30.36 -19.92 -30.32
CA VAL A 658 30.20 -21.31 -29.94
C VAL A 658 30.24 -22.23 -31.16
N ASP A 659 30.55 -23.52 -30.93
CA ASP A 659 30.49 -24.52 -31.98
C ASP A 659 29.04 -24.84 -32.35
N VAL A 660 28.75 -24.91 -33.64
CA VAL A 660 27.42 -25.33 -34.10
C VAL A 660 27.53 -26.30 -35.29
N GLU A 661 26.66 -27.30 -35.34
CA GLU A 661 26.63 -28.24 -36.45
CA GLU A 661 26.64 -28.22 -36.47
C GLU A 661 25.58 -27.80 -37.46
N GLY A 662 25.79 -28.12 -38.73
CA GLY A 662 24.77 -27.90 -39.74
C GLY A 662 24.86 -26.60 -40.53
N GLU A 663 23.80 -26.32 -41.27
CA GLU A 663 23.73 -25.13 -42.13
C GLU A 663 22.92 -24.05 -41.45
N ALA A 664 23.48 -22.83 -41.40
CA ALA A 664 22.74 -21.69 -40.86
C ALA A 664 21.61 -21.33 -41.79
N ILE A 665 20.41 -21.11 -41.25
CA ILE A 665 19.30 -20.73 -42.09
C ILE A 665 18.69 -19.41 -41.65
N ALA A 666 19.02 -18.96 -40.44
CA ALA A 666 18.65 -17.61 -40.03
C ALA A 666 19.63 -17.12 -38.98
N ALA A 667 19.80 -15.81 -38.90
CA ALA A 667 20.70 -15.19 -37.94
C ALA A 667 20.25 -13.75 -37.69
N SER A 668 20.19 -13.35 -36.42
CA SER A 668 19.92 -11.95 -36.09
C SER A 668 20.93 -11.50 -35.06
N LEU A 669 21.58 -10.37 -35.34
CA LEU A 669 22.66 -9.85 -34.50
C LEU A 669 23.66 -10.97 -34.25
N ALA A 670 24.03 -11.66 -35.32
CA ALA A 670 24.83 -12.88 -35.23
C ALA A 670 25.25 -13.32 -36.62
N HIS A 671 26.24 -14.21 -36.69
CA HIS A 671 26.61 -14.79 -37.97
C HIS A 671 27.24 -16.16 -37.73
N VAL A 672 27.18 -17.02 -38.74
CA VAL A 672 27.76 -18.35 -38.64
C VAL A 672 28.80 -18.48 -39.74
N ASP A 673 29.98 -19.00 -39.39
CA ASP A 673 31.03 -19.21 -40.37
CA ASP A 673 31.07 -19.17 -40.33
C ASP A 673 31.74 -20.49 -40.02
N ASP A 674 31.78 -21.41 -40.98
CA ASP A 674 32.42 -22.73 -40.82
C ASP A 674 32.23 -23.36 -39.44
N GLY A 675 30.96 -23.53 -39.04
CA GLY A 675 30.63 -24.25 -37.82
C GLY A 675 30.89 -23.51 -36.52
N ARG A 676 31.03 -22.20 -36.61
CA ARG A 676 31.21 -21.36 -35.42
C ARG A 676 30.19 -20.22 -35.49
N ALA A 677 29.37 -20.11 -34.45
CA ALA A 677 28.36 -19.07 -34.42
C ALA A 677 28.84 -17.94 -33.52
N THR A 678 28.98 -16.74 -34.08
CA THR A 678 29.27 -15.58 -33.25
C THR A 678 27.95 -14.83 -33.05
N ILE A 679 27.52 -14.77 -31.79
CA ILE A 679 26.21 -14.23 -31.45
C ILE A 679 26.33 -13.03 -30.51
N ASP A 680 25.88 -11.87 -30.97
CA ASP A 680 25.92 -10.67 -30.15
C ASP A 680 24.86 -10.77 -29.04
N PRO A 681 24.95 -9.89 -28.04
CA PRO A 681 23.86 -9.85 -27.05
C PRO A 681 22.51 -9.66 -27.74
N THR A 682 21.49 -10.34 -27.24
CA THR A 682 20.15 -10.34 -27.86
C THR A 682 20.15 -10.94 -29.27
N GLY A 683 21.16 -11.76 -29.56
CA GLY A 683 21.26 -12.35 -30.88
C GLY A 683 20.79 -13.80 -30.89
N VAL A 684 20.60 -14.34 -32.08
CA VAL A 684 20.13 -15.71 -32.27
C VAL A 684 20.61 -16.26 -33.61
N VAL A 685 20.98 -17.54 -33.66
CA VAL A 685 21.16 -18.20 -34.96
C VAL A 685 20.26 -19.43 -35.02
N VAL A 686 19.89 -19.85 -36.23
CA VAL A 686 19.11 -21.08 -36.40
C VAL A 686 19.82 -21.96 -37.41
N LEU A 687 20.05 -23.22 -37.05
CA LEU A 687 20.70 -24.16 -37.95
C LEU A 687 19.81 -25.33 -38.31
N ARG A 688 20.05 -25.87 -39.51
CA ARG A 688 19.40 -27.10 -39.94
C ARG A 688 20.48 -28.19 -40.06
N ARG A 689 20.29 -29.31 -39.38
CA ARG A 689 21.21 -30.45 -39.54
C ARG A 689 20.68 -31.41 -40.60
N ARG B 4 -12.64 38.10 -18.73
CA ARG B 4 -11.79 38.33 -17.56
C ARG B 4 -12.25 39.53 -16.68
N ARG B 5 -12.43 39.27 -15.38
CA ARG B 5 -12.92 40.31 -14.48
C ARG B 5 -11.91 41.42 -14.26
N LYS B 6 -12.38 42.65 -14.19
CA LYS B 6 -11.53 43.78 -13.85
C LYS B 6 -10.90 43.61 -12.47
N HIS B 7 -9.60 43.86 -12.36
CA HIS B 7 -8.90 43.74 -11.09
C HIS B 7 -9.49 44.73 -10.09
N SER B 8 -9.75 44.26 -8.88
CA SER B 8 -10.34 45.11 -7.85
C SER B 8 -9.84 44.63 -6.51
N TRP B 9 -9.00 45.44 -5.86
CA TRP B 9 -8.30 45.04 -4.66
C TRP B 9 -9.07 45.51 -3.43
N PRO B 10 -9.08 44.72 -2.34
CA PRO B 10 -9.80 45.23 -1.15
C PRO B 10 -9.18 46.52 -0.63
N GLN B 11 -10.03 47.52 -0.38
CA GLN B 11 -9.60 48.88 -0.04
C GLN B 11 -9.55 49.13 1.46
N PRO B 12 -8.73 50.10 1.89
CA PRO B 12 -8.60 50.37 3.33
C PRO B 12 -9.87 50.87 3.97
N LEU B 13 -9.96 50.67 5.29
CA LEU B 13 -11.04 51.22 6.08
C LEU B 13 -11.03 52.74 6.06
N LYS B 14 -12.19 53.33 6.33
CA LYS B 14 -12.30 54.78 6.40
C LYS B 14 -11.24 55.32 7.32
N GLY B 15 -10.54 56.36 6.88
CA GLY B 15 -9.53 56.98 7.72
C GLY B 15 -8.18 56.28 7.69
N ALA B 16 -8.12 55.08 7.09
CA ALA B 16 -6.85 54.37 6.96
C ALA B 16 -6.22 54.55 5.58
N GLU B 17 -4.89 54.49 5.51
CA GLU B 17 -4.16 54.58 4.24
C GLU B 17 -4.05 53.20 3.60
N SER B 18 -3.72 53.18 2.31
CA SER B 18 -3.35 51.92 1.63
C SER B 18 -2.14 51.30 2.35
N ARG B 19 -2.24 50.02 2.70
CA ARG B 19 -1.16 49.31 3.39
C ARG B 19 -1.13 47.88 2.87
N LEU B 20 0.00 47.19 3.02
CA LEU B 20 0.05 45.75 2.77
C LEU B 20 -0.86 45.11 3.82
N TRP B 21 -1.76 44.22 3.40
CA TRP B 21 -2.63 43.54 4.36
C TRP B 21 -1.86 42.45 5.06
N TYR B 22 -2.13 42.24 6.35
CA TYR B 22 -1.44 41.22 7.13
C TYR B 22 -2.41 40.64 8.14
N GLY B 23 -2.52 39.32 8.17
CA GLY B 23 -3.32 38.68 9.21
C GLY B 23 -3.53 37.23 8.92
N GLY B 24 -4.78 36.78 9.05
CA GLY B 24 -5.08 35.39 8.78
C GLY B 24 -6.48 35.01 9.16
N ASP B 25 -6.76 33.71 9.06
CA ASP B 25 -8.09 33.17 9.35
C ASP B 25 -8.35 33.40 10.84
N TYR B 26 -9.52 33.92 11.14
CA TYR B 26 -9.88 34.19 12.53
C TYR B 26 -11.18 33.47 12.89
N ASN B 27 -11.20 32.79 14.04
CA ASN B 27 -12.31 31.91 14.39
C ASN B 27 -12.71 32.06 15.84
N PRO B 28 -13.29 33.22 16.16
CA PRO B 28 -13.70 33.56 17.52
C PRO B 28 -14.77 32.60 18.00
N ASP B 29 -15.54 32.01 17.08
CA ASP B 29 -16.54 31.01 17.47
C ASP B 29 -15.94 29.77 18.17
N GLN B 30 -14.61 29.62 18.19
CA GLN B 30 -13.98 28.52 18.91
C GLN B 30 -13.53 28.88 20.32
N TRP B 31 -13.64 30.15 20.68
CA TRP B 31 -13.02 30.64 21.89
C TRP B 31 -14.00 31.47 22.70
N PRO B 32 -13.80 31.51 24.03
CA PRO B 32 -14.64 32.35 24.90
C PRO B 32 -14.27 33.84 24.81
N GLU B 33 -15.17 34.66 25.32
CA GLU B 33 -15.08 36.12 25.29
C GLU B 33 -13.76 36.75 25.77
N GLU B 34 -13.17 36.22 26.85
CA GLU B 34 -11.90 36.77 27.36
C GLU B 34 -10.81 36.71 26.29
N VAL B 35 -10.84 35.66 25.48
CA VAL B 35 -9.86 35.45 24.42
C VAL B 35 -10.00 36.48 23.30
N TRP B 36 -11.22 36.93 23.03
CA TRP B 36 -11.42 37.92 21.97
C TRP B 36 -10.73 39.22 22.34
N ASP B 37 -10.69 39.53 23.64
CA ASP B 37 -10.01 40.73 24.12
C ASP B 37 -8.52 40.57 23.92
N ASP B 38 -8.03 39.38 24.27
CA ASP B 38 -6.63 39.01 24.13
C ASP B 38 -6.23 39.05 22.64
N ASP B 39 -7.11 38.52 21.80
CA ASP B 39 -6.89 38.55 20.34
C ASP B 39 -6.61 39.97 19.83
N ILE B 40 -7.46 40.92 20.22
CA ILE B 40 -7.30 42.29 19.75
C ILE B 40 -5.96 42.89 20.19
N ARG B 41 -5.59 42.66 21.45
CA ARG B 41 -4.34 43.18 22.00
C ARG B 41 -3.13 42.64 21.22
N LEU B 42 -3.12 41.33 21.00
CA LEU B 42 -2.03 40.66 20.31
C LEU B 42 -1.99 41.01 18.83
N MET B 43 -3.16 41.14 18.21
CA MET B 43 -3.24 41.59 16.80
C MET B 43 -2.59 42.97 16.61
N LYS B 44 -2.90 43.91 17.50
CA LYS B 44 -2.30 45.25 17.41
C LYS B 44 -0.78 45.16 17.56
N LYS B 45 -0.34 44.39 18.54
CA LYS B 45 1.07 44.16 18.78
C LYS B 45 1.77 43.58 17.54
N ALA B 46 1.08 42.67 16.84
CA ALA B 46 1.69 42.03 15.69
C ALA B 46 1.57 42.82 14.40
N GLY B 47 0.81 43.93 14.42
CA GLY B 47 0.61 44.71 13.20
C GLY B 47 -0.40 44.13 12.24
N VAL B 48 -1.24 43.24 12.75
CA VAL B 48 -2.34 42.66 11.97
C VAL B 48 -3.39 43.72 11.60
N ASN B 49 -3.79 43.79 10.33
CA ASN B 49 -4.81 44.76 9.91
C ASN B 49 -5.96 44.15 9.09
N LEU B 50 -5.94 42.83 8.90
CA LEU B 50 -7.03 42.13 8.20
C LEU B 50 -7.13 40.68 8.66
N VAL B 51 -8.36 40.23 8.93
CA VAL B 51 -8.59 38.83 9.25
C VAL B 51 -9.78 38.32 8.44
N SER B 52 -9.83 37.01 8.24
CA SER B 52 -10.89 36.38 7.47
C SER B 52 -11.77 35.58 8.41
N VAL B 53 -13.05 35.92 8.43
CA VAL B 53 -13.95 35.44 9.47
C VAL B 53 -15.14 34.71 8.84
N GLY B 54 -15.66 33.70 9.53
CA GLY B 54 -16.91 33.07 9.12
C GLY B 54 -16.80 31.89 8.19
N ILE B 55 -15.57 31.52 7.84
CA ILE B 55 -15.33 30.57 6.74
C ILE B 55 -16.06 29.23 6.92
N PHE B 56 -16.02 28.67 8.13
CA PHE B 56 -16.78 27.43 8.39
C PHE B 56 -17.90 27.65 9.41
N SER B 57 -18.57 28.79 9.32
CA SER B 57 -19.52 29.18 10.37
C SER B 57 -20.98 28.92 10.03
N TRP B 58 -21.24 28.05 9.06
CA TRP B 58 -22.62 27.80 8.62
C TRP B 58 -23.50 27.34 9.78
N ALA B 59 -23.01 26.38 10.56
CA ALA B 59 -23.79 25.87 11.69
C ALA B 59 -24.02 26.92 12.75
N LYS B 60 -23.12 27.90 12.87
CA LYS B 60 -23.36 28.92 13.86
C LYS B 60 -24.33 29.99 13.34
N ILE B 61 -24.23 30.33 12.06
CA ILE B 61 -25.07 31.37 11.47
C ILE B 61 -26.49 30.86 11.21
N GLU B 62 -26.58 29.63 10.72
CA GLU B 62 -27.88 29.00 10.49
C GLU B 62 -27.96 27.70 11.29
N PRO B 63 -28.26 27.80 12.61
CA PRO B 63 -28.13 26.62 13.49
C PRO B 63 -29.21 25.58 13.24
N GLU B 64 -30.29 25.99 12.58
CA GLU B 64 -31.34 25.09 12.08
C GLU B 64 -31.86 25.76 10.84
N GLU B 65 -32.53 25.02 9.97
CA GLU B 65 -32.97 25.57 8.70
C GLU B 65 -33.91 26.76 8.90
N GLY B 66 -33.55 27.88 8.27
CA GLY B 66 -34.37 29.07 8.30
C GLY B 66 -34.30 29.90 9.56
N LYS B 67 -33.41 29.53 10.48
CA LYS B 67 -33.12 30.34 11.66
C LYS B 67 -31.75 30.99 11.48
N TYR B 68 -31.66 32.31 11.69
CA TYR B 68 -30.38 32.99 11.45
C TYR B 68 -29.90 33.72 12.68
N ASP B 69 -28.65 33.43 13.06
CA ASP B 69 -28.06 34.03 14.24
C ASP B 69 -26.83 34.85 13.85
N PHE B 70 -27.02 36.16 13.64
CA PHE B 70 -25.92 37.01 13.19
C PHE B 70 -25.24 37.76 14.32
N ASP B 71 -25.86 37.80 15.50
CA ASP B 71 -25.39 38.76 16.51
C ASP B 71 -23.94 38.56 16.95
N TRP B 72 -23.53 37.30 17.15
CA TRP B 72 -22.16 37.02 17.60
C TRP B 72 -21.15 37.52 16.56
N LEU B 73 -21.48 37.34 15.29
CA LEU B 73 -20.59 37.73 14.20
C LEU B 73 -20.60 39.26 14.03
N ASP B 74 -21.78 39.87 14.13
CA ASP B 74 -21.89 41.33 14.14
C ASP B 74 -20.96 41.91 15.21
N ARG B 75 -21.01 41.33 16.41
CA ARG B 75 -20.20 41.82 17.52
C ARG B 75 -18.70 41.61 17.26
N ALA B 76 -18.34 40.43 16.77
CA ALA B 76 -16.94 40.12 16.49
C ALA B 76 -16.37 41.10 15.46
N ILE B 77 -17.16 41.37 14.42
CA ILE B 77 -16.75 42.30 13.35
C ILE B 77 -16.58 43.73 13.88
N ASP B 78 -17.51 44.19 14.73
CA ASP B 78 -17.35 45.51 15.32
C ASP B 78 -16.12 45.61 16.20
N LYS B 79 -15.86 44.57 16.98
CA LYS B 79 -14.69 44.54 17.84
C LYS B 79 -13.39 44.68 17.03
N LEU B 80 -13.31 43.95 15.92
CA LEU B 80 -12.18 44.06 14.99
C LEU B 80 -12.10 45.45 14.34
N GLY B 81 -13.20 45.90 13.75
CA GLY B 81 -13.18 47.15 13.01
C GLY B 81 -12.82 48.34 13.90
N LYS B 82 -13.29 48.31 15.15
CA LYS B 82 -12.97 49.41 16.08
C LYS B 82 -11.48 49.42 16.42
N ALA B 83 -10.84 48.24 16.36
CA ALA B 83 -9.41 48.12 16.58
C ALA B 83 -8.63 48.48 15.32
N GLY B 84 -9.36 48.89 14.28
CA GLY B 84 -8.72 49.21 13.00
C GLY B 84 -8.35 47.98 12.19
N ILE B 85 -9.03 46.86 12.42
CA ILE B 85 -8.72 45.62 11.72
C ILE B 85 -9.84 45.27 10.75
N ALA B 86 -9.50 45.18 9.47
CA ALA B 86 -10.47 44.95 8.42
C ALA B 86 -10.94 43.50 8.41
N VAL B 87 -12.12 43.27 7.84
CA VAL B 87 -12.69 41.93 7.75
C VAL B 87 -12.88 41.46 6.31
N ASP B 88 -12.27 40.32 5.99
CA ASP B 88 -12.54 39.60 4.77
C ASP B 88 -13.60 38.58 5.19
N LEU B 89 -14.84 38.80 4.76
CA LEU B 89 -15.99 38.06 5.24
C LEU B 89 -16.27 36.92 4.31
N ALA B 90 -16.41 35.72 4.88
CA ALA B 90 -16.74 34.54 4.10
C ALA B 90 -18.23 34.44 3.81
N SER B 91 -18.58 33.65 2.79
CA SER B 91 -19.99 33.32 2.53
C SER B 91 -20.49 32.35 3.58
N ALA B 92 -19.54 31.64 4.21
CA ALA B 92 -19.80 30.59 5.20
C ALA B 92 -20.36 29.29 4.58
N THR B 93 -20.30 29.19 3.25
CA THR B 93 -20.90 28.07 2.53
C THR B 93 -19.93 26.91 2.25
N ALA B 94 -18.74 26.99 2.85
CA ALA B 94 -17.71 25.96 2.70
C ALA B 94 -18.13 24.53 3.08
N SER B 95 -18.91 24.39 4.15
CA SER B 95 -19.29 23.07 4.65
C SER B 95 -20.61 23.17 5.42
N PRO B 96 -21.57 22.25 5.13
CA PRO B 96 -22.93 22.41 5.66
C PRO B 96 -23.10 21.84 7.06
N PRO B 97 -24.10 22.34 7.80
CA PRO B 97 -24.30 21.81 9.15
C PRO B 97 -24.90 20.39 9.14
N MET B 98 -24.83 19.71 10.27
CA MET B 98 -25.40 18.37 10.40
C MET B 98 -26.90 18.32 10.13
N TRP B 99 -27.64 19.34 10.57
CA TRP B 99 -29.09 19.31 10.36
C TRP B 99 -29.38 19.17 8.85
N LEU B 100 -28.55 19.81 8.04
CA LEU B 100 -28.77 19.85 6.59
C LEU B 100 -28.49 18.50 5.92
N THR B 101 -27.35 17.91 6.24
CA THR B 101 -27.00 16.61 5.67
C THR B 101 -27.89 15.49 6.23
N GLN B 102 -28.33 15.62 7.47
CA GLN B 102 -29.24 14.61 8.02
C GLN B 102 -30.58 14.61 7.31
N ALA B 103 -31.10 15.82 7.04
CA ALA B 103 -32.38 15.97 6.35
C ALA B 103 -32.22 15.68 4.86
N HIS B 104 -31.02 15.89 4.32
CA HIS B 104 -30.81 15.71 2.89
C HIS B 104 -29.52 14.95 2.55
N PRO B 105 -29.51 13.64 2.79
CA PRO B 105 -28.28 12.86 2.57
C PRO B 105 -27.86 12.88 1.11
N GLU B 106 -28.78 13.30 0.24
CA GLU B 106 -28.49 13.37 -1.20
C GLU B 106 -27.48 14.47 -1.54
N VAL B 107 -27.16 15.31 -0.57
CA VAL B 107 -26.14 16.34 -0.71
CA VAL B 107 -26.13 16.31 -0.83
C VAL B 107 -24.72 15.71 -0.74
N LEU B 108 -24.57 14.59 -0.04
CA LEU B 108 -23.25 13.98 0.18
C LEU B 108 -22.66 13.39 -1.10
N TRP B 109 -21.39 13.70 -1.39
CA TRP B 109 -20.77 13.14 -2.59
C TRP B 109 -20.53 11.63 -2.48
N LYS B 110 -20.42 10.96 -3.62
CA LYS B 110 -20.18 9.52 -3.64
C LYS B 110 -18.89 9.24 -4.36
N ASP B 111 -18.12 8.28 -3.87
CA ASP B 111 -16.84 7.99 -4.51
C ASP B 111 -17.02 7.03 -5.70
N GLU B 112 -15.91 6.58 -6.28
CA GLU B 112 -15.97 5.78 -7.50
CA GLU B 112 -15.93 5.75 -7.49
C GLU B 112 -16.80 4.51 -7.37
N ARG B 113 -16.84 3.94 -6.15
CA ARG B 113 -17.60 2.72 -5.89
C ARG B 113 -19.07 3.00 -5.57
N GLY B 114 -19.42 4.28 -5.48
CA GLY B 114 -20.77 4.66 -5.08
C GLY B 114 -20.96 4.74 -3.57
N ASP B 115 -19.86 4.71 -2.82
CA ASP B 115 -19.99 4.84 -1.37
C ASP B 115 -20.20 6.30 -0.97
N THR B 116 -21.13 6.53 -0.06
CA THR B 116 -21.39 7.88 0.45
C THR B 116 -20.23 8.36 1.32
N VAL B 117 -19.80 9.59 1.08
CA VAL B 117 -18.84 10.26 1.96
C VAL B 117 -19.61 11.05 3.02
N TRP B 118 -19.47 10.63 4.27
CA TRP B 118 -20.28 11.18 5.37
C TRP B 118 -19.67 12.42 5.99
N PRO B 119 -20.49 13.18 6.76
CA PRO B 119 -19.89 14.21 7.60
C PRO B 119 -18.94 13.59 8.62
N GLY B 120 -18.12 14.43 9.25
CA GLY B 120 -17.12 13.95 10.19
C GLY B 120 -15.90 14.82 10.02
N ALA B 121 -15.78 15.39 8.82
CA ALA B 121 -14.67 16.28 8.51
C ALA B 121 -15.29 17.50 7.80
N ARG B 122 -14.94 17.74 6.54
CA ARG B 122 -15.52 18.92 5.88
C ARG B 122 -15.69 18.80 4.37
N GLU B 123 -16.50 19.70 3.83
CA GLU B 123 -16.67 19.86 2.38
C GLU B 123 -17.27 18.64 1.72
N HIS B 124 -18.08 17.92 2.50
CA HIS B 124 -18.67 16.65 2.06
C HIS B 124 -19.97 16.93 1.31
N TRP B 125 -19.87 17.53 0.12
CA TRP B 125 -21.06 17.82 -0.69
C TRP B 125 -20.78 17.71 -2.18
N ARG B 126 -21.81 17.37 -2.95
CA ARG B 126 -21.68 17.24 -4.40
C ARG B 126 -21.64 18.60 -5.08
N PRO B 127 -20.60 18.86 -5.88
CA PRO B 127 -20.47 20.12 -6.65
C PRO B 127 -21.68 20.38 -7.54
N THR B 128 -22.38 19.34 -7.99
CA THR B 128 -23.52 19.53 -8.89
C THR B 128 -24.88 19.21 -8.28
N SER B 129 -24.93 19.00 -6.97
CA SER B 129 -26.21 18.82 -6.27
C SER B 129 -27.08 20.08 -6.34
N PRO B 130 -28.28 19.95 -6.93
CA PRO B 130 -29.14 21.13 -7.04
C PRO B 130 -29.62 21.53 -5.65
N VAL B 131 -29.76 20.56 -4.76
CA VAL B 131 -30.22 20.82 -3.39
C VAL B 131 -29.16 21.60 -2.61
N PHE B 132 -27.91 21.16 -2.67
CA PHE B 132 -26.85 21.93 -2.04
C PHE B 132 -26.77 23.33 -2.58
N ARG B 133 -26.84 23.49 -3.91
CA ARG B 133 -26.78 24.83 -4.47
C ARG B 133 -27.86 25.75 -3.91
N GLU B 134 -29.10 25.25 -3.84
CA GLU B 134 -30.20 26.00 -3.23
C GLU B 134 -29.86 26.49 -1.82
N TYR B 135 -29.31 25.59 -1.01
CA TYR B 135 -28.94 25.95 0.35
C TYR B 135 -27.82 26.98 0.40
N ALA B 136 -26.82 26.82 -0.47
CA ALA B 136 -25.67 27.72 -0.51
C ALA B 136 -26.10 29.13 -0.98
N LEU B 137 -26.89 29.18 -2.04
CA LEU B 137 -27.33 30.47 -2.56
C LEU B 137 -28.22 31.21 -1.57
N ASN B 138 -29.05 30.47 -0.83
CA ASN B 138 -29.85 31.09 0.24
C ASN B 138 -28.96 31.71 1.31
N LEU B 139 -27.95 30.96 1.77
CA LEU B 139 -27.03 31.53 2.76
C LEU B 139 -26.27 32.74 2.23
N CYS B 140 -25.78 32.68 0.98
CA CYS B 140 -25.12 33.83 0.37
C CYS B 140 -26.03 35.05 0.39
N ARG B 141 -27.27 34.85 -0.02
CA ARG B 141 -28.26 35.90 -0.08
C ARG B 141 -28.46 36.52 1.30
N ARG B 142 -28.59 35.69 2.32
CA ARG B 142 -28.81 36.21 3.65
C ARG B 142 -27.59 36.89 4.27
N MET B 143 -26.40 36.32 4.05
CA MET B 143 -25.15 36.98 4.46
C MET B 143 -25.00 38.35 3.80
N ALA B 144 -25.20 38.42 2.49
CA ALA B 144 -24.97 39.67 1.77
C ALA B 144 -25.98 40.73 2.20
N GLU B 145 -27.24 40.33 2.37
CA GLU B 145 -28.27 41.25 2.85
C GLU B 145 -27.94 41.80 4.24
N HIS B 146 -27.44 40.93 5.12
CA HIS B 146 -27.17 41.36 6.48
C HIS B 146 -25.96 42.30 6.58
N TYR B 147 -24.92 42.03 5.79
CA TYR B 147 -23.65 42.75 5.92
C TYR B 147 -23.43 43.85 4.89
N LYS B 148 -24.40 44.04 4.00
CA LYS B 148 -24.31 45.11 3.01
C LYS B 148 -24.06 46.45 3.69
N GLY B 149 -22.99 47.12 3.27
CA GLY B 149 -22.66 48.43 3.83
C GLY B 149 -21.97 48.42 5.18
N ASN B 150 -21.62 47.24 5.70
CA ASN B 150 -20.85 47.18 6.94
C ASN B 150 -19.52 47.86 6.66
N PRO B 151 -19.15 48.86 7.48
CA PRO B 151 -17.97 49.65 7.16
C PRO B 151 -16.64 48.91 7.36
N TYR B 152 -16.67 47.78 8.06
CA TYR B 152 -15.45 47.04 8.35
C TYR B 152 -15.22 45.84 7.43
N VAL B 153 -16.18 45.56 6.55
CA VAL B 153 -16.05 44.42 5.63
C VAL B 153 -15.48 44.91 4.29
N VAL B 154 -14.31 44.39 3.90
CA VAL B 154 -13.64 44.90 2.70
C VAL B 154 -13.59 43.93 1.50
N ALA B 155 -13.98 42.69 1.72
CA ALA B 155 -13.98 41.67 0.66
C ALA B 155 -14.87 40.50 1.04
N TRP B 156 -15.21 39.69 0.03
CA TRP B 156 -15.87 38.41 0.24
C TRP B 156 -14.86 37.30 0.01
N HIS B 157 -14.86 36.30 0.91
CA HIS B 157 -14.07 35.08 0.81
C HIS B 157 -15.10 34.00 0.45
N VAL B 158 -15.33 33.77 -0.83
CA VAL B 158 -16.43 32.86 -1.21
C VAL B 158 -16.10 31.41 -0.93
N SER B 159 -16.87 30.78 -0.04
CA SER B 159 -16.70 29.35 0.31
C SER B 159 -15.29 29.13 0.85
N ASN B 160 -14.68 27.97 0.53
CA ASN B 160 -13.30 27.71 0.89
C ASN B 160 -12.73 26.57 0.07
N GLU B 161 -11.60 26.81 -0.58
CA GLU B 161 -10.88 25.78 -1.34
C GLU B 161 -11.83 24.81 -2.04
N TYR B 162 -12.58 25.30 -3.04
CA TYR B 162 -13.44 24.41 -3.81
C TYR B 162 -12.60 23.25 -4.31
N GLY B 163 -13.11 22.02 -4.22
CA GLY B 163 -12.39 20.87 -4.73
C GLY B 163 -11.30 20.29 -3.84
N CYS B 164 -11.10 20.82 -2.64
CA CYS B 164 -10.03 20.27 -1.79
C CYS B 164 -10.34 18.82 -1.42
N HIS B 165 -11.61 18.56 -1.11
CA HIS B 165 -12.06 17.21 -0.75
C HIS B 165 -13.10 16.67 -1.74
N ASN B 166 -13.80 17.57 -2.42
CA ASN B 166 -14.94 17.15 -3.25
C ASN B 166 -14.76 17.44 -4.73
N ARG B 167 -13.52 17.42 -5.19
CA ARG B 167 -13.25 17.66 -6.61
C ARG B 167 -14.00 16.64 -7.46
N PHE B 168 -13.97 15.39 -7.00
CA PHE B 168 -14.61 14.29 -7.71
C PHE B 168 -15.87 13.83 -7.00
N ASP B 169 -16.96 13.75 -7.75
CA ASP B 169 -18.19 13.12 -7.30
C ASP B 169 -18.63 12.20 -8.42
N TYR B 170 -19.15 11.05 -8.06
CA TYR B 170 -19.58 10.04 -9.03
C TYR B 170 -21.06 9.73 -8.92
N SER B 171 -21.80 10.53 -8.15
CA SER B 171 -23.26 10.35 -8.02
C SER B 171 -23.99 10.58 -9.33
N ASP B 172 -25.29 10.27 -9.35
CA ASP B 172 -26.09 10.54 -10.54
C ASP B 172 -26.23 12.01 -10.88
N ASP B 173 -26.06 12.90 -9.91
CA ASP B 173 -26.03 14.35 -10.17
C ASP B 173 -24.83 14.65 -11.05
N ALA B 174 -23.67 14.09 -10.69
CA ALA B 174 -22.44 14.23 -11.51
C ALA B 174 -22.64 13.61 -12.89
N MET B 175 -23.32 12.47 -12.93
CA MET B 175 -23.52 11.75 -14.18
C MET B 175 -24.32 12.63 -15.14
N ARG B 176 -25.41 13.21 -14.64
CA ARG B 176 -26.25 14.09 -15.46
C ARG B 176 -25.50 15.34 -15.88
N ALA B 177 -24.74 15.91 -14.97
CA ALA B 177 -24.01 17.13 -15.26
C ALA B 177 -22.92 16.86 -16.29
N PHE B 178 -22.25 15.71 -16.19
CA PHE B 178 -21.18 15.37 -17.14
C PHE B 178 -21.74 15.14 -18.53
N GLN B 179 -22.91 14.49 -18.62
CA GLN B 179 -23.56 14.33 -19.91
C GLN B 179 -23.83 15.67 -20.60
N LYS B 180 -24.32 16.64 -19.83
CA LYS B 180 -24.62 17.95 -20.37
C LYS B 180 -23.34 18.69 -20.76
N TRP B 181 -22.31 18.57 -19.92
CA TRP B 181 -21.01 19.15 -20.20
C TRP B 181 -20.42 18.59 -21.51
N CYS B 182 -20.55 17.28 -21.72
CA CYS B 182 -20.09 16.67 -22.97
C CYS B 182 -20.86 17.18 -24.18
N LYS B 183 -22.17 17.35 -24.06
CA LYS B 183 -22.99 17.85 -25.18
C LYS B 183 -22.54 19.27 -25.54
N LYS B 184 -22.31 20.11 -24.52
CA LYS B 184 -21.77 21.45 -24.73
C LYS B 184 -20.42 21.46 -25.44
N ARG B 185 -19.50 20.61 -24.99
CA ARG B 185 -18.15 20.58 -25.55
C ARG B 185 -18.10 19.99 -26.95
N TYR B 186 -18.81 18.88 -27.17
CA TYR B 186 -18.64 18.10 -28.41
C TYR B 186 -19.77 18.18 -29.45
N LYS B 187 -20.93 18.66 -29.01
CA LYS B 187 -22.13 18.84 -29.85
C LYS B 187 -22.83 17.56 -30.29
N THR B 188 -22.07 16.58 -30.75
CA THR B 188 -22.66 15.32 -31.22
C THR B 188 -22.00 14.14 -30.50
N ILE B 189 -22.71 13.02 -30.40
CA ILE B 189 -22.15 11.85 -29.73
C ILE B 189 -21.02 11.27 -30.60
N ASP B 190 -21.06 11.52 -31.89
CA ASP B 190 -19.96 11.07 -32.77
C ASP B 190 -18.65 11.79 -32.44
N ALA B 191 -18.74 13.07 -32.08
CA ALA B 191 -17.55 13.82 -31.71
C ALA B 191 -17.01 13.31 -30.37
N VAL B 192 -17.90 12.92 -29.46
CA VAL B 192 -17.44 12.36 -28.19
C VAL B 192 -16.72 11.04 -28.45
N ASN B 193 -17.36 10.17 -29.24
CA ASN B 193 -16.77 8.88 -29.60
C ASN B 193 -15.41 9.02 -30.24
N GLU B 194 -15.26 10.02 -31.12
CA GLU B 194 -13.99 10.27 -31.78
C GLU B 194 -12.96 10.79 -30.77
N ALA B 195 -13.36 11.75 -29.96
CA ALA B 195 -12.46 12.34 -28.96
C ALA B 195 -11.91 11.27 -28.02
N TRP B 196 -12.77 10.36 -27.56
CA TRP B 196 -12.38 9.38 -26.56
C TRP B 196 -11.91 8.05 -27.18
N GLY B 197 -11.86 7.98 -28.52
CA GLY B 197 -11.38 6.79 -29.20
C GLY B 197 -12.17 5.53 -28.84
N THR B 198 -13.49 5.65 -28.81
CA THR B 198 -14.33 4.59 -28.25
C THR B 198 -14.45 3.34 -29.13
N ALA B 199 -13.89 3.35 -30.35
CA ALA B 199 -13.90 2.15 -31.15
C ALA B 199 -13.09 1.05 -30.47
N PHE B 200 -12.14 1.45 -29.63
CA PHE B 200 -11.31 0.53 -28.83
C PHE B 200 -12.08 -0.03 -27.62
N TRP B 201 -11.99 -1.35 -27.39
CA TRP B 201 -12.65 -2.03 -26.27
C TRP B 201 -14.18 -1.89 -26.24
N ALA B 202 -14.79 -1.81 -27.43
CA ALA B 202 -16.27 -1.82 -27.55
C ALA B 202 -16.95 -0.77 -26.67
N GLN B 203 -16.43 0.46 -26.72
CA GLN B 203 -16.95 1.52 -25.87
C GLN B 203 -17.84 2.51 -26.63
N HIS B 204 -18.14 2.22 -27.89
CA HIS B 204 -18.96 3.13 -28.69
C HIS B 204 -20.31 3.47 -28.04
N MET B 205 -20.67 4.76 -28.10
CA MET B 205 -21.89 5.24 -27.49
C MET B 205 -22.86 5.73 -28.56
N ASN B 206 -24.12 5.29 -28.48
CA ASN B 206 -25.14 5.68 -29.46
C ASN B 206 -25.78 7.03 -29.17
N ASP B 207 -25.75 7.43 -27.90
CA ASP B 207 -26.25 8.75 -27.51
C ASP B 207 -25.65 9.21 -26.19
N PHE B 208 -26.01 10.42 -25.75
CA PHE B 208 -25.39 10.97 -24.55
C PHE B 208 -25.79 10.25 -23.25
N SER B 209 -26.87 9.47 -23.28
CA SER B 209 -27.28 8.75 -22.07
C SER B 209 -26.31 7.61 -21.76
N GLU B 210 -25.47 7.28 -22.74
CA GLU B 210 -24.52 6.18 -22.59
C GLU B 210 -23.15 6.67 -22.08
N ILE B 211 -23.07 7.96 -21.77
CA ILE B 211 -21.89 8.51 -21.10
C ILE B 211 -22.06 8.36 -19.59
N ILE B 212 -21.20 7.56 -18.96
CA ILE B 212 -21.21 7.46 -17.51
C ILE B 212 -19.90 8.04 -16.95
N PRO B 213 -19.91 8.50 -15.68
CA PRO B 213 -18.65 8.99 -15.10
C PRO B 213 -17.66 7.85 -15.01
N PRO B 214 -16.37 8.15 -14.79
CA PRO B 214 -15.36 7.08 -14.66
C PRO B 214 -15.47 6.43 -13.28
N ARG B 215 -16.53 5.65 -13.12
CA ARG B 215 -16.79 4.95 -11.88
C ARG B 215 -15.85 3.77 -11.71
N TYR B 216 -16.00 3.07 -10.61
CA TYR B 216 -15.17 1.91 -10.27
C TYR B 216 -15.16 0.83 -11.36
N ILE B 217 -13.97 0.49 -11.84
CA ILE B 217 -13.82 -0.52 -12.89
C ILE B 217 -12.95 -1.69 -12.45
N GLY B 218 -12.74 -1.81 -11.14
CA GLY B 218 -11.86 -2.85 -10.62
C GLY B 218 -10.45 -2.29 -10.45
N ASP B 219 -9.81 -2.62 -9.33
CA ASP B 219 -8.43 -2.17 -9.10
C ASP B 219 -7.50 -2.71 -10.18
N GLY B 220 -6.58 -1.88 -10.66
CA GLY B 220 -5.58 -2.31 -11.62
C GLY B 220 -6.03 -2.16 -13.06
N ASN B 221 -7.29 -1.79 -13.28
CA ASN B 221 -7.81 -1.73 -14.64
C ASN B 221 -7.72 -0.31 -15.22
N PHE B 222 -7.82 -0.17 -16.55
CA PHE B 222 -7.46 1.09 -17.18
C PHE B 222 -8.64 1.84 -17.79
N MET B 223 -8.99 2.97 -17.16
CA MET B 223 -10.11 3.82 -17.59
C MET B 223 -9.81 4.41 -18.96
N ASN B 224 -10.85 4.76 -19.72
CA ASN B 224 -10.66 5.48 -20.99
C ASN B 224 -9.94 6.79 -20.68
N PRO B 225 -8.73 7.00 -21.25
CA PRO B 225 -7.92 8.16 -20.84
C PRO B 225 -8.52 9.48 -21.29
N GLY B 226 -9.15 9.48 -22.47
CA GLY B 226 -9.82 10.67 -22.97
C GLY B 226 -10.95 11.08 -22.03
N LYS B 227 -11.73 10.11 -21.59
CA LYS B 227 -12.82 10.37 -20.68
C LYS B 227 -12.32 10.87 -19.33
N LEU B 228 -11.27 10.22 -18.82
CA LEU B 228 -10.72 10.58 -17.52
C LEU B 228 -10.20 12.02 -17.50
N LEU B 229 -9.53 12.40 -18.59
CA LEU B 229 -9.00 13.75 -18.73
C LEU B 229 -10.17 14.75 -18.79
N ASP B 230 -11.19 14.43 -19.58
CA ASP B 230 -12.36 15.30 -19.68
C ASP B 230 -13.11 15.36 -18.35
N TYR B 231 -13.06 14.29 -17.56
CA TYR B 231 -13.73 14.31 -16.26
C TYR B 231 -13.08 15.30 -15.30
N LYS B 232 -11.77 15.50 -15.44
CA LYS B 232 -11.05 16.52 -14.65
C LYS B 232 -11.39 17.93 -15.11
N ARG B 233 -11.46 18.11 -16.42
CA ARG B 233 -11.97 19.37 -16.98
C ARG B 233 -13.38 19.66 -16.46
N PHE B 234 -14.29 18.70 -16.62
CA PHE B 234 -15.66 18.85 -16.16
C PHE B 234 -15.74 19.15 -14.66
N SER B 235 -14.92 18.47 -13.86
CA SER B 235 -15.00 18.61 -12.40
C SER B 235 -14.56 20.02 -12.00
N SER B 236 -13.56 20.53 -12.70
CA SER B 236 -13.12 21.89 -12.47
C SER B 236 -14.20 22.88 -12.90
N ASP B 237 -14.80 22.65 -14.07
CA ASP B 237 -15.87 23.54 -14.55
C ASP B 237 -17.10 23.50 -13.66
N ALA B 238 -17.42 22.32 -13.13
CA ALA B 238 -18.62 22.17 -12.28
C ALA B 238 -18.51 23.00 -11.01
N LEU B 239 -17.37 22.88 -10.33
CA LEU B 239 -17.09 23.71 -9.17
C LEU B 239 -17.02 25.20 -9.55
N LYS B 240 -16.48 25.52 -10.73
CA LYS B 240 -16.41 26.91 -11.15
C LYS B 240 -17.80 27.49 -11.35
N GLU B 241 -18.72 26.69 -11.90
CA GLU B 241 -20.08 27.18 -12.11
C GLU B 241 -20.79 27.46 -10.80
N LEU B 242 -20.51 26.65 -9.78
CA LEU B 242 -21.10 26.88 -8.46
C LEU B 242 -20.51 28.14 -7.82
N TYR B 243 -19.19 28.28 -7.89
CA TYR B 243 -18.53 29.48 -7.40
C TYR B 243 -19.12 30.72 -8.11
N ILE B 244 -19.21 30.68 -9.43
CA ILE B 244 -19.83 31.78 -10.16
C ILE B 244 -21.25 32.10 -9.66
N ALA B 245 -22.06 31.07 -9.43
CA ALA B 245 -23.42 31.29 -8.92
C ALA B 245 -23.42 31.99 -7.55
N GLU B 246 -22.55 31.52 -6.65
CA GLU B 246 -22.42 32.08 -5.32
C GLU B 246 -21.88 33.50 -5.40
N ARG B 247 -20.84 33.68 -6.20
CA ARG B 247 -20.24 34.99 -6.40
C ARG B 247 -21.30 35.99 -6.90
N ASP B 248 -22.08 35.58 -7.88
CA ASP B 248 -23.09 36.47 -8.49
C ASP B 248 -24.21 36.87 -7.54
N VAL B 249 -24.60 35.95 -6.65
CA VAL B 249 -25.60 36.31 -5.65
C VAL B 249 -25.05 37.37 -4.70
N LEU B 250 -23.87 37.11 -4.14
CA LEU B 250 -23.19 38.09 -3.29
C LEU B 250 -23.05 39.45 -3.99
N GLU B 251 -22.56 39.45 -5.22
CA GLU B 251 -22.31 40.68 -5.96
C GLU B 251 -23.62 41.44 -6.27
N SER B 252 -24.71 40.71 -6.51
CA SER B 252 -25.99 41.36 -6.82
C SER B 252 -26.50 42.22 -5.66
N ILE B 253 -26.05 41.90 -4.45
CA ILE B 253 -26.55 42.53 -3.23
C ILE B 253 -25.55 43.56 -2.68
N THR B 254 -24.26 43.28 -2.85
CA THR B 254 -23.21 44.20 -2.42
C THR B 254 -22.31 44.59 -3.61
N PRO B 255 -22.85 45.34 -4.59
CA PRO B 255 -22.01 45.57 -5.78
C PRO B 255 -20.82 46.46 -5.44
N GLY B 256 -19.65 46.18 -6.02
CA GLY B 256 -18.46 46.93 -5.70
C GLY B 256 -17.57 46.34 -4.60
N LEU B 257 -18.12 45.44 -3.79
CA LEU B 257 -17.32 44.78 -2.76
C LEU B 257 -16.56 43.62 -3.40
N PRO B 258 -15.22 43.68 -3.37
CA PRO B 258 -14.40 42.73 -4.13
C PRO B 258 -14.61 41.27 -3.68
N LEU B 259 -14.57 40.36 -4.65
CA LEU B 259 -14.82 38.94 -4.39
C LEU B 259 -13.63 38.10 -4.80
N THR B 260 -13.25 37.17 -3.93
CA THR B 260 -12.27 36.14 -4.28
C THR B 260 -12.71 34.78 -3.75
N THR B 261 -11.98 33.74 -4.15
CA THR B 261 -12.05 32.47 -3.44
C THR B 261 -10.63 31.92 -3.44
N ASN B 262 -10.27 31.15 -2.42
CA ASN B 262 -8.87 30.77 -2.23
C ASN B 262 -8.43 29.55 -3.03
N PHE B 263 -7.40 29.73 -3.84
CA PHE B 263 -6.81 28.67 -4.65
C PHE B 263 -5.87 27.77 -3.85
N MET B 264 -5.43 26.69 -4.50
CA MET B 264 -4.50 25.72 -3.91
C MET B 264 -3.36 25.54 -4.90
N VAL B 265 -2.63 26.62 -5.14
CA VAL B 265 -1.57 26.59 -6.14
C VAL B 265 -0.27 26.23 -5.43
N SER B 266 0.32 25.10 -5.82
CA SER B 266 1.64 24.69 -5.34
C SER B 266 2.23 23.85 -6.45
N ALA B 267 3.53 23.59 -6.38
CA ALA B 267 4.19 22.87 -7.49
C ALA B 267 3.38 21.63 -7.88
N GLY B 268 3.06 20.82 -6.87
CA GLY B 268 2.32 19.58 -7.09
C GLY B 268 0.81 19.58 -6.97
N GLY B 269 0.20 20.76 -6.84
CA GLY B 269 -1.26 20.83 -6.74
C GLY B 269 -1.93 21.04 -8.07
N SER B 270 -2.93 20.23 -8.39
CA SER B 270 -3.63 20.43 -9.66
C SER B 270 -5.11 20.07 -9.54
N MET B 271 -5.75 20.44 -8.42
CA MET B 271 -7.16 20.06 -8.24
C MET B 271 -8.07 20.71 -9.29
N LEU B 272 -7.74 21.94 -9.67
CA LEU B 272 -8.56 22.70 -10.61
C LEU B 272 -7.66 23.37 -11.62
N ASP B 273 -8.21 23.80 -12.76
CA ASP B 273 -7.43 24.60 -13.67
C ASP B 273 -7.42 26.02 -13.10
N TYR B 274 -6.44 26.31 -12.24
CA TYR B 274 -6.41 27.60 -11.56
C TYR B 274 -6.20 28.81 -12.48
N ASP B 275 -5.56 28.60 -13.63
CA ASP B 275 -5.48 29.71 -14.58
C ASP B 275 -6.85 30.05 -15.17
N ASP B 276 -7.67 29.05 -15.41
CA ASP B 276 -9.02 29.26 -15.90
C ASP B 276 -9.85 29.98 -14.85
N TRP B 277 -9.76 29.51 -13.60
CA TRP B 277 -10.53 30.10 -12.52
C TRP B 277 -10.08 31.53 -12.21
N GLY B 278 -8.84 31.85 -12.56
CA GLY B 278 -8.28 33.18 -12.29
C GLY B 278 -9.03 34.32 -12.97
N ALA B 279 -9.75 34.01 -14.03
CA ALA B 279 -10.56 35.01 -14.72
C ALA B 279 -11.86 35.37 -13.99
N GLU B 280 -12.21 34.62 -12.94
CA GLU B 280 -13.52 34.76 -12.30
C GLU B 280 -13.44 35.38 -10.92
N VAL B 281 -12.29 35.94 -10.57
CA VAL B 281 -12.14 36.57 -9.25
C VAL B 281 -11.71 38.01 -9.44
N ASP B 282 -12.03 38.87 -8.48
CA ASP B 282 -11.63 40.28 -8.56
C ASP B 282 -10.18 40.44 -8.20
N PHE B 283 -9.69 39.53 -7.35
CA PHE B 283 -8.27 39.46 -7.09
C PHE B 283 -7.94 38.01 -6.81
N VAL B 284 -6.77 37.57 -7.26
CA VAL B 284 -6.40 36.17 -7.09
C VAL B 284 -5.83 35.90 -5.70
N SER B 285 -6.34 34.84 -5.04
CA SER B 285 -5.86 34.49 -3.70
CA SER B 285 -5.91 34.47 -3.69
C SER B 285 -5.40 33.04 -3.63
N ASN B 286 -4.35 32.81 -2.84
CA ASN B 286 -3.76 31.47 -2.74
C ASN B 286 -3.54 30.96 -1.32
N ASP B 287 -3.65 29.62 -1.19
CA ASP B 287 -3.26 28.92 0.01
C ASP B 287 -2.03 28.11 -0.39
N HIS B 288 -0.90 28.34 0.26
CA HIS B 288 0.30 27.54 -0.02
C HIS B 288 0.93 27.10 1.28
N TYR B 289 1.38 25.85 1.34
CA TYR B 289 2.01 25.36 2.55
C TYR B 289 3.34 24.73 2.19
N PHE B 290 4.38 25.08 2.95
CA PHE B 290 5.75 24.73 2.56
C PHE B 290 6.00 23.23 2.49
N THR B 291 6.90 22.86 1.58
CA THR B 291 7.38 21.49 1.48
C THR B 291 8.58 21.37 2.38
N PRO B 292 8.51 20.53 3.44
CA PRO B 292 9.66 20.37 4.33
C PRO B 292 10.90 19.84 3.58
N GLY B 293 12.08 20.23 4.03
CA GLY B 293 13.32 19.69 3.47
C GLY B 293 13.94 20.62 2.45
N GLU B 294 14.69 20.04 1.52
CA GLU B 294 15.59 20.81 0.69
C GLU B 294 14.82 21.73 -0.25
N ALA B 295 13.60 21.34 -0.61
CA ALA B 295 12.79 22.10 -1.56
C ALA B 295 12.07 23.30 -0.94
N HIS B 296 12.11 23.46 0.38
CA HIS B 296 11.31 24.49 1.09
C HIS B 296 11.27 25.86 0.42
N PHE B 297 12.38 26.59 0.45
CA PHE B 297 12.37 27.93 -0.09
C PHE B 297 12.06 28.04 -1.59
N ASP B 298 12.73 27.23 -2.41
CA ASP B 298 12.60 27.35 -3.86
C ASP B 298 11.15 27.12 -4.28
N GLU B 299 10.49 26.16 -3.62
CA GLU B 299 9.13 25.84 -4.04
C GLU B 299 8.13 26.89 -3.53
N VAL B 300 8.43 27.50 -2.37
CA VAL B 300 7.65 28.68 -1.94
C VAL B 300 7.76 29.77 -3.02
N ALA B 301 8.98 30.04 -3.46
CA ALA B 301 9.18 31.06 -4.49
C ALA B 301 8.52 30.66 -5.83
N TYR B 302 8.66 29.39 -6.21
CA TYR B 302 8.05 28.90 -7.44
C TYR B 302 6.53 29.07 -7.45
N ALA B 303 5.87 28.69 -6.35
CA ALA B 303 4.41 28.75 -6.31
C ALA B 303 3.94 30.19 -6.31
N ALA B 304 4.68 31.07 -5.65
CA ALA B 304 4.30 32.48 -5.64
C ALA B 304 4.49 33.06 -7.03
N SER B 305 5.53 32.62 -7.74
CA SER B 305 5.72 33.07 -9.11
C SER B 305 4.55 32.63 -9.99
N LEU B 306 4.13 31.38 -9.82
CA LEU B 306 3.00 30.88 -10.62
C LEU B 306 1.74 31.68 -10.31
N MET B 307 1.51 31.98 -9.02
CA MET B 307 0.42 32.90 -8.65
C MET B 307 0.51 34.24 -9.40
N ASP B 308 1.70 34.83 -9.41
CA ASP B 308 1.92 36.06 -10.16
C ASP B 308 1.61 35.88 -11.65
N GLY B 309 1.86 34.68 -12.19
CA GLY B 309 1.54 34.41 -13.59
C GLY B 309 0.04 34.25 -13.80
N ILE B 310 -0.60 33.55 -12.87
CA ILE B 310 -2.06 33.39 -12.90
C ILE B 310 -2.75 34.76 -12.80
N SER B 311 -2.17 35.67 -12.00
CA SER B 311 -2.75 37.00 -11.78
CA SER B 311 -2.75 37.00 -11.78
C SER B 311 -2.39 37.97 -12.90
N ARG B 312 -1.63 37.49 -13.88
CA ARG B 312 -1.20 38.29 -15.02
C ARG B 312 -0.42 39.50 -14.52
N LYS B 313 0.42 39.27 -13.51
CA LYS B 313 1.24 40.29 -12.85
C LYS B 313 0.51 41.38 -12.02
N GLU B 314 -0.81 41.30 -11.92
CA GLU B 314 -1.53 42.15 -10.96
C GLU B 314 -1.20 41.68 -9.55
N PRO B 315 -1.19 42.60 -8.56
CA PRO B 315 -1.00 42.19 -7.16
C PRO B 315 -2.00 41.12 -6.77
N TRP B 316 -1.53 40.16 -5.96
CA TRP B 316 -2.37 39.04 -5.57
C TRP B 316 -2.30 38.83 -4.06
N PHE B 317 -3.09 37.89 -3.57
CA PHE B 317 -3.39 37.82 -2.15
C PHE B 317 -2.91 36.47 -1.63
N GLN B 318 -1.98 36.49 -0.68
CA GLN B 318 -1.60 35.24 -0.01
C GLN B 318 -2.61 34.99 1.10
N MET B 319 -3.61 34.15 0.84
CA MET B 319 -4.71 33.96 1.80
C MET B 319 -4.25 33.08 2.95
N GLU B 320 -3.45 32.06 2.64
CA GLU B 320 -3.04 31.13 3.68
C GLU B 320 -1.61 30.66 3.45
N HIS B 321 -0.90 30.46 4.56
CA HIS B 321 0.29 29.61 4.63
C HIS B 321 0.49 29.28 6.09
N SER B 322 1.54 28.56 6.45
CA SER B 322 1.72 28.15 7.84
C SER B 322 2.98 28.81 8.43
N THR B 323 2.93 29.15 9.71
CA THR B 323 4.10 29.73 10.37
C THR B 323 5.15 28.62 10.55
N SER B 324 4.66 27.40 10.72
CA SER B 324 5.56 26.27 10.92
C SER B 324 4.83 24.99 10.52
N ALA B 325 4.85 23.97 11.37
CA ALA B 325 4.26 22.66 11.01
C ALA B 325 2.77 22.70 10.63
N VAL B 326 2.37 21.88 9.66
CA VAL B 326 0.95 21.63 9.41
C VAL B 326 0.48 20.43 10.23
N ASN B 327 -0.75 19.98 10.01
CA ASN B 327 -1.29 18.82 10.73
C ASN B 327 -1.40 17.57 9.85
N TRP B 328 -1.34 17.76 8.53
CA TRP B 328 -1.90 16.76 7.62
C TRP B 328 -0.89 15.88 6.90
N ARG B 329 0.40 16.07 7.17
CA ARG B 329 1.44 15.19 6.62
C ARG B 329 1.63 13.95 7.50
N PRO B 330 2.17 12.86 6.91
CA PRO B 330 2.57 11.69 7.71
C PRO B 330 3.53 12.10 8.82
N ILE B 331 4.45 12.99 8.50
CA ILE B 331 5.36 13.53 9.50
C ILE B 331 5.36 15.04 9.35
N ASN B 332 4.87 15.75 10.37
CA ASN B 332 4.73 17.19 10.23
C ASN B 332 5.97 17.94 10.69
N TYR B 333 6.99 17.94 9.84
CA TYR B 333 8.24 18.69 10.11
C TYR B 333 7.96 20.15 10.42
N ARG B 334 8.71 20.70 11.37
CA ARG B 334 8.59 22.13 11.63
C ARG B 334 9.34 22.91 10.55
N ALA B 335 8.99 24.19 10.41
CA ALA B 335 9.74 25.07 9.52
C ALA B 335 11.00 25.51 10.26
N GLU B 336 12.09 25.71 9.51
CA GLU B 336 13.33 26.26 10.07
C GLU B 336 13.08 27.64 10.64
N PRO B 337 13.79 27.96 11.74
CA PRO B 337 13.66 29.30 12.34
C PRO B 337 13.98 30.35 11.28
N GLY B 338 13.14 31.36 11.20
CA GLY B 338 13.28 32.36 10.15
C GLY B 338 12.26 32.24 9.05
N SER B 339 11.55 31.12 8.98
CA SER B 339 10.61 30.92 7.88
C SER B 339 9.45 31.90 7.90
N VAL B 340 9.00 32.30 9.09
CA VAL B 340 7.87 33.23 9.18
C VAL B 340 8.11 34.47 8.33
N VAL B 341 9.19 35.19 8.61
CA VAL B 341 9.49 36.37 7.82
C VAL B 341 9.90 35.99 6.39
N ARG B 342 10.72 34.96 6.26
CA ARG B 342 11.35 34.67 4.97
C ARG B 342 10.36 34.21 3.92
N ASP B 343 9.60 33.17 4.22
CA ASP B 343 8.59 32.69 3.26
C ASP B 343 7.60 33.81 2.90
N SER B 344 7.13 34.54 3.91
CA SER B 344 6.21 35.65 3.68
C SER B 344 6.78 36.71 2.76
N LEU B 345 8.03 37.12 3.00
CA LEU B 345 8.63 38.12 2.11
C LEU B 345 8.96 37.59 0.71
N ALA B 346 9.17 36.28 0.57
CA ALA B 346 9.25 35.69 -0.75
C ALA B 346 7.94 35.85 -1.51
N GLN B 347 6.82 35.65 -0.83
CA GLN B 347 5.51 35.80 -1.47
C GLN B 347 5.27 37.27 -1.85
N VAL B 348 5.60 38.18 -0.93
CA VAL B 348 5.60 39.62 -1.26
C VAL B 348 6.50 39.89 -2.47
N ALA B 349 7.71 39.33 -2.47
CA ALA B 349 8.66 39.55 -3.59
C ALA B 349 8.02 39.22 -4.93
N MET B 350 7.28 38.11 -4.93
CA MET B 350 6.65 37.62 -6.13
C MET B 350 5.29 38.27 -6.41
N GLY B 351 4.95 39.34 -5.69
CA GLY B 351 3.82 40.16 -6.09
C GLY B 351 2.65 40.27 -5.14
N ALA B 352 2.72 39.56 -4.01
CA ALA B 352 1.62 39.58 -3.05
C ALA B 352 1.53 40.93 -2.35
N ASP B 353 0.33 41.49 -2.29
CA ASP B 353 0.12 42.70 -1.52
C ASP B 353 -0.68 42.41 -0.26
N ALA B 354 -0.83 41.12 0.05
CA ALA B 354 -1.44 40.71 1.33
C ALA B 354 -0.76 39.44 1.76
N ILE B 355 -0.52 39.33 3.06
CA ILE B 355 0.16 38.17 3.61
C ILE B 355 -0.67 37.66 4.78
N CYS B 356 -1.32 36.52 4.60
CA CYS B 356 -2.18 35.97 5.65
C CYS B 356 -1.82 34.52 5.94
N TYR B 357 -2.10 34.08 7.16
CA TYR B 357 -1.83 32.70 7.60
C TYR B 357 -3.09 31.91 7.92
N PHE B 358 -3.05 30.59 7.74
CA PHE B 358 -3.95 29.78 8.54
C PHE B 358 -3.19 29.30 9.77
N GLN B 359 -3.61 29.68 10.98
CA GLN B 359 -4.70 30.63 11.27
C GLN B 359 -4.17 31.60 12.33
N TRP B 360 -5.01 32.53 12.80
CA TRP B 360 -4.54 33.46 13.83
C TRP B 360 -4.13 32.77 15.14
N ARG B 361 -5.02 31.96 15.72
CA ARG B 361 -4.75 31.35 17.03
C ARG B 361 -4.86 29.85 16.92
N GLN B 362 -3.82 29.13 17.37
CA GLN B 362 -3.82 27.66 17.22
C GLN B 362 -4.98 27.04 17.96
N SER B 363 -5.79 26.22 17.28
CA SER B 363 -6.95 25.62 17.91
C SER B 363 -6.55 24.68 19.04
N LYS B 364 -7.36 24.62 20.09
CA LYS B 364 -7.06 23.73 21.21
C LYS B 364 -7.86 22.42 21.10
N ALA B 365 -8.75 22.33 20.11
CA ALA B 365 -9.54 21.13 19.90
C ALA B 365 -9.86 21.00 18.43
N GLY B 366 -10.18 19.78 17.99
CA GLY B 366 -10.56 19.55 16.61
C GLY B 366 -9.40 19.05 15.76
N ALA B 367 -9.71 18.67 14.52
CA ALA B 367 -8.76 18.01 13.60
C ALA B 367 -7.51 18.82 13.26
N GLU B 368 -7.57 20.13 13.44
CA GLU B 368 -6.42 20.97 13.10
C GLU B 368 -5.72 21.60 14.31
N LYS B 369 -5.95 21.08 15.50
CA LYS B 369 -5.25 21.62 16.66
C LYS B 369 -3.72 21.53 16.61
N TRP B 370 -3.17 20.59 15.83
CA TRP B 370 -1.73 20.46 15.71
C TRP B 370 -1.12 21.27 14.54
N HIS B 371 -1.97 21.99 13.81
CA HIS B 371 -1.52 22.87 12.71
C HIS B 371 -1.02 24.15 13.34
N SER B 372 0.20 24.54 13.03
CA SER B 372 0.79 25.75 13.60
C SER B 372 -0.03 27.00 13.28
N SER B 373 0.22 28.09 13.99
CA SER B 373 -0.59 29.29 13.84
C SER B 373 0.24 30.50 14.25
N MET B 374 -0.38 31.69 14.19
CA MET B 374 0.33 32.93 14.51
C MET B 374 0.55 33.08 16.01
N VAL B 375 -0.48 32.72 16.78
CA VAL B 375 -0.37 32.60 18.24
C VAL B 375 -0.41 31.09 18.55
N PRO B 376 0.76 30.50 18.78
CA PRO B 376 0.83 29.04 19.03
C PRO B 376 0.17 28.68 20.35
N HIS B 377 -0.04 27.39 20.62
CA HIS B 377 -0.50 26.94 21.93
C HIS B 377 0.30 27.59 23.05
N ALA B 378 1.59 27.75 22.82
CA ALA B 378 2.49 28.36 23.80
C ALA B 378 2.12 29.80 24.16
N GLY B 379 1.40 30.49 23.29
CA GLY B 379 0.99 31.86 23.56
C GLY B 379 1.98 32.91 23.07
N GLU B 380 1.84 34.12 23.61
CA GLU B 380 2.67 35.28 23.22
CA GLU B 380 2.64 35.27 23.22
C GLU B 380 4.14 35.04 23.40
N ASP B 381 4.50 34.36 24.50
CA ASP B 381 5.89 34.08 24.78
C ASP B 381 6.33 32.89 23.95
N SER B 382 6.56 33.13 22.66
CA SER B 382 7.02 32.09 21.77
C SER B 382 7.80 32.74 20.66
N GLN B 383 8.76 32.02 20.10
CA GLN B 383 9.54 32.56 18.99
C GLN B 383 8.65 32.81 17.80
N ILE B 384 7.69 31.91 17.57
CA ILE B 384 6.81 32.13 16.42
C ILE B 384 5.99 33.42 16.56
N PHE B 385 5.45 33.68 17.74
CA PHE B 385 4.73 34.95 17.87
C PHE B 385 5.65 36.17 17.76
N ARG B 386 6.85 36.09 18.33
CA ARG B 386 7.81 37.17 18.15
C ARG B 386 8.11 37.38 16.65
N ASP B 387 8.33 36.29 15.90
CA ASP B 387 8.54 36.40 14.45
C ASP B 387 7.32 37.00 13.74
N VAL B 388 6.13 36.64 14.20
CA VAL B 388 4.88 37.16 13.61
C VAL B 388 4.83 38.68 13.78
N CYS B 389 5.30 39.16 14.93
CA CYS B 389 5.32 40.60 15.21
C CYS B 389 6.39 41.31 14.39
N GLU B 390 7.52 40.63 14.21
CA GLU B 390 8.61 41.17 13.39
C GLU B 390 8.18 41.31 11.93
N LEU B 391 7.49 40.28 11.42
CA LEU B 391 6.96 40.35 10.06
C LEU B 391 5.94 41.48 9.92
N GLY B 392 5.05 41.61 10.89
CA GLY B 392 4.08 42.68 10.87
C GLY B 392 4.73 44.05 10.81
N ALA B 393 5.81 44.23 11.55
CA ALA B 393 6.51 45.52 11.55
C ALA B 393 7.18 45.74 10.19
N ASP B 394 7.76 44.66 9.65
CA ASP B 394 8.41 44.69 8.34
C ASP B 394 7.42 45.08 7.24
N LEU B 395 6.21 44.52 7.30
CA LEU B 395 5.22 44.83 6.29
C LEU B 395 4.77 46.27 6.41
N GLY B 396 4.70 46.77 7.64
CA GLY B 396 4.40 48.18 7.87
C GLY B 396 5.46 49.10 7.26
N ARG B 397 6.74 48.73 7.43
CA ARG B 397 7.82 49.52 6.82
C ARG B 397 7.76 49.49 5.30
N LEU B 398 7.54 48.30 4.73
CA LEU B 398 7.41 48.22 3.27
C LEU B 398 6.21 49.05 2.79
N SER B 399 5.16 49.13 3.62
CA SER B 399 3.98 49.94 3.31
C SER B 399 4.35 51.41 3.35
N ASP B 400 5.12 51.79 4.37
CA ASP B 400 5.61 53.17 4.47
C ASP B 400 6.39 53.58 3.23
N GLU B 401 7.14 52.63 2.67
CA GLU B 401 7.95 52.89 1.46
C GLU B 401 7.15 52.81 0.16
N GLY B 402 5.87 52.47 0.25
CA GLY B 402 5.02 52.48 -0.92
C GLY B 402 5.14 51.27 -1.82
N LEU B 403 5.33 50.09 -1.22
CA LEU B 403 5.42 48.87 -1.98
C LEU B 403 4.11 48.52 -2.71
N MET B 404 2.98 48.86 -2.09
CA MET B 404 1.66 48.50 -2.64
C MET B 404 1.53 48.88 -4.12
N GLY B 405 1.02 47.96 -4.93
CA GLY B 405 0.74 48.22 -6.32
C GLY B 405 1.93 48.13 -7.26
N THR B 406 3.15 48.05 -6.70
CA THR B 406 4.30 47.74 -7.55
C THR B 406 4.08 46.34 -8.09
N LYS B 407 4.76 46.01 -9.19
CA LYS B 407 4.63 44.69 -9.78
C LYS B 407 5.99 44.04 -9.95
N THR B 408 6.01 42.70 -9.84
CA THR B 408 7.21 41.91 -10.05
C THR B 408 7.64 42.06 -11.50
N VAL B 409 8.91 42.41 -11.70
CA VAL B 409 9.43 42.65 -13.05
C VAL B 409 9.36 41.41 -13.93
N LYS B 410 9.41 41.62 -15.24
CA LYS B 410 9.34 40.53 -16.21
C LYS B 410 10.70 39.84 -16.28
N SER B 411 10.71 38.53 -16.13
CA SER B 411 11.95 37.76 -16.26
C SER B 411 12.36 37.66 -17.73
N LYS B 412 13.60 37.26 -17.98
CA LYS B 412 14.02 36.98 -19.35
C LYS B 412 13.53 35.60 -19.74
N VAL B 413 13.21 34.77 -18.75
CA VAL B 413 12.78 33.40 -19.01
C VAL B 413 11.37 33.09 -18.48
N ALA B 414 10.52 32.56 -19.36
CA ALA B 414 9.21 32.03 -18.94
C ALA B 414 9.31 30.51 -18.81
N VAL B 415 8.99 29.97 -17.64
CA VAL B 415 8.85 28.52 -17.49
C VAL B 415 7.36 28.16 -17.57
N VAL B 416 6.97 27.36 -18.57
CA VAL B 416 5.56 27.11 -18.84
C VAL B 416 4.95 26.05 -17.91
N PHE B 417 3.77 26.35 -17.36
CA PHE B 417 3.00 25.36 -16.59
C PHE B 417 1.60 25.15 -17.20
N ASP B 418 1.18 23.89 -17.31
CA ASP B 418 -0.08 23.56 -17.97
C ASP B 418 -0.87 22.57 -17.12
N TYR B 419 -1.93 23.06 -16.45
CA TYR B 419 -2.73 22.19 -15.58
C TYR B 419 -3.24 20.96 -16.31
N GLU B 420 -3.67 21.15 -17.56
CA GLU B 420 -4.26 20.05 -18.32
C GLU B 420 -3.19 19.03 -18.68
N SER B 421 -1.96 19.50 -18.94
CA SER B 421 -0.87 18.55 -19.18
C SER B 421 -0.54 17.76 -17.92
N GLN B 422 -0.64 18.39 -16.75
CA GLN B 422 -0.49 17.64 -15.51
C GLN B 422 -1.56 16.57 -15.42
N TRP B 423 -2.81 16.94 -15.65
CA TRP B 423 -3.90 15.96 -15.68
C TRP B 423 -3.62 14.78 -16.61
N ALA B 424 -3.15 15.06 -17.83
CA ALA B 424 -2.87 14.01 -18.80
C ALA B 424 -1.77 13.08 -18.30
N THR B 425 -0.75 13.60 -17.63
CA THR B 425 0.34 12.73 -17.14
C THR B 425 -0.06 11.87 -15.95
N GLU B 426 -1.24 12.14 -15.37
CA GLU B 426 -1.71 11.37 -14.23
C GLU B 426 -2.35 10.06 -14.66
N TYR B 427 -2.57 9.89 -15.96
CA TYR B 427 -3.16 8.64 -16.44
C TYR B 427 -2.25 7.46 -16.11
N THR B 428 -2.83 6.30 -15.81
CA THR B 428 -2.04 5.22 -15.22
C THR B 428 -1.43 4.23 -16.19
N ALA B 429 -1.68 4.41 -17.49
CA ALA B 429 -1.00 3.57 -18.47
C ALA B 429 -0.22 4.45 -19.45
N ASN B 430 0.52 5.39 -18.87
CA ASN B 430 1.47 6.20 -19.65
C ASN B 430 2.81 5.46 -19.79
N PRO B 431 3.75 6.01 -20.59
CA PRO B 431 5.01 5.26 -20.70
C PRO B 431 5.65 4.96 -19.35
N THR B 432 5.55 5.88 -18.38
CA THR B 432 5.94 5.56 -17.00
C THR B 432 5.10 6.32 -16.00
N GLN B 433 4.69 5.68 -14.92
CA GLN B 433 3.79 6.38 -14.01
C GLN B 433 4.60 7.22 -13.03
N GLN B 434 5.93 7.19 -13.18
CA GLN B 434 6.82 8.03 -12.40
C GLN B 434 6.91 9.47 -12.90
N VAL B 435 6.40 9.75 -14.10
CA VAL B 435 6.55 11.09 -14.67
C VAL B 435 5.26 11.90 -14.55
N ASP B 436 5.33 13.01 -13.84
CA ASP B 436 4.26 14.00 -13.81
C ASP B 436 4.79 15.24 -14.50
N HIS B 437 3.93 16.00 -15.18
CA HIS B 437 4.33 17.30 -15.73
C HIS B 437 4.93 18.17 -14.64
N TRP B 438 4.30 18.22 -13.47
CA TRP B 438 4.59 19.31 -12.54
C TRP B 438 6.02 19.40 -12.03
N THR B 439 6.72 18.27 -11.95
CA THR B 439 8.06 18.33 -11.38
C THR B 439 9.06 19.04 -12.29
N GLU B 440 8.87 18.96 -13.59
CA GLU B 440 9.84 19.54 -14.54
C GLU B 440 9.94 21.09 -14.52
N PRO B 441 8.79 21.81 -14.55
CA PRO B 441 8.94 23.27 -14.42
C PRO B 441 9.62 23.71 -13.12
N LEU B 442 9.38 22.99 -12.03
CA LEU B 442 10.04 23.30 -10.77
C LEU B 442 11.55 23.07 -10.89
N ASP B 443 11.93 21.91 -11.42
CA ASP B 443 13.35 21.64 -11.67
C ASP B 443 14.01 22.77 -12.47
N TRP B 444 13.33 23.24 -13.53
CA TRP B 444 13.90 24.30 -14.36
C TRP B 444 14.00 25.61 -13.60
N PHE B 445 12.95 25.96 -12.87
CA PHE B 445 12.99 27.16 -12.03
C PHE B 445 14.19 27.15 -11.09
N ARG B 446 14.43 26.00 -10.46
CA ARG B 446 15.53 25.89 -9.51
C ARG B 446 16.89 25.91 -10.20
N ALA B 447 16.99 25.19 -11.31
CA ALA B 447 18.23 25.16 -12.10
C ALA B 447 18.59 26.53 -12.68
N LEU B 448 17.58 27.26 -13.19
CA LEU B 448 17.81 28.65 -13.60
C LEU B 448 18.30 29.49 -12.42
N ALA B 449 17.69 29.32 -11.25
CA ALA B 449 18.12 30.05 -10.06
C ALA B 449 19.57 29.72 -9.68
N ASP B 450 19.94 28.44 -9.82
CA ASP B 450 21.32 28.02 -9.58
C ASP B 450 22.32 28.80 -10.45
N ASN B 451 21.86 29.23 -11.62
CA ASN B 451 22.68 30.00 -12.55
C ASN B 451 22.42 31.51 -12.45
N GLY B 452 21.80 31.91 -11.35
CA GLY B 452 21.60 33.32 -11.06
C GLY B 452 20.46 33.95 -11.84
N ILE B 453 19.53 33.14 -12.32
CA ILE B 453 18.39 33.68 -13.07
C ILE B 453 17.08 33.44 -12.35
N THR B 454 16.30 34.50 -12.12
CA THR B 454 14.95 34.33 -11.58
C THR B 454 13.96 34.25 -12.74
N ALA B 455 13.34 33.09 -12.92
CA ALA B 455 12.36 32.91 -13.98
C ALA B 455 10.98 33.38 -13.54
N ASP B 456 10.08 33.58 -14.51
CA ASP B 456 8.66 33.72 -14.22
C ASP B 456 8.01 32.38 -14.60
N VAL B 457 7.14 31.86 -13.74
CA VAL B 457 6.33 30.69 -14.07
C VAL B 457 5.03 31.17 -14.73
N VAL B 458 4.84 30.80 -16.00
CA VAL B 458 3.77 31.37 -16.83
C VAL B 458 2.82 30.27 -17.33
N PRO B 459 1.53 30.37 -17.00
CA PRO B 459 0.55 29.38 -17.48
C PRO B 459 0.51 29.30 -19.02
N VAL B 460 0.26 28.11 -19.57
CA VAL B 460 0.42 27.87 -21.01
C VAL B 460 -0.47 28.79 -21.85
N ARG B 461 -1.61 29.21 -21.31
CA ARG B 461 -2.49 30.08 -22.09
C ARG B 461 -2.09 31.53 -22.04
N SER B 462 -1.17 31.86 -21.14
CA SER B 462 -0.73 33.24 -20.98
C SER B 462 0.43 33.56 -21.93
N ASP B 463 1.14 34.66 -21.69
CA ASP B 463 2.01 35.17 -22.75
C ASP B 463 3.49 34.77 -22.67
N TRP B 464 3.75 33.47 -22.52
CA TRP B 464 5.12 32.99 -22.49
C TRP B 464 5.83 33.29 -23.81
N ASP B 465 5.05 33.43 -24.89
CA ASP B 465 5.66 33.74 -26.19
C ASP B 465 6.02 35.22 -26.36
N SER B 466 5.80 36.04 -25.32
CA SER B 466 6.32 37.40 -25.33
C SER B 466 7.71 37.50 -24.71
N TYR B 467 8.23 36.39 -24.20
CA TYR B 467 9.51 36.41 -23.50
C TYR B 467 10.68 36.18 -24.44
N GLU B 468 11.87 36.62 -24.02
CA GLU B 468 13.09 36.35 -24.77
CA GLU B 468 13.07 36.34 -24.79
C GLU B 468 13.36 34.85 -24.86
N ILE B 469 13.16 34.16 -23.72
CA ILE B 469 13.43 32.72 -23.59
C ILE B 469 12.25 32.05 -22.91
N ALA B 470 11.86 30.87 -23.37
CA ALA B 470 10.76 30.13 -22.72
C ALA B 470 11.16 28.65 -22.58
N VAL B 471 10.58 27.93 -21.61
CA VAL B 471 10.84 26.52 -21.42
C VAL B 471 9.50 25.79 -21.50
N LEU B 472 9.43 24.72 -22.31
CA LEU B 472 8.29 23.81 -22.26
C LEU B 472 8.78 22.58 -21.50
N PRO B 473 8.44 22.49 -20.22
CA PRO B 473 8.94 21.40 -19.37
C PRO B 473 7.90 20.29 -19.19
N CYS B 474 8.09 19.19 -19.91
CA CYS B 474 7.12 18.09 -19.93
C CYS B 474 5.67 18.57 -20.21
N VAL B 475 5.48 19.40 -21.25
CA VAL B 475 4.12 19.88 -21.58
C VAL B 475 3.50 18.85 -22.52
N TYR B 476 2.98 17.79 -21.91
CA TYR B 476 2.55 16.58 -22.62
C TYR B 476 1.52 16.85 -23.73
N LEU B 477 0.56 17.72 -23.47
CA LEU B 477 -0.38 18.13 -24.52
C LEU B 477 0.09 19.36 -25.25
N LEU B 478 0.04 19.31 -26.59
CA LEU B 478 0.13 20.48 -27.43
C LEU B 478 -0.98 20.42 -28.48
N SER B 479 -1.96 21.32 -28.40
CA SER B 479 -3.02 21.39 -29.39
C SER B 479 -2.41 21.92 -30.67
N GLU B 480 -3.15 21.86 -31.77
CA GLU B 480 -2.68 22.50 -33.00
C GLU B 480 -2.35 23.99 -32.74
N GLU B 481 -3.21 24.70 -32.01
CA GLU B 481 -3.00 26.12 -31.72
CA GLU B 481 -2.95 26.12 -31.79
C GLU B 481 -1.72 26.39 -30.94
N THR B 482 -1.49 25.60 -29.88
CA THR B 482 -0.30 25.84 -29.09
C THR B 482 0.96 25.48 -29.90
N SER B 483 0.83 24.46 -30.75
CA SER B 483 1.95 24.06 -31.61
C SER B 483 2.29 25.18 -32.58
N ARG B 484 1.26 25.84 -33.11
CA ARG B 484 1.46 26.97 -34.01
C ARG B 484 2.14 28.11 -33.24
N ARG B 485 1.73 28.36 -31.99
CA ARG B 485 2.42 29.36 -31.18
C ARG B 485 3.90 29.05 -31.00
N VAL B 486 4.23 27.78 -30.76
CA VAL B 486 5.62 27.38 -30.58
C VAL B 486 6.43 27.64 -31.85
N ARG B 487 5.89 27.20 -32.97
CA ARG B 487 6.56 27.36 -34.27
C ARG B 487 6.80 28.84 -34.59
N GLU B 488 5.78 29.68 -34.42
CA GLU B 488 5.91 31.11 -34.67
C GLU B 488 6.89 31.76 -33.68
N PHE B 489 6.80 31.36 -32.41
CA PHE B 489 7.71 31.90 -31.40
C PHE B 489 9.17 31.70 -31.79
N VAL B 490 9.53 30.47 -32.18
CA VAL B 490 10.92 30.18 -32.52
C VAL B 490 11.30 30.76 -33.87
N ALA B 491 10.45 30.57 -34.87
CA ALA B 491 10.73 31.06 -36.22
C ALA B 491 11.04 32.56 -36.23
N ASN B 492 10.32 33.29 -35.37
CA ASN B 492 10.51 34.74 -35.31
C ASN B 492 11.75 35.19 -34.54
N GLY B 493 12.41 34.31 -33.81
CA GLY B 493 13.60 34.71 -33.08
C GLY B 493 13.63 34.32 -31.62
N GLY B 494 12.59 33.62 -31.17
CA GLY B 494 12.51 33.18 -29.79
C GLY B 494 13.54 32.11 -29.46
N LYS B 495 13.89 32.00 -28.19
CA LYS B 495 14.80 30.94 -27.72
C LYS B 495 14.00 30.01 -26.83
N LEU B 496 13.95 28.73 -27.21
CA LEU B 496 13.01 27.81 -26.59
C LEU B 496 13.70 26.54 -26.11
N PHE B 497 13.50 26.22 -24.83
CA PHE B 497 13.87 24.92 -24.30
C PHE B 497 12.66 23.98 -24.36
N VAL B 498 12.87 22.73 -24.79
CA VAL B 498 11.81 21.74 -24.86
C VAL B 498 12.32 20.42 -24.27
N THR B 499 11.52 19.73 -23.45
CA THR B 499 11.99 18.48 -22.82
C THR B 499 11.21 17.26 -23.29
N TYR B 500 11.75 16.07 -22.95
CA TYR B 500 11.03 14.80 -23.04
C TYR B 500 9.58 14.96 -22.50
N TYR B 501 8.66 14.12 -22.95
CA TYR B 501 7.27 14.17 -22.48
C TYR B 501 6.57 15.48 -22.84
N THR B 502 7.00 16.11 -23.93
CA THR B 502 6.34 17.33 -24.44
C THR B 502 5.76 17.05 -25.82
N GLY B 503 4.52 17.50 -26.03
CA GLY B 503 3.93 17.45 -27.35
C GLY B 503 3.66 16.03 -27.81
N LEU B 504 3.40 15.14 -26.86
CA LEU B 504 3.10 13.77 -27.24
C LEU B 504 1.72 13.66 -27.90
N SER B 505 0.76 14.44 -27.42
CA SER B 505 -0.64 14.33 -27.86
CA SER B 505 -0.59 14.35 -27.96
C SER B 505 -1.25 15.71 -28.08
N ASP B 506 -2.41 15.72 -28.76
CA ASP B 506 -3.21 16.94 -28.87
C ASP B 506 -4.07 17.07 -27.62
N GLU B 507 -5.00 18.01 -27.62
CA GLU B 507 -5.79 18.28 -26.41
C GLU B 507 -6.79 17.20 -26.01
N ASN B 508 -7.03 16.24 -26.89
CA ASN B 508 -7.91 15.12 -26.57
C ASN B 508 -7.14 13.85 -26.23
N ASP B 509 -5.85 14.01 -25.94
CA ASP B 509 -4.93 12.88 -25.79
C ASP B 509 -4.89 11.92 -27.00
N HIS B 510 -4.96 12.47 -28.22
CA HIS B 510 -4.64 11.72 -29.44
C HIS B 510 -3.18 11.95 -29.80
N ILE B 511 -2.44 10.86 -29.98
CA ILE B 511 -1.00 10.94 -30.25
C ILE B 511 -0.71 11.65 -31.56
N TRP B 512 0.26 12.55 -31.57
CA TRP B 512 0.73 13.13 -32.83
C TRP B 512 1.67 12.09 -33.44
N LEU B 513 1.34 11.61 -34.64
CA LEU B 513 2.07 10.49 -35.25
C LEU B 513 3.32 10.89 -36.03
N GLY B 514 4.14 9.91 -36.39
CA GLY B 514 5.26 10.13 -37.30
C GLY B 514 6.61 10.37 -36.64
N GLY B 515 6.66 10.31 -35.31
CA GLY B 515 7.89 10.62 -34.57
C GLY B 515 7.63 11.70 -33.51
N TYR B 516 7.98 11.41 -32.25
CA TYR B 516 7.71 12.39 -31.19
C TYR B 516 8.83 13.42 -31.25
N PRO B 517 8.53 14.69 -30.91
CA PRO B 517 7.20 15.27 -30.64
C PRO B 517 6.49 15.59 -31.95
N GLY B 518 5.35 14.93 -32.19
CA GLY B 518 4.79 14.88 -33.52
C GLY B 518 4.27 16.14 -34.15
N SER B 519 4.00 17.19 -33.35
CA SER B 519 3.50 18.44 -33.90
C SER B 519 4.58 19.52 -34.03
N ILE B 520 5.72 19.34 -33.35
CA ILE B 520 6.82 20.31 -33.39
C ILE B 520 8.25 19.75 -33.64
N ARG B 521 8.38 18.52 -34.14
CA ARG B 521 9.72 17.95 -34.28
C ARG B 521 10.55 18.73 -35.30
N ASP B 522 9.90 19.39 -36.25
CA ASP B 522 10.57 20.26 -37.22
CA ASP B 522 10.68 20.18 -37.18
C ASP B 522 11.23 21.46 -36.53
N VAL B 523 10.56 21.96 -35.48
CA VAL B 523 11.07 23.12 -34.75
C VAL B 523 12.31 22.78 -33.94
N VAL B 524 12.27 21.67 -33.21
CA VAL B 524 13.34 21.27 -32.32
C VAL B 524 14.42 20.45 -33.02
N GLY B 525 14.11 19.94 -34.21
CA GLY B 525 15.13 19.27 -35.02
C GLY B 525 15.55 17.92 -34.47
N VAL B 526 14.68 17.27 -33.70
CA VAL B 526 14.93 15.89 -33.29
C VAL B 526 13.73 15.03 -33.67
N ARG B 527 13.97 13.73 -33.82
CA ARG B 527 12.89 12.75 -33.99
C ARG B 527 13.08 11.58 -33.04
N VAL B 528 12.09 11.34 -32.17
CA VAL B 528 12.14 10.26 -31.20
C VAL B 528 11.23 9.11 -31.65
N GLU B 529 11.78 7.91 -31.77
CA GLU B 529 10.99 6.76 -32.26
C GLU B 529 10.41 5.95 -31.12
N GLU B 530 11.03 6.06 -29.96
CA GLU B 530 10.72 5.17 -28.87
C GLU B 530 11.24 5.81 -27.59
N PHE B 531 10.68 5.42 -26.45
CA PHE B 531 11.14 5.93 -25.17
C PHE B 531 11.90 4.83 -24.44
N ALA B 532 12.85 5.22 -23.59
CA ALA B 532 13.49 4.27 -22.69
C ALA B 532 13.30 4.71 -21.23
N PRO B 533 12.13 4.39 -20.65
CA PRO B 533 11.93 4.67 -19.24
C PRO B 533 12.94 3.93 -18.37
N MET B 534 13.15 4.42 -17.15
CA MET B 534 14.21 3.91 -16.28
C MET B 534 13.69 3.86 -14.87
N GLY B 535 14.28 2.99 -14.06
CA GLY B 535 13.84 2.90 -12.68
C GLY B 535 14.51 1.76 -11.96
N ASN B 536 14.07 1.49 -10.73
CA ASN B 536 14.69 0.42 -9.96
C ASN B 536 13.69 -0.63 -9.45
N ASP B 537 12.54 -0.74 -10.11
CA ASP B 537 11.51 -1.67 -9.65
C ASP B 537 11.59 -3.04 -10.32
N MET B 538 12.55 -3.23 -11.21
CA MET B 538 12.74 -4.55 -11.82
C MET B 538 14.22 -4.88 -11.80
N PRO B 539 14.57 -6.07 -11.29
CA PRO B 539 15.98 -6.45 -11.20
C PRO B 539 16.68 -6.38 -12.56
N GLY B 540 17.78 -5.65 -12.64
CA GLY B 540 18.55 -5.56 -13.87
C GLY B 540 18.04 -4.60 -14.93
N ALA B 541 16.93 -3.93 -14.65
CA ALA B 541 16.46 -2.92 -15.61
C ALA B 541 17.32 -1.66 -15.51
N LEU B 542 17.31 -0.86 -16.56
CA LEU B 542 18.09 0.38 -16.62
C LEU B 542 17.60 1.39 -15.56
N ASP B 543 18.47 1.92 -14.70
CA ASP B 543 18.02 2.86 -13.68
C ASP B 543 18.64 4.25 -13.82
N HIS B 544 19.57 4.40 -14.75
CA HIS B 544 20.16 5.71 -15.03
C HIS B 544 20.99 5.64 -16.29
N LEU B 545 21.26 6.81 -16.87
CA LEU B 545 22.18 6.92 -18.00
C LEU B 545 23.12 8.10 -17.74
N ASP B 546 24.42 7.84 -17.85
CA ASP B 546 25.41 8.92 -17.81
C ASP B 546 25.31 9.69 -19.10
N LEU B 547 25.44 11.01 -19.04
CA LEU B 547 25.58 11.83 -20.24
C LEU B 547 27.04 12.25 -20.32
N ASP B 548 27.54 12.47 -21.53
CA ASP B 548 28.95 12.78 -21.70
C ASP B 548 29.36 14.18 -21.25
N ASN B 549 28.41 14.99 -20.77
CA ASN B 549 28.78 16.28 -20.18
C ASN B 549 28.83 16.19 -18.66
N GLY B 550 28.81 14.98 -18.14
CA GLY B 550 29.01 14.77 -16.71
C GLY B 550 27.77 14.94 -15.87
N THR B 551 26.61 14.75 -16.48
CA THR B 551 25.34 14.75 -15.75
C THR B 551 24.72 13.35 -15.87
N VAL B 552 23.66 13.11 -15.12
CA VAL B 552 23.05 11.77 -15.07
C VAL B 552 21.54 11.86 -15.24
N ALA B 553 21.02 11.12 -16.22
CA ALA B 553 19.58 11.03 -16.41
C ALA B 553 18.98 9.95 -15.52
N HIS B 554 17.79 10.22 -14.98
CA HIS B 554 17.01 9.22 -14.27
C HIS B 554 15.59 9.17 -14.84
N ASP B 555 14.88 8.07 -14.57
CA ASP B 555 13.44 7.95 -14.84
C ASP B 555 13.00 7.86 -16.31
N PHE B 556 13.67 8.59 -17.20
CA PHE B 556 13.19 8.67 -18.58
C PHE B 556 14.24 9.22 -19.53
N ALA B 557 14.38 8.57 -20.68
CA ALA B 557 15.17 9.11 -21.81
C ALA B 557 14.45 8.83 -23.12
N ASP B 558 14.42 9.83 -23.99
CA ASP B 558 13.97 9.68 -25.38
C ASP B 558 15.00 8.93 -26.22
N VAL B 559 14.55 7.97 -27.02
CA VAL B 559 15.44 7.37 -28.02
C VAL B 559 15.41 8.22 -29.28
N ILE B 560 16.27 9.24 -29.32
CA ILE B 560 16.39 10.10 -30.48
C ILE B 560 17.14 9.35 -31.59
N THR B 561 16.55 9.24 -32.78
CA THR B 561 17.17 8.43 -33.83
C THR B 561 17.57 9.25 -35.06
N SER B 562 17.19 10.52 -35.08
CA SER B 562 17.71 11.41 -36.10
C SER B 562 17.64 12.85 -35.58
N THR B 563 18.55 13.68 -36.07
CA THR B 563 18.54 15.10 -35.77
C THR B 563 18.68 15.87 -37.07
N ALA B 564 18.18 17.10 -37.09
CA ALA B 564 18.19 17.90 -38.32
C ALA B 564 19.59 18.40 -38.72
N ASP B 565 19.76 18.73 -40.00
CA ASP B 565 21.01 19.28 -40.49
C ASP B 565 21.38 20.58 -39.80
N THR B 566 20.37 21.28 -39.29
CA THR B 566 20.57 22.56 -38.61
C THR B 566 20.89 22.40 -37.13
N SER B 567 20.94 21.15 -36.67
CA SER B 567 21.05 20.84 -35.25
C SER B 567 22.47 20.56 -34.81
N THR B 568 22.71 20.67 -33.51
CA THR B 568 23.98 20.34 -32.91
C THR B 568 23.78 19.50 -31.67
N VAL B 569 24.39 18.33 -31.62
CA VAL B 569 24.29 17.51 -30.43
C VAL B 569 25.19 18.09 -29.34
N LEU B 570 24.62 18.46 -28.20
CA LEU B 570 25.39 19.06 -27.13
C LEU B 570 25.84 18.01 -26.12
N ALA B 571 25.08 16.92 -26.00
CA ALA B 571 25.41 15.85 -25.05
C ALA B 571 24.76 14.56 -25.50
N SER B 572 25.42 13.43 -25.23
CA SER B 572 24.90 12.12 -25.63
C SER B 572 25.04 11.14 -24.48
N TYR B 573 24.25 10.06 -24.48
CA TYR B 573 24.36 9.07 -23.41
C TYR B 573 25.61 8.20 -23.58
N LYS B 574 26.09 7.69 -22.46
CA LYS B 574 27.13 6.66 -22.43
C LYS B 574 26.53 5.46 -21.72
N ALA B 575 26.54 4.31 -22.40
CA ALA B 575 25.84 3.14 -21.85
C ALA B 575 26.49 1.87 -22.35
N GLU B 576 26.18 0.75 -21.70
CA GLU B 576 26.60 -0.57 -22.21
C GLU B 576 26.00 -0.79 -23.57
N ARG B 577 26.76 -1.39 -24.48
CA ARG B 577 26.33 -1.45 -25.87
C ARG B 577 24.97 -2.16 -26.08
N TRP B 578 24.71 -3.20 -25.30
CA TRP B 578 23.51 -4.02 -25.52
C TRP B 578 22.21 -3.27 -25.18
N THR B 579 22.34 -2.16 -24.44
CA THR B 579 21.17 -1.34 -24.08
C THR B 579 20.61 -0.57 -25.27
N GLY B 580 21.44 -0.39 -26.30
CA GLY B 580 21.02 0.40 -27.43
C GLY B 580 21.09 1.90 -27.18
N MET B 581 21.45 2.31 -25.95
CA MET B 581 21.44 3.75 -25.61
C MET B 581 22.80 4.47 -25.77
N ASN B 582 23.88 3.72 -25.97
CA ASN B 582 25.19 4.38 -26.13
C ASN B 582 25.23 5.31 -27.34
N GLU B 583 25.77 6.51 -27.13
CA GLU B 583 25.89 7.56 -28.14
CA GLU B 583 25.89 7.54 -28.17
C GLU B 583 24.56 8.09 -28.70
N VAL B 584 23.45 7.73 -28.08
CA VAL B 584 22.16 8.32 -28.49
C VAL B 584 22.14 9.79 -28.01
N PRO B 585 21.71 10.72 -28.87
CA PRO B 585 21.67 12.12 -28.42
C PRO B 585 20.76 12.35 -27.21
N ALA B 586 21.22 13.19 -26.29
CA ALA B 586 20.53 13.48 -25.03
C ALA B 586 20.10 14.93 -24.97
N ILE B 587 20.98 15.82 -25.41
CA ILE B 587 20.67 17.25 -25.46
C ILE B 587 20.99 17.77 -26.85
N VAL B 588 20.03 18.34 -27.56
CA VAL B 588 20.28 18.72 -28.95
C VAL B 588 19.87 20.17 -29.21
N ALA B 589 20.79 20.99 -29.72
CA ALA B 589 20.49 22.37 -30.06
C ALA B 589 20.03 22.46 -31.49
N ASN B 590 19.18 23.44 -31.80
CA ASN B 590 18.76 23.61 -33.18
C ASN B 590 18.54 25.07 -33.55
N GLY B 591 18.72 25.37 -34.84
CA GLY B 591 18.29 26.65 -35.39
C GLY B 591 17.05 26.45 -36.24
N TYR B 592 16.05 27.30 -36.06
CA TYR B 592 14.82 27.22 -36.83
C TYR B 592 14.36 28.63 -37.11
N GLY B 593 14.26 29.01 -38.37
CA GLY B 593 13.96 30.40 -38.70
C GLY B 593 15.05 31.26 -38.08
N ASP B 594 14.66 32.33 -37.40
CA ASP B 594 15.63 33.20 -36.75
C ASP B 594 15.86 32.87 -35.27
N GLY B 595 15.26 31.77 -34.80
CA GLY B 595 15.35 31.42 -33.39
C GLY B 595 16.23 30.22 -33.07
N ARG B 596 16.29 29.86 -31.79
CA ARG B 596 17.13 28.77 -31.34
C ARG B 596 16.36 27.88 -30.38
N THR B 597 16.59 26.57 -30.45
CA THR B 597 15.97 25.66 -29.49
C THR B 597 17.06 24.82 -28.85
N VAL B 598 16.73 24.26 -27.68
CA VAL B 598 17.52 23.17 -27.10
C VAL B 598 16.53 22.14 -26.60
N TYR B 599 16.70 20.90 -27.05
CA TYR B 599 15.82 19.81 -26.66
C TYR B 599 16.54 18.91 -25.67
N VAL B 600 15.93 18.69 -24.51
CA VAL B 600 16.56 17.85 -23.48
C VAL B 600 15.74 16.59 -23.41
N GLY B 601 16.30 15.50 -23.93
CA GLY B 601 15.51 14.28 -24.12
C GLY B 601 15.46 13.38 -22.91
N CYS B 602 15.73 13.95 -21.74
CA CYS B 602 15.79 13.17 -20.52
C CYS B 602 15.59 14.02 -19.27
N ARG B 603 15.29 13.35 -18.15
CA ARG B 603 15.16 14.05 -16.85
C ARG B 603 16.54 14.20 -16.19
N LEU B 604 17.03 15.43 -16.15
CA LEU B 604 18.32 15.74 -15.54
C LEU B 604 18.21 16.27 -14.12
N GLY B 605 16.98 16.60 -13.70
CA GLY B 605 16.77 17.12 -12.36
C GLY B 605 17.33 18.52 -12.23
N ARG B 606 17.11 19.14 -11.08
CA ARG B 606 17.68 20.45 -10.80
C ARG B 606 19.20 20.44 -11.01
N GLN B 607 19.86 19.41 -10.49
CA GLN B 607 21.32 19.40 -10.52
C GLN B 607 21.87 19.27 -11.94
N GLY B 608 21.31 18.36 -12.74
CA GLY B 608 21.85 18.14 -14.08
C GLY B 608 21.50 19.29 -15.00
N LEU B 609 20.34 19.90 -14.79
CA LEU B 609 19.94 21.05 -15.62
C LEU B 609 20.84 22.24 -15.27
N ALA B 610 21.08 22.45 -13.97
CA ALA B 610 21.95 23.56 -13.55
C ALA B 610 23.36 23.46 -14.13
N LYS B 611 23.92 22.25 -14.11
CA LYS B 611 25.26 22.03 -14.68
C LYS B 611 25.27 22.22 -16.21
N SER B 612 24.19 21.80 -16.86
CA SER B 612 24.10 21.85 -18.32
C SER B 612 23.72 23.22 -18.87
N LEU B 613 23.13 24.06 -18.03
CA LEU B 613 22.57 25.32 -18.52
C LEU B 613 23.57 26.26 -19.24
N PRO B 614 24.80 26.42 -18.70
CA PRO B 614 25.73 27.30 -19.44
C PRO B 614 25.99 26.84 -20.89
N ALA B 615 26.18 25.55 -21.12
CA ALA B 615 26.38 25.09 -22.51
C ALA B 615 25.12 25.24 -23.36
N MET B 616 23.95 25.05 -22.74
CA MET B 616 22.70 25.10 -23.48
C MET B 616 22.40 26.54 -23.84
N LEU B 617 22.60 27.45 -22.88
CA LEU B 617 22.39 28.87 -23.11
C LEU B 617 23.40 29.36 -24.15
N GLY B 618 24.62 28.83 -24.10
CA GLY B 618 25.63 29.17 -25.08
C GLY B 618 25.21 28.86 -26.50
N SER B 619 24.60 27.70 -26.69
CA SER B 619 24.21 27.31 -28.04
C SER B 619 23.12 28.24 -28.58
N MET B 620 22.42 28.92 -27.66
CA MET B 620 21.38 29.87 -28.05
C MET B 620 21.92 31.28 -28.26
N GLY B 621 23.24 31.44 -28.13
CA GLY B 621 23.86 32.74 -28.33
C GLY B 621 23.88 33.60 -27.07
N LEU B 622 23.71 32.96 -25.91
CA LEU B 622 23.74 33.65 -24.63
C LEU B 622 24.92 33.18 -23.77
N SER B 623 25.97 33.99 -23.69
CA SER B 623 27.10 33.69 -22.80
C SER B 623 26.88 34.33 -21.42
N GLY B 627 25.48 34.28 -13.31
CA GLY B 627 25.05 34.99 -12.12
C GLY B 627 25.24 34.17 -10.87
N ASP B 628 25.02 34.80 -9.72
CA ASP B 628 25.28 34.16 -8.43
C ASP B 628 24.05 33.38 -7.97
N GLY B 629 24.17 32.05 -7.97
CA GLY B 629 23.04 31.20 -7.63
C GLY B 629 22.86 30.96 -6.14
N ARG B 630 23.72 31.55 -5.31
CA ARG B 630 23.64 31.30 -3.86
C ARG B 630 22.47 32.09 -3.29
N VAL B 631 22.04 33.11 -4.01
CA VAL B 631 20.91 33.90 -3.57
C VAL B 631 19.86 33.98 -4.66
N LEU B 632 18.62 34.18 -4.26
CA LEU B 632 17.59 34.54 -5.23
C LEU B 632 17.34 36.03 -5.12
N ARG B 633 17.40 36.73 -6.25
CA ARG B 633 17.09 38.17 -6.28
C ARG B 633 15.80 38.39 -7.05
N VAL B 634 14.83 39.04 -6.39
CA VAL B 634 13.52 39.23 -6.98
C VAL B 634 13.20 40.72 -6.87
N GLU B 635 12.68 41.32 -7.94
CA GLU B 635 12.40 42.75 -7.93
C GLU B 635 10.96 43.10 -8.20
N ARG B 636 10.48 44.14 -7.53
CA ARG B 636 9.21 44.78 -7.85
C ARG B 636 9.48 46.23 -8.18
N ALA B 637 8.65 46.83 -9.03
CA ALA B 637 8.89 48.22 -9.39
C ALA B 637 7.59 48.93 -9.71
N ASP B 638 7.60 50.26 -9.53
CA ASP B 638 6.60 51.23 -10.00
C ASP B 638 5.59 50.63 -10.95
N SER B 643 10.27 54.16 -7.92
CA SER B 643 10.44 53.18 -6.84
C SER B 643 10.82 51.79 -7.37
N HIS B 644 11.87 51.24 -6.80
CA HIS B 644 12.35 49.92 -7.17
CA HIS B 644 12.36 49.92 -7.17
C HIS B 644 12.70 49.16 -5.90
N PHE B 645 12.16 47.95 -5.76
CA PHE B 645 12.46 47.13 -4.58
C PHE B 645 13.11 45.81 -4.97
N GLU B 646 14.18 45.43 -4.25
CA GLU B 646 14.85 44.17 -4.49
C GLU B 646 14.83 43.33 -3.22
N PHE B 647 14.40 42.08 -3.36
CA PHE B 647 14.35 41.15 -2.25
C PHE B 647 15.43 40.10 -2.50
N VAL B 648 16.33 39.90 -1.54
CA VAL B 648 17.47 38.97 -1.73
C VAL B 648 17.40 37.87 -0.67
N PHE B 649 17.38 36.61 -1.12
CA PHE B 649 17.20 35.47 -0.22
C PHE B 649 18.39 34.53 -0.31
N ASN B 650 18.92 34.11 0.84
CA ASN B 650 19.96 33.07 0.86
C ASN B 650 19.29 31.74 0.56
N ARG B 651 19.76 31.04 -0.47
CA ARG B 651 19.20 29.74 -0.84
C ARG B 651 19.99 28.59 -0.21
N THR B 652 21.07 28.92 0.49
CA THR B 652 22.02 27.90 0.94
C THR B 652 22.01 27.67 2.45
N HIS B 653 22.86 26.75 2.92
CA HIS B 653 22.97 26.40 4.34
C HIS B 653 24.09 27.16 5.03
N GLU B 654 24.76 28.02 4.31
CA GLU B 654 25.83 28.82 4.90
C GLU B 654 25.58 30.31 4.67
N PRO B 655 26.11 31.15 5.57
CA PRO B 655 26.01 32.60 5.40
C PRO B 655 26.67 33.04 4.09
N VAL B 656 26.10 34.07 3.47
CA VAL B 656 26.71 34.62 2.27
C VAL B 656 26.77 36.14 2.43
N THR B 657 27.73 36.77 1.77
CA THR B 657 27.83 38.22 1.75
C THR B 657 27.79 38.65 0.31
N VAL B 658 26.81 39.47 -0.04
CA VAL B 658 26.64 39.88 -1.43
C VAL B 658 26.46 41.38 -1.55
N ASP B 659 26.78 41.92 -2.73
CA ASP B 659 26.55 43.33 -2.99
C ASP B 659 25.08 43.62 -3.18
N VAL B 660 24.61 44.69 -2.55
CA VAL B 660 23.23 45.14 -2.73
C VAL B 660 23.19 46.67 -2.86
N GLU B 661 22.42 47.18 -3.82
CA GLU B 661 22.30 48.62 -4.01
C GLU B 661 21.02 49.16 -3.38
N GLY B 662 21.11 50.35 -2.80
CA GLY B 662 19.93 51.02 -2.29
C GLY B 662 19.85 51.06 -0.79
N GLU B 663 18.69 51.43 -0.27
CA GLU B 663 18.48 51.59 1.16
C GLU B 663 17.83 50.32 1.71
N ALA B 664 18.42 49.76 2.76
CA ALA B 664 17.85 48.59 3.41
C ALA B 664 16.56 48.98 4.13
N ILE B 665 15.46 48.32 3.78
CA ILE B 665 14.16 48.57 4.41
C ILE B 665 13.77 47.48 5.42
N ALA B 666 14.23 46.24 5.15
CA ALA B 666 13.94 45.12 6.04
C ALA B 666 15.07 44.11 5.97
N ALA B 667 15.34 43.44 7.09
CA ALA B 667 16.39 42.42 7.12
C ALA B 667 16.03 41.41 8.20
N SER B 668 16.09 40.12 7.87
CA SER B 668 15.78 39.09 8.86
C SER B 668 16.85 38.03 8.73
N LEU B 669 17.44 37.64 9.86
CA LEU B 669 18.58 36.71 9.88
C LEU B 669 19.62 37.17 8.87
N ALA B 670 19.90 38.47 8.90
CA ALA B 670 20.77 39.12 7.95
C ALA B 670 21.02 40.55 8.39
N HIS B 671 22.07 41.15 7.87
CA HIS B 671 22.28 42.57 8.11
C HIS B 671 22.96 43.19 6.90
N VAL B 672 22.57 44.43 6.60
CA VAL B 672 23.12 45.15 5.45
C VAL B 672 24.01 46.27 5.97
N ASP B 673 25.26 46.29 5.51
CA ASP B 673 26.21 47.33 5.89
C ASP B 673 26.91 47.94 4.68
N ASP B 674 26.56 49.17 4.35
CA ASP B 674 27.34 49.96 3.39
C ASP B 674 27.43 49.32 2.01
N GLY B 675 26.34 48.73 1.55
CA GLY B 675 26.33 48.13 0.22
C GLY B 675 26.54 46.63 0.19
N ARG B 676 26.83 46.05 1.36
CA ARG B 676 27.05 44.61 1.48
C ARG B 676 25.98 43.97 2.38
N ALA B 677 25.38 42.88 1.92
CA ALA B 677 24.39 42.19 2.73
C ALA B 677 24.98 40.89 3.23
N THR B 678 25.04 40.72 4.55
CA THR B 678 25.44 39.44 5.08
C THR B 678 24.16 38.70 5.45
N ILE B 679 23.89 37.62 4.71
CA ILE B 679 22.62 36.92 4.83
C ILE B 679 22.85 35.50 5.34
N ASP B 680 22.31 35.21 6.53
CA ASP B 680 22.48 33.89 7.10
C ASP B 680 21.49 32.95 6.42
N PRO B 681 21.63 31.64 6.66
CA PRO B 681 20.62 30.73 6.09
C PRO B 681 19.21 31.10 6.54
N THR B 682 18.23 30.93 5.65
CA THR B 682 16.84 31.30 5.93
C THR B 682 16.69 32.82 6.09
N GLY B 683 17.72 33.57 5.69
CA GLY B 683 17.67 35.02 5.78
C GLY B 683 17.22 35.73 4.52
N VAL B 684 16.88 37.01 4.67
CA VAL B 684 16.38 37.84 3.58
C VAL B 684 16.68 39.31 3.86
N VAL B 685 17.04 40.06 2.82
CA VAL B 685 17.09 41.51 2.92
C VAL B 685 16.23 42.13 1.83
N VAL B 686 15.67 43.30 2.11
CA VAL B 686 14.88 44.04 1.13
C VAL B 686 15.44 45.45 1.02
N LEU B 687 15.68 45.89 -0.21
CA LEU B 687 16.29 47.19 -0.45
C LEU B 687 15.38 48.03 -1.33
N ARG B 688 15.42 49.34 -1.10
CA ARG B 688 14.72 50.28 -1.96
C ARG B 688 15.78 51.19 -2.53
N ARG B 689 15.79 51.41 -3.84
CA ARG B 689 16.78 52.32 -4.39
C ARG B 689 16.17 53.53 -5.06
N LYS C 3 -15.78 -2.94 43.64
CA LYS C 3 -16.13 -2.90 42.22
C LYS C 3 -15.40 -3.99 41.45
N ARG C 4 -14.15 -4.28 41.84
CA ARG C 4 -13.43 -5.44 41.31
C ARG C 4 -14.06 -6.73 41.82
N ARG C 5 -14.12 -7.74 40.97
CA ARG C 5 -14.61 -9.03 41.43
C ARG C 5 -13.58 -9.65 42.36
N LYS C 6 -14.05 -10.39 43.34
CA LYS C 6 -13.15 -11.11 44.23
C LYS C 6 -12.39 -12.15 43.42
N HIS C 7 -11.06 -12.16 43.58
CA HIS C 7 -10.22 -13.16 42.91
C HIS C 7 -10.69 -14.57 43.23
N SER C 8 -10.82 -15.40 42.19
CA SER C 8 -11.23 -16.79 42.38
C SER C 8 -10.58 -17.64 41.30
N TRP C 9 -9.79 -18.62 41.72
CA TRP C 9 -8.92 -19.34 40.81
C TRP C 9 -9.44 -20.75 40.62
N PRO C 10 -9.34 -21.31 39.41
CA PRO C 10 -9.82 -22.67 39.13
C PRO C 10 -9.19 -23.70 40.06
N GLN C 11 -10.03 -24.55 40.65
CA GLN C 11 -9.61 -25.46 41.70
C GLN C 11 -9.36 -26.88 41.17
N PRO C 12 -8.60 -27.70 41.91
CA PRO C 12 -8.28 -29.04 41.39
C PRO C 12 -9.51 -29.96 41.26
N LEU C 13 -9.36 -31.03 40.49
CA LEU C 13 -10.36 -32.08 40.39
C LEU C 13 -10.37 -32.86 41.71
N LYS C 14 -11.45 -33.59 42.00
CA LYS C 14 -11.46 -34.44 43.19
C LYS C 14 -10.27 -35.41 43.19
N GLY C 15 -9.66 -35.62 44.34
CA GLY C 15 -8.54 -36.54 44.44
C GLY C 15 -7.21 -35.95 43.98
N ALA C 16 -7.27 -34.72 43.43
CA ALA C 16 -6.07 -34.01 42.99
C ALA C 16 -5.68 -32.89 43.96
N GLU C 17 -4.41 -32.49 43.92
CA GLU C 17 -3.92 -31.40 44.76
C GLU C 17 -3.71 -30.13 43.95
N SER C 18 -3.40 -29.04 44.65
CA SER C 18 -3.20 -27.74 44.04
C SER C 18 -1.89 -27.69 43.25
N ARG C 19 -1.96 -27.32 41.97
CA ARG C 19 -0.77 -27.35 41.10
C ARG C 19 -0.81 -26.23 40.07
N LEU C 20 0.36 -25.84 39.54
CA LEU C 20 0.38 -24.99 38.35
C LEU C 20 -0.38 -25.66 37.22
N TRP C 21 -1.32 -24.94 36.61
CA TRP C 21 -2.11 -25.47 35.50
C TRP C 21 -1.25 -25.45 34.23
N TYR C 22 -1.40 -26.49 33.40
CA TYR C 22 -0.61 -26.62 32.16
C TYR C 22 -1.46 -27.29 31.09
N GLY C 23 -1.49 -26.71 29.89
CA GLY C 23 -2.19 -27.37 28.81
C GLY C 23 -2.44 -26.37 27.69
N GLY C 24 -3.62 -26.37 27.13
CA GLY C 24 -3.95 -25.47 26.04
C GLY C 24 -5.31 -25.72 25.41
N ASP C 25 -5.60 -24.98 24.33
CA ASP C 25 -6.86 -25.13 23.62
C ASP C 25 -6.95 -26.55 23.08
N TYR C 26 -8.10 -27.20 23.26
CA TYR C 26 -8.26 -28.57 22.80
C TYR C 26 -9.54 -28.64 21.99
N ASN C 27 -9.47 -29.23 20.80
CA ASN C 27 -10.61 -29.23 19.90
C ASN C 27 -10.90 -30.61 19.35
N PRO C 28 -11.43 -31.50 20.21
CA PRO C 28 -11.77 -32.86 19.81
C PRO C 28 -12.76 -32.89 18.64
N ASP C 29 -13.57 -31.85 18.46
CA ASP C 29 -14.55 -31.85 17.36
C ASP C 29 -13.91 -31.69 15.97
N GLN C 30 -12.63 -31.33 15.93
CA GLN C 30 -11.89 -31.26 14.67
C GLN C 30 -11.22 -32.58 14.29
N TRP C 31 -11.29 -33.57 15.19
CA TRP C 31 -10.61 -34.83 14.91
C TRP C 31 -11.55 -36.03 15.05
N PRO C 32 -11.32 -37.09 14.25
CA PRO C 32 -12.12 -38.30 14.42
C PRO C 32 -12.03 -38.75 15.86
N GLU C 33 -13.14 -39.24 16.41
CA GLU C 33 -13.22 -39.56 17.82
C GLU C 33 -12.14 -40.57 18.22
N GLU C 34 -11.74 -41.41 17.25
CA GLU C 34 -10.67 -42.38 17.42
CA GLU C 34 -10.69 -42.39 17.48
C GLU C 34 -9.39 -41.72 17.98
N VAL C 35 -9.11 -40.50 17.51
CA VAL C 35 -7.88 -39.78 17.88
C VAL C 35 -7.78 -39.39 19.36
N TRP C 36 -8.92 -39.22 20.02
CA TRP C 36 -8.95 -38.69 21.39
C TRP C 36 -8.11 -39.52 22.39
N ASP C 37 -8.13 -40.85 22.25
CA ASP C 37 -7.35 -41.69 23.16
C ASP C 37 -5.85 -41.37 23.05
N ASP C 38 -5.40 -41.05 21.84
CA ASP C 38 -4.02 -40.64 21.58
C ASP C 38 -3.72 -39.29 22.24
N ASP C 39 -4.68 -38.36 22.18
CA ASP C 39 -4.52 -37.08 22.85
C ASP C 39 -4.30 -37.30 24.34
N ILE C 40 -5.14 -38.14 24.93
CA ILE C 40 -5.04 -38.41 26.38
C ILE C 40 -3.68 -39.03 26.73
N ARG C 41 -3.20 -39.97 25.92
CA ARG C 41 -1.89 -40.57 26.15
C ARG C 41 -0.77 -39.51 26.10
N LEU C 42 -0.78 -38.68 25.07
CA LEU C 42 0.24 -37.65 24.93
C LEU C 42 0.13 -36.56 26.00
N MET C 43 -1.09 -36.22 26.40
CA MET C 43 -1.31 -35.24 27.46
C MET C 43 -0.70 -35.70 28.78
N LYS C 44 -0.96 -36.95 29.14
CA LYS C 44 -0.39 -37.51 30.37
C LYS C 44 1.12 -37.48 30.32
N LYS C 45 1.68 -37.83 29.17
CA LYS C 45 3.12 -37.83 28.98
C LYS C 45 3.70 -36.43 29.15
N ALA C 46 2.95 -35.41 28.73
CA ALA C 46 3.44 -34.03 28.77
C ALA C 46 3.22 -33.32 30.12
N GLY C 47 2.48 -33.95 31.03
CA GLY C 47 2.14 -33.30 32.28
C GLY C 47 1.02 -32.28 32.11
N VAL C 48 0.21 -32.46 31.06
CA VAL C 48 -0.96 -31.59 30.91
C VAL C 48 -2.03 -31.94 31.95
N ASN C 49 -2.57 -30.92 32.60
CA ASN C 49 -3.62 -31.13 33.60
C ASN C 49 -4.87 -30.22 33.41
N LEU C 50 -4.85 -29.39 32.36
CA LEU C 50 -6.00 -28.55 32.06
C LEU C 50 -6.07 -28.24 30.58
N VAL C 51 -7.24 -28.39 29.98
CA VAL C 51 -7.43 -27.95 28.59
C VAL C 51 -8.68 -27.10 28.44
N SER C 52 -8.74 -26.28 27.41
CA SER C 52 -9.87 -25.38 27.20
C SER C 52 -10.65 -25.87 25.99
N VAL C 53 -11.91 -26.23 26.21
CA VAL C 53 -12.67 -26.99 25.23
C VAL C 53 -13.96 -26.28 24.77
N GLY C 54 -14.29 -26.43 23.48
CA GLY C 54 -15.55 -25.97 22.94
C GLY C 54 -15.60 -24.52 22.48
N ILE C 55 -14.44 -23.88 22.36
CA ILE C 55 -14.39 -22.43 22.17
C ILE C 55 -15.11 -21.97 20.91
N PHE C 56 -14.94 -22.71 19.82
CA PHE C 56 -15.67 -22.43 18.57
C PHE C 56 -16.61 -23.56 18.18
N SER C 57 -17.26 -24.17 19.17
CA SER C 57 -18.09 -25.35 18.94
C SER C 57 -19.61 -25.08 18.79
N TRP C 58 -20.00 -23.83 18.61
CA TRP C 58 -21.42 -23.48 18.50
C TRP C 58 -22.15 -24.33 17.45
N ALA C 59 -21.55 -24.48 16.27
CA ALA C 59 -22.23 -25.20 15.19
C ALA C 59 -22.31 -26.69 15.46
N LYS C 60 -21.47 -27.20 16.37
CA LYS C 60 -21.55 -28.61 16.74
C LYS C 60 -22.52 -28.82 17.89
N ILE C 61 -22.54 -27.88 18.82
CA ILE C 61 -23.45 -27.97 19.98
C ILE C 61 -24.89 -27.64 19.61
N GLU C 62 -25.09 -26.62 18.77
CA GLU C 62 -26.39 -26.26 18.23
C GLU C 62 -26.35 -26.35 16.68
N PRO C 63 -26.44 -27.57 16.14
CA PRO C 63 -26.19 -27.76 14.69
C PRO C 63 -27.27 -27.19 13.79
N GLU C 64 -28.48 -27.00 14.31
CA GLU C 64 -29.51 -26.22 13.64
C GLU C 64 -30.27 -25.51 14.75
N GLU C 65 -31.06 -24.52 14.40
CA GLU C 65 -31.67 -23.67 15.43
C GLU C 65 -32.57 -24.48 16.34
N GLY C 66 -32.35 -24.34 17.65
CA GLY C 66 -33.21 -24.97 18.64
C GLY C 66 -32.98 -26.46 18.84
N LYS C 67 -31.95 -27.01 18.20
CA LYS C 67 -31.56 -28.41 18.41
C LYS C 67 -30.17 -28.46 19.03
N TYR C 68 -30.02 -29.23 20.10
CA TYR C 68 -28.76 -29.27 20.85
C TYR C 68 -28.19 -30.68 20.89
N ASP C 69 -26.87 -30.77 20.71
CA ASP C 69 -26.18 -32.05 20.66
C ASP C 69 -24.97 -31.99 21.59
N PHE C 70 -25.12 -32.53 22.81
CA PHE C 70 -24.06 -32.47 23.84
C PHE C 70 -23.21 -33.74 23.96
N ASP C 71 -23.70 -34.87 23.44
CA ASP C 71 -23.07 -36.18 23.70
C ASP C 71 -21.57 -36.25 23.41
N TRP C 72 -21.17 -35.78 22.22
CA TRP C 72 -19.79 -35.83 21.78
C TRP C 72 -18.92 -35.11 22.81
N LEU C 73 -19.46 -34.02 23.35
CA LEU C 73 -18.69 -33.13 24.23
C LEU C 73 -18.67 -33.74 25.63
N ASP C 74 -19.77 -34.36 26.01
CA ASP C 74 -19.84 -35.09 27.28
C ASP C 74 -18.80 -36.21 27.27
N ARG C 75 -18.70 -36.94 26.16
CA ARG C 75 -17.71 -38.02 26.06
C ARG C 75 -16.28 -37.48 26.12
N ALA C 76 -16.02 -36.39 25.41
CA ALA C 76 -14.68 -35.80 25.41
C ALA C 76 -14.29 -35.35 26.82
N ILE C 77 -15.19 -34.62 27.47
CA ILE C 77 -14.95 -34.14 28.82
C ILE C 77 -14.74 -35.29 29.81
N ASP C 78 -15.54 -36.35 29.68
CA ASP C 78 -15.39 -37.50 30.56
CA ASP C 78 -15.40 -37.54 30.54
C ASP C 78 -14.06 -38.21 30.33
N LYS C 79 -13.63 -38.27 29.08
CA LYS C 79 -12.38 -38.93 28.76
C LYS C 79 -11.20 -38.17 29.40
N LEU C 80 -11.25 -36.85 29.33
CA LEU C 80 -10.23 -35.99 29.91
C LEU C 80 -10.23 -36.12 31.44
N GLY C 81 -11.42 -35.98 32.02
CA GLY C 81 -11.56 -35.95 33.47
C GLY C 81 -11.13 -37.21 34.19
N LYS C 82 -11.51 -38.37 33.64
CA LYS C 82 -11.13 -39.63 34.26
C LYS C 82 -9.64 -39.91 34.10
N ALA C 83 -8.98 -39.16 33.20
CA ALA C 83 -7.52 -39.21 33.07
C ALA C 83 -6.82 -38.20 33.97
N GLY C 84 -7.60 -37.45 34.75
CA GLY C 84 -7.03 -36.45 35.65
C GLY C 84 -6.76 -35.12 34.99
N ILE C 85 -7.39 -34.87 33.85
CA ILE C 85 -7.22 -33.59 33.15
C ILE C 85 -8.48 -32.76 33.29
N ALA C 86 -8.32 -31.55 33.82
CA ALA C 86 -9.43 -30.67 34.15
C ALA C 86 -9.86 -29.94 32.89
N VAL C 87 -11.08 -29.43 32.88
CA VAL C 87 -11.62 -28.73 31.71
C VAL C 87 -12.02 -27.29 32.04
N ASP C 88 -11.43 -26.36 31.28
CA ASP C 88 -11.89 -24.98 31.22
C ASP C 88 -12.91 -24.93 30.08
N LEU C 89 -14.19 -24.85 30.43
CA LEU C 89 -15.27 -25.01 29.46
C LEU C 89 -15.65 -23.68 28.83
N ALA C 90 -15.63 -23.59 27.49
CA ALA C 90 -16.12 -22.35 26.86
C ALA C 90 -17.64 -22.23 26.84
N SER C 91 -18.11 -20.99 26.71
CA SER C 91 -19.51 -20.73 26.46
C SER C 91 -19.86 -21.19 25.03
N ALA C 92 -18.83 -21.29 24.18
CA ALA C 92 -18.96 -21.62 22.75
C ALA C 92 -19.57 -20.48 21.94
N THR C 93 -19.72 -19.31 22.56
CA THR C 93 -20.38 -18.20 21.89
C THR C 93 -19.47 -17.30 21.05
N ALA C 94 -18.22 -17.73 20.84
CA ALA C 94 -17.23 -16.92 20.11
C ALA C 94 -17.65 -16.59 18.67
N SER C 95 -18.33 -17.51 18.02
CA SER C 95 -18.65 -17.28 16.62
C SER C 95 -19.85 -18.14 16.23
N PRO C 96 -20.83 -17.55 15.52
CA PRO C 96 -22.10 -18.24 15.25
C PRO C 96 -22.11 -19.18 14.04
N PRO C 97 -23.05 -20.12 14.03
CA PRO C 97 -23.14 -21.04 12.90
C PRO C 97 -23.71 -20.40 11.64
N MET C 98 -23.48 -21.04 10.50
CA MET C 98 -24.00 -20.56 9.22
CA MET C 98 -23.99 -20.53 9.23
C MET C 98 -25.52 -20.44 9.23
N TRP C 99 -26.20 -21.40 9.85
CA TRP C 99 -27.68 -21.33 9.90
C TRP C 99 -28.15 -20.03 10.54
N LEU C 100 -27.43 -19.62 11.59
CA LEU C 100 -27.76 -18.40 12.33
C LEU C 100 -27.59 -17.17 11.45
N THR C 101 -26.45 -17.06 10.79
CA THR C 101 -26.20 -15.86 10.00
C THR C 101 -27.02 -15.84 8.72
N GLN C 102 -27.35 -17.00 8.19
CA GLN C 102 -28.17 -17.08 6.98
C GLN C 102 -29.57 -16.60 7.32
N ALA C 103 -30.05 -17.02 8.48
CA ALA C 103 -31.40 -16.66 8.92
C ALA C 103 -31.43 -15.21 9.38
N HIS C 104 -30.30 -14.73 9.88
CA HIS C 104 -30.26 -13.41 10.50
C HIS C 104 -29.03 -12.63 10.09
N PRO C 105 -29.01 -12.14 8.84
CA PRO C 105 -27.88 -11.35 8.34
C PRO C 105 -27.69 -10.08 9.16
N GLU C 106 -28.74 -9.66 9.88
CA GLU C 106 -28.62 -8.46 10.71
C GLU C 106 -27.63 -8.60 11.86
N VAL C 107 -27.12 -9.81 12.13
CA VAL C 107 -26.09 -9.93 13.16
C VAL C 107 -24.70 -9.52 12.64
N LEU C 108 -24.50 -9.48 11.33
CA LEU C 108 -23.18 -9.23 10.78
C LEU C 108 -22.73 -7.77 10.94
N TRP C 109 -21.48 -7.54 11.35
CA TRP C 109 -21.03 -6.15 11.48
C TRP C 109 -20.75 -5.49 10.13
N LYS C 110 -20.77 -4.15 10.11
CA LYS C 110 -20.53 -3.38 8.88
C LYS C 110 -19.31 -2.50 9.07
N ASP C 111 -18.48 -2.37 8.03
CA ASP C 111 -17.26 -1.58 8.17
C ASP C 111 -17.55 -0.10 7.93
N GLU C 112 -16.49 0.72 7.84
CA GLU C 112 -16.66 2.18 7.77
C GLU C 112 -17.50 2.63 6.56
N ARG C 113 -17.46 1.83 5.49
CA ARG C 113 -18.17 2.13 4.25
C ARG C 113 -19.58 1.54 4.28
N GLY C 114 -19.91 0.84 5.37
CA GLY C 114 -21.24 0.25 5.48
C GLY C 114 -21.32 -1.10 4.79
N ASP C 115 -20.17 -1.64 4.39
CA ASP C 115 -20.14 -2.96 3.75
C ASP C 115 -20.25 -4.07 4.79
N THR C 116 -21.08 -5.05 4.50
CA THR C 116 -21.25 -6.19 5.37
C THR C 116 -20.00 -7.08 5.42
N VAL C 117 -19.60 -7.43 6.65
CA VAL C 117 -18.56 -8.43 6.87
C VAL C 117 -19.21 -9.79 7.00
N TRP C 118 -18.86 -10.69 6.09
CA TRP C 118 -19.55 -11.97 5.92
C TRP C 118 -18.91 -13.07 6.77
N PRO C 119 -19.61 -14.20 6.93
CA PRO C 119 -18.95 -15.39 7.46
C PRO C 119 -17.87 -15.83 6.49
N GLY C 120 -17.00 -16.76 6.92
CA GLY C 120 -15.89 -17.19 6.08
C GLY C 120 -14.67 -17.35 6.95
N ALA C 121 -14.63 -16.55 8.02
CA ALA C 121 -13.58 -16.61 9.05
C ALA C 121 -14.28 -16.76 10.42
N ARG C 122 -14.14 -15.78 11.31
CA ARG C 122 -14.77 -15.89 12.65
C ARG C 122 -15.11 -14.54 13.29
N GLU C 123 -15.96 -14.59 14.32
CA GLU C 123 -16.35 -13.42 15.12
C GLU C 123 -17.06 -12.34 14.32
N HIS C 124 -17.80 -12.76 13.29
CA HIS C 124 -18.46 -11.81 12.40
C HIS C 124 -19.83 -11.42 12.94
N TRP C 125 -19.83 -10.70 14.05
CA TRP C 125 -21.08 -10.24 14.64
C TRP C 125 -20.93 -8.88 15.30
N ARG C 126 -22.04 -8.12 15.31
CA ARG C 126 -22.09 -6.79 15.90
C ARG C 126 -22.14 -6.87 17.41
N PRO C 127 -21.19 -6.20 18.09
CA PRO C 127 -21.16 -6.18 19.55
C PRO C 127 -22.44 -5.64 20.18
N THR C 128 -23.20 -4.80 19.46
CA THR C 128 -24.42 -4.23 20.03
C THR C 128 -25.72 -4.79 19.42
N SER C 129 -25.60 -5.84 18.62
CA SER C 129 -26.81 -6.47 18.03
C SER C 129 -27.62 -7.21 19.09
N PRO C 130 -28.89 -6.79 19.29
CA PRO C 130 -29.76 -7.43 20.30
C PRO C 130 -30.11 -8.87 19.89
N VAL C 131 -30.14 -9.12 18.57
CA VAL C 131 -30.37 -10.45 18.04
C VAL C 131 -29.20 -11.40 18.36
N PHE C 132 -27.97 -10.94 18.15
CA PHE C 132 -26.84 -11.79 18.50
C PHE C 132 -26.81 -12.04 20.00
N ARG C 133 -27.08 -11.01 20.80
CA ARG C 133 -27.02 -11.17 22.26
C ARG C 133 -28.01 -12.24 22.69
N GLU C 134 -29.19 -12.21 22.10
CA GLU C 134 -30.22 -13.19 22.44
C GLU C 134 -29.74 -14.61 22.20
N TYR C 135 -29.22 -14.85 21.00
CA TYR C 135 -28.70 -16.17 20.66
C TYR C 135 -27.56 -16.59 21.58
N ALA C 136 -26.68 -15.65 21.92
CA ALA C 136 -25.51 -15.98 22.74
C ALA C 136 -25.96 -16.34 24.15
N LEU C 137 -26.89 -15.55 24.69
CA LEU C 137 -27.34 -15.79 26.05
C LEU C 137 -28.11 -17.11 26.12
N ASN C 138 -28.85 -17.42 25.06
CA ASN C 138 -29.52 -18.74 25.00
C ASN C 138 -28.53 -19.90 25.06
N LEU C 139 -27.45 -19.79 24.29
CA LEU C 139 -26.43 -20.84 24.30
C LEU C 139 -25.73 -20.93 25.65
N CYS C 140 -25.46 -19.77 26.25
CA CYS C 140 -24.88 -19.70 27.61
C CYS C 140 -25.75 -20.44 28.61
N ARG C 141 -27.05 -20.17 28.56
CA ARG C 141 -27.99 -20.79 29.48
C ARG C 141 -27.98 -22.30 29.31
N ARG C 142 -28.02 -22.76 28.07
CA ARG C 142 -28.11 -24.20 27.82
C ARG C 142 -26.81 -24.94 28.09
N MET C 143 -25.67 -24.28 27.87
CA MET C 143 -24.39 -24.89 28.23
C MET C 143 -24.29 -25.02 29.75
N ALA C 144 -24.64 -23.95 30.45
CA ALA C 144 -24.52 -23.95 31.90
C ALA C 144 -25.49 -24.94 32.53
N GLU C 145 -26.70 -25.03 31.99
CA GLU C 145 -27.67 -26.01 32.52
C GLU C 145 -27.20 -27.45 32.29
N HIS C 146 -26.62 -27.70 31.12
CA HIS C 146 -26.14 -29.05 30.85
C HIS C 146 -24.92 -29.44 31.68
N TYR C 147 -24.02 -28.48 31.95
CA TYR C 147 -22.75 -28.85 32.56
C TYR C 147 -22.61 -28.49 34.05
N LYS C 148 -23.65 -27.91 34.64
CA LYS C 148 -23.60 -27.49 36.04
C LYS C 148 -23.30 -28.64 37.02
N GLY C 149 -23.64 -29.87 36.65
CA GLY C 149 -23.36 -31.02 37.51
C GLY C 149 -22.07 -31.76 37.21
N ASN C 150 -21.33 -31.30 36.19
CA ASN C 150 -20.13 -32.00 35.75
C ASN C 150 -18.93 -31.87 36.68
N PRO C 151 -18.35 -33.02 37.10
CA PRO C 151 -17.26 -32.98 38.09
C PRO C 151 -15.91 -32.58 37.51
N TYR C 152 -15.82 -32.44 36.19
CA TYR C 152 -14.51 -32.22 35.57
C TYR C 152 -14.28 -30.80 35.06
N VAL C 153 -15.32 -29.97 35.11
CA VAL C 153 -15.26 -28.57 34.66
C VAL C 153 -14.82 -27.67 35.83
N VAL C 154 -13.76 -26.90 35.61
CA VAL C 154 -13.19 -26.05 36.67
C VAL C 154 -13.27 -24.54 36.43
N ALA C 155 -13.66 -24.12 35.22
CA ALA C 155 -13.82 -22.70 34.92
C ALA C 155 -14.57 -22.51 33.63
N TRP C 156 -15.07 -21.29 33.42
CA TRP C 156 -15.69 -20.85 32.18
C TRP C 156 -14.75 -19.96 31.39
N HIS C 157 -14.63 -20.25 30.10
CA HIS C 157 -13.86 -19.48 29.14
C HIS C 157 -14.91 -18.73 28.34
N VAL C 158 -15.30 -17.53 28.76
CA VAL C 158 -16.44 -16.88 28.12
C VAL C 158 -16.06 -16.34 26.75
N SER C 159 -16.77 -16.82 25.74
CA SER C 159 -16.56 -16.39 24.36
C SER C 159 -15.10 -16.61 23.95
N ASN C 160 -14.53 -15.70 23.15
CA ASN C 160 -13.11 -15.73 22.82
C ASN C 160 -12.65 -14.39 22.28
N GLU C 161 -11.61 -13.83 22.89
CA GLU C 161 -10.98 -12.61 22.39
C GLU C 161 -11.98 -11.59 21.85
N TYR C 162 -12.82 -11.06 22.73
CA TYR C 162 -13.73 -10.01 22.30
C TYR C 162 -12.97 -8.93 21.58
N GLY C 163 -13.50 -8.50 20.44
CA GLY C 163 -12.92 -7.39 19.71
C GLY C 163 -11.71 -7.71 18.87
N CYS C 164 -11.35 -8.99 18.75
CA CYS C 164 -10.19 -9.32 17.92
C CYS C 164 -10.44 -8.94 16.46
N HIS C 165 -11.67 -9.20 15.99
CA HIS C 165 -12.06 -8.86 14.62
C HIS C 165 -13.23 -7.87 14.58
N ASN C 166 -14.04 -7.84 15.63
CA ASN C 166 -15.27 -7.03 15.64
C ASN C 166 -15.24 -5.88 16.65
N ARG C 167 -14.03 -5.36 16.90
CA ARG C 167 -13.87 -4.22 17.78
C ARG C 167 -14.76 -3.09 17.29
N PHE C 168 -14.68 -2.86 15.98
CA PHE C 168 -15.44 -1.76 15.37
C PHE C 168 -16.63 -2.27 14.55
N ASP C 169 -17.78 -1.62 14.74
CA ASP C 169 -18.95 -1.88 13.92
C ASP C 169 -19.53 -0.51 13.61
N TYR C 170 -20.02 -0.32 12.38
CA TYR C 170 -20.56 0.99 11.98
C TYR C 170 -22.03 0.87 11.55
N SER C 171 -22.61 -0.29 11.85
CA SER C 171 -24.04 -0.53 11.63
C SER C 171 -24.94 0.43 12.40
N ASP C 172 -26.24 0.39 12.13
CA ASP C 172 -27.16 1.27 12.82
C ASP C 172 -27.32 0.90 14.30
N ASP C 173 -27.09 -0.37 14.63
CA ASP C 173 -27.10 -0.81 16.03
C ASP C 173 -26.01 -0.04 16.75
N ALA C 174 -24.80 -0.06 16.19
CA ALA C 174 -23.68 0.68 16.76
C ALA C 174 -23.95 2.20 16.84
N MET C 175 -24.56 2.75 15.79
CA MET C 175 -24.83 4.19 15.77
C MET C 175 -25.74 4.57 16.92
N ARG C 176 -26.82 3.82 17.09
CA ARG C 176 -27.73 4.08 18.19
C ARG C 176 -27.08 3.84 19.56
N ALA C 177 -26.27 2.80 19.68
CA ALA C 177 -25.61 2.52 20.95
C ALA C 177 -24.60 3.62 21.31
N PHE C 178 -23.90 4.12 20.30
CA PHE C 178 -22.90 5.18 20.51
C PHE C 178 -23.57 6.47 20.96
N GLN C 179 -24.73 6.76 20.38
CA GLN C 179 -25.48 7.95 20.75
C GLN C 179 -25.86 7.89 22.22
N LYS C 180 -26.39 6.75 22.61
CA LYS C 180 -26.75 6.53 24.02
C LYS C 180 -25.54 6.56 24.97
N TRP C 181 -24.43 5.98 24.54
CA TRP C 181 -23.19 6.01 25.31
C TRP C 181 -22.72 7.46 25.51
N CYS C 182 -22.86 8.30 24.49
CA CYS C 182 -22.48 9.71 24.60
C CYS C 182 -23.41 10.43 25.56
N LYS C 183 -24.69 10.05 25.57
CA LYS C 183 -25.63 10.74 26.45
C LYS C 183 -25.29 10.39 27.88
N LYS C 184 -24.94 9.12 28.10
CA LYS C 184 -24.55 8.69 29.43
C LYS C 184 -23.29 9.44 29.87
N ARG C 185 -22.32 9.56 28.97
CA ARG C 185 -21.03 10.16 29.35
C ARG C 185 -21.13 11.66 29.56
N TYR C 186 -21.84 12.34 28.67
CA TYR C 186 -21.81 13.80 28.63
C TYR C 186 -23.08 14.49 29.15
N LYS C 187 -24.18 13.73 29.24
CA LYS C 187 -25.48 14.24 29.70
C LYS C 187 -26.23 15.21 28.75
N THR C 188 -25.54 16.21 28.23
CA THR C 188 -26.18 17.19 27.35
C THR C 188 -25.46 17.23 26.01
N ILE C 189 -26.17 17.61 24.95
CA ILE C 189 -25.53 17.66 23.64
C ILE C 189 -24.46 18.77 23.59
N ASP C 190 -24.67 19.86 24.33
CA ASP C 190 -23.68 20.92 24.41
C ASP C 190 -22.37 20.45 25.03
N ALA C 191 -22.44 19.54 26.00
CA ALA C 191 -21.21 18.96 26.55
C ALA C 191 -20.45 18.17 25.49
N VAL C 192 -21.16 17.36 24.69
CA VAL C 192 -20.54 16.64 23.59
C VAL C 192 -19.91 17.62 22.59
N ASN C 193 -20.64 18.70 22.27
CA ASN C 193 -20.14 19.70 21.33
C ASN C 193 -18.82 20.30 21.81
N GLU C 194 -18.75 20.65 23.10
CA GLU C 194 -17.52 21.23 23.65
C GLU C 194 -16.40 20.19 23.71
N ALA C 195 -16.74 18.97 24.10
CA ALA C 195 -15.76 17.89 24.23
C ALA C 195 -15.06 17.69 22.89
N TRP C 196 -15.86 17.57 21.84
CA TRP C 196 -15.33 17.27 20.50
C TRP C 196 -14.98 18.53 19.70
N GLY C 197 -15.11 19.71 20.30
CA GLY C 197 -14.74 20.95 19.62
C GLY C 197 -15.46 21.19 18.31
N THR C 198 -16.76 20.88 18.27
CA THR C 198 -17.51 20.91 17.02
C THR C 198 -17.78 22.31 16.45
N ALA C 199 -17.34 23.37 17.14
CA ALA C 199 -17.41 24.71 16.55
C ALA C 199 -16.58 24.76 15.26
N PHE C 200 -15.55 23.92 15.22
CA PHE C 200 -14.64 23.80 14.09
C PHE C 200 -15.29 23.01 12.96
N TRP C 201 -15.19 23.50 11.72
CA TRP C 201 -15.71 22.81 10.54
C TRP C 201 -17.22 22.54 10.55
N ALA C 202 -17.97 23.42 11.20
CA ALA C 202 -19.44 23.37 11.15
C ALA C 202 -19.99 22.00 11.54
N GLN C 203 -19.49 21.46 12.64
CA GLN C 203 -19.92 20.15 13.10
C GLN C 203 -20.88 20.21 14.28
N HIS C 204 -21.35 21.40 14.62
CA HIS C 204 -22.24 21.55 15.79
C HIS C 204 -23.47 20.62 15.69
N MET C 205 -23.81 19.96 16.79
CA MET C 205 -24.93 19.03 16.82
C MET C 205 -26.02 19.62 17.71
N ASN C 206 -27.28 19.52 17.26
CA ASN C 206 -28.43 20.07 18.00
C ASN C 206 -29.01 19.08 19.00
N ASP C 207 -28.80 17.80 18.74
CA ASP C 207 -29.30 16.74 19.64
C ASP C 207 -28.58 15.44 19.36
N PHE C 208 -28.85 14.41 20.16
CA PHE C 208 -28.08 13.18 20.08
C PHE C 208 -28.28 12.39 18.79
N SER C 209 -29.30 12.71 18.01
CA SER C 209 -29.51 12.01 16.75
C SER C 209 -28.47 12.45 15.72
N GLU C 210 -27.77 13.54 16.02
CA GLU C 210 -26.84 14.09 15.03
C GLU C 210 -25.41 13.60 15.30
N ILE C 211 -25.28 12.71 16.27
CA ILE C 211 -24.02 12.01 16.50
C ILE C 211 -24.00 10.78 15.62
N ILE C 212 -23.09 10.76 14.65
CA ILE C 212 -22.96 9.60 13.80
C ILE C 212 -21.59 8.98 14.04
N PRO C 213 -21.44 7.68 13.76
CA PRO C 213 -20.15 7.08 14.06
C PRO C 213 -19.09 7.59 13.10
N PRO C 214 -17.80 7.31 13.37
CA PRO C 214 -16.77 7.76 12.44
C PRO C 214 -16.75 6.88 11.20
N ARG C 215 -17.83 6.97 10.41
CA ARG C 215 -17.93 6.28 9.13
C ARG C 215 -16.96 6.85 8.10
N TYR C 216 -16.96 6.23 6.92
CA TYR C 216 -16.14 6.65 5.79
C TYR C 216 -16.31 8.13 5.44
N ILE C 217 -15.19 8.88 5.39
CA ILE C 217 -15.25 10.30 5.06
C ILE C 217 -14.35 10.62 3.87
N GLY C 218 -13.94 9.58 3.15
CA GLY C 218 -13.03 9.74 2.02
C GLY C 218 -11.59 9.52 2.46
N ASP C 219 -10.79 8.82 1.66
CA ASP C 219 -9.42 8.51 2.06
C ASP C 219 -8.63 9.81 2.21
N GLY C 220 -7.82 9.88 3.25
CA GLY C 220 -6.93 11.01 3.44
C GLY C 220 -7.57 12.19 4.14
N ASN C 221 -8.84 12.04 4.53
CA ASN C 221 -9.53 13.14 5.21
C ASN C 221 -9.50 12.90 6.71
N PHE C 222 -9.78 13.94 7.50
CA PHE C 222 -9.49 13.92 8.93
C PHE C 222 -10.72 13.97 9.84
N MET C 223 -10.98 12.82 10.46
CA MET C 223 -12.13 12.64 11.35
C MET C 223 -12.03 13.53 12.57
N ASN C 224 -13.17 13.92 13.15
CA ASN C 224 -13.15 14.61 14.44
C ASN C 224 -12.39 13.77 15.48
N PRO C 225 -11.28 14.28 16.04
CA PRO C 225 -10.43 13.40 16.85
C PRO C 225 -11.07 13.02 18.20
N GLY C 226 -11.84 13.95 18.77
CA GLY C 226 -12.59 13.65 20.00
C GLY C 226 -13.58 12.52 19.78
N LYS C 227 -14.31 12.57 18.68
CA LYS C 227 -15.27 11.51 18.35
C LYS C 227 -14.57 10.18 18.14
N LEU C 228 -13.43 10.22 17.44
CA LEU C 228 -12.69 9.00 17.12
C LEU C 228 -12.19 8.36 18.40
N LEU C 229 -11.61 9.17 19.29
CA LEU C 229 -11.17 8.66 20.59
C LEU C 229 -12.33 8.08 21.41
N ASP C 230 -13.45 8.80 21.44
CA ASP C 230 -14.61 8.31 22.19
C ASP C 230 -15.20 7.06 21.54
N TYR C 231 -15.05 6.90 20.24
CA TYR C 231 -15.58 5.69 19.59
C TYR C 231 -14.79 4.46 20.02
N LYS C 232 -13.50 4.64 20.32
CA LYS C 232 -12.70 3.57 20.87
C LYS C 232 -13.12 3.22 22.29
N ARG C 233 -13.34 4.25 23.12
CA ARG C 233 -13.86 4.03 24.48
C ARG C 233 -15.21 3.30 24.41
N PHE C 234 -16.10 3.81 23.56
CA PHE C 234 -17.41 3.22 23.39
C PHE C 234 -17.35 1.75 22.93
N SER C 235 -16.43 1.45 22.00
CA SER C 235 -16.40 0.11 21.43
C SER C 235 -15.93 -0.86 22.50
N SER C 236 -15.03 -0.41 23.36
CA SER C 236 -14.53 -1.28 24.43
C SER C 236 -15.64 -1.50 25.46
N ASP C 237 -16.37 -0.45 25.80
CA ASP C 237 -17.49 -0.59 26.73
C ASP C 237 -18.61 -1.47 26.17
N ALA C 238 -18.87 -1.37 24.86
CA ALA C 238 -19.96 -2.14 24.25
C ALA C 238 -19.69 -3.65 24.32
N LEU C 239 -18.48 -4.05 23.94
CA LEU C 239 -18.10 -5.44 24.07
C LEU C 239 -18.10 -5.86 25.54
N LYS C 240 -17.66 -4.97 26.43
CA LYS C 240 -17.64 -5.28 27.88
C LYS C 240 -19.03 -5.58 28.42
N GLU C 241 -20.02 -4.80 28.01
CA GLU C 241 -21.37 -5.01 28.50
CA GLU C 241 -21.40 -4.99 28.45
C GLU C 241 -21.97 -6.32 27.96
N LEU C 242 -21.57 -6.73 26.75
CA LEU C 242 -21.99 -8.05 26.25
C LEU C 242 -21.33 -9.17 27.09
N TYR C 243 -20.02 -9.03 27.36
CA TYR C 243 -19.30 -10.04 28.15
C TYR C 243 -19.94 -10.16 29.55
N ILE C 244 -20.23 -9.00 30.14
CA ILE C 244 -20.92 -8.97 31.43
C ILE C 244 -22.24 -9.76 31.37
N ALA C 245 -23.01 -9.61 30.29
CA ALA C 245 -24.30 -10.29 30.17
C ALA C 245 -24.15 -11.82 30.09
N GLU C 246 -23.21 -12.28 29.27
CA GLU C 246 -22.91 -13.69 29.13
C GLU C 246 -22.38 -14.24 30.46
N ARG C 247 -21.41 -13.54 31.05
CA ARG C 247 -20.82 -13.98 32.31
C ARG C 247 -21.90 -14.13 33.38
N ASP C 248 -22.82 -13.17 33.42
CA ASP C 248 -23.84 -13.18 34.45
C ASP C 248 -24.83 -14.34 34.23
N VAL C 249 -25.12 -14.66 32.96
CA VAL C 249 -26.01 -15.79 32.71
C VAL C 249 -25.35 -17.10 33.17
N LEU C 250 -24.10 -17.32 32.76
CA LEU C 250 -23.38 -18.51 33.21
C LEU C 250 -23.33 -18.59 34.71
N GLU C 251 -23.01 -17.46 35.35
CA GLU C 251 -22.83 -17.44 36.81
C GLU C 251 -24.14 -17.74 37.56
N SER C 252 -25.26 -17.30 37.01
CA SER C 252 -26.58 -17.52 37.62
C SER C 252 -26.91 -19.01 37.76
N ILE C 253 -26.29 -19.84 36.94
CA ILE C 253 -26.64 -21.25 36.85
C ILE C 253 -25.55 -22.13 37.47
N THR C 254 -24.31 -21.63 37.50
CA THR C 254 -23.20 -22.37 38.08
C THR C 254 -22.40 -21.54 39.10
N PRO C 255 -23.07 -21.13 40.20
CA PRO C 255 -22.34 -20.32 41.20
C PRO C 255 -21.13 -21.11 41.76
N GLY C 256 -19.99 -20.44 41.88
CA GLY C 256 -18.80 -21.11 42.39
C GLY C 256 -17.84 -21.65 41.35
N LEU C 257 -18.19 -21.49 40.06
CA LEU C 257 -17.27 -21.82 38.97
C LEU C 257 -16.66 -20.52 38.49
N PRO C 258 -15.35 -20.36 38.61
CA PRO C 258 -14.81 -19.04 38.27
C PRO C 258 -14.84 -18.75 36.76
N LEU C 259 -15.01 -17.48 36.39
CA LEU C 259 -15.20 -17.11 35.00
C LEU C 259 -14.08 -16.21 34.54
N THR C 260 -13.65 -16.39 33.29
CA THR C 260 -12.69 -15.47 32.71
C THR C 260 -13.04 -15.27 31.25
N THR C 261 -12.40 -14.31 30.62
CA THR C 261 -12.38 -14.23 29.17
C THR C 261 -10.96 -13.84 28.78
N ASN C 262 -10.50 -14.30 27.62
CA ASN C 262 -9.10 -14.11 27.25
C ASN C 262 -8.75 -12.77 26.62
N PHE C 263 -7.81 -12.07 27.26
CA PHE C 263 -7.37 -10.77 26.81
C PHE C 263 -6.35 -10.90 25.70
N MET C 264 -6.05 -9.76 25.07
CA MET C 264 -5.02 -9.69 24.04
C MET C 264 -3.99 -8.63 24.43
N VAL C 265 -3.32 -8.85 25.56
CA VAL C 265 -2.34 -7.90 26.07
C VAL C 265 -0.94 -8.19 25.48
N SER C 266 -0.43 -7.22 24.72
CA SER C 266 0.92 -7.29 24.14
C SER C 266 1.39 -5.85 24.05
N ALA C 267 2.68 -5.63 23.82
CA ALA C 267 3.20 -4.26 23.83
C ALA C 267 2.37 -3.38 22.89
N GLY C 268 2.10 -3.88 21.69
CA GLY C 268 1.37 -3.10 20.70
C GLY C 268 -0.10 -3.42 20.51
N GLY C 269 -0.70 -4.14 21.45
CA GLY C 269 -2.10 -4.49 21.35
C GLY C 269 -2.92 -3.54 22.20
N SER C 270 -3.94 -2.92 21.61
CA SER C 270 -4.80 -2.03 22.37
C SER C 270 -6.25 -2.08 21.89
N MET C 271 -6.77 -3.29 21.65
CA MET C 271 -8.13 -3.40 21.11
C MET C 271 -9.18 -2.94 22.14
N LEU C 272 -8.90 -3.23 23.40
CA LEU C 272 -9.80 -2.87 24.50
C LEU C 272 -9.00 -2.20 25.62
N ASP C 273 -9.68 -1.51 26.53
CA ASP C 273 -8.99 -1.05 27.73
C ASP C 273 -8.93 -2.21 28.69
N TYR C 274 -7.86 -3.00 28.61
CA TYR C 274 -7.83 -4.24 29.37
C TYR C 274 -7.72 -4.03 30.87
N ASP C 275 -7.23 -2.86 31.29
CA ASP C 275 -7.19 -2.63 32.73
C ASP C 275 -8.60 -2.43 33.27
N ASP C 276 -9.44 -1.78 32.48
CA ASP C 276 -10.86 -1.61 32.82
C ASP C 276 -11.57 -2.97 32.84
N TRP C 277 -11.27 -3.81 31.86
CA TRP C 277 -11.93 -5.12 31.73
C TRP C 277 -11.50 -6.07 32.86
N GLY C 278 -10.29 -5.85 33.38
CA GLY C 278 -9.72 -6.73 34.41
C GLY C 278 -10.56 -6.78 35.67
N ALA C 279 -11.40 -5.76 35.89
CA ALA C 279 -12.28 -5.72 37.05
C ALA C 279 -13.46 -6.68 36.94
N GLU C 280 -13.68 -7.23 35.75
CA GLU C 280 -14.91 -7.97 35.44
C GLU C 280 -14.70 -9.48 35.30
N VAL C 281 -13.49 -9.95 35.63
CA VAL C 281 -13.18 -11.36 35.55
C VAL C 281 -12.79 -11.89 36.94
N ASP C 282 -12.96 -13.19 37.16
CA ASP C 282 -12.57 -13.79 38.45
C ASP C 282 -11.07 -14.01 38.53
N PHE C 283 -10.44 -14.23 37.39
CA PHE C 283 -8.98 -14.30 37.31
C PHE C 283 -8.68 -13.78 35.91
N VAL C 284 -7.59 -13.05 35.78
CA VAL C 284 -7.26 -12.40 34.51
C VAL C 284 -6.48 -13.38 33.66
N SER C 285 -6.81 -13.46 32.37
CA SER C 285 -6.15 -14.40 31.49
C SER C 285 -5.75 -13.73 30.19
N ASN C 286 -4.63 -14.18 29.64
CA ASN C 286 -4.07 -13.51 28.48
C ASN C 286 -3.70 -14.43 27.33
N ASP C 287 -3.77 -13.86 26.12
CA ASP C 287 -3.22 -14.46 24.91
C ASP C 287 -2.06 -13.58 24.49
N HIS C 288 -0.87 -14.17 24.38
CA HIS C 288 0.30 -13.41 23.94
C HIS C 288 1.14 -14.23 23.01
N TYR C 289 1.48 -13.67 21.86
CA TYR C 289 2.33 -14.37 20.90
C TYR C 289 3.61 -13.59 20.64
N PHE C 290 4.75 -14.29 20.70
CA PHE C 290 6.06 -13.64 20.67
C PHE C 290 6.28 -12.83 19.40
N THR C 291 7.01 -11.71 19.53
CA THR C 291 7.45 -10.93 18.39
C THR C 291 8.76 -11.54 17.93
N PRO C 292 8.84 -11.97 16.66
CA PRO C 292 10.11 -12.58 16.24
C PRO C 292 11.22 -11.54 16.22
N GLY C 293 12.48 -11.99 16.27
CA GLY C 293 13.59 -11.06 16.16
C GLY C 293 14.12 -10.59 17.51
N GLU C 294 14.74 -9.41 17.52
CA GLU C 294 15.53 -9.01 18.67
C GLU C 294 14.70 -8.73 19.92
N ALA C 295 13.43 -8.38 19.71
CA ALA C 295 12.52 -8.03 20.81
C ALA C 295 11.83 -9.20 21.49
N HIS C 296 12.07 -10.42 20.98
CA HIS C 296 11.31 -11.61 21.40
C HIS C 296 11.25 -11.77 22.92
N PHE C 297 12.39 -11.99 23.57
CA PHE C 297 12.33 -12.22 25.01
C PHE C 297 11.79 -11.03 25.79
N ASP C 298 12.36 -9.85 25.58
CA ASP C 298 12.00 -8.70 26.39
C ASP C 298 10.51 -8.39 26.35
N GLU C 299 9.91 -8.50 25.17
CA GLU C 299 8.50 -8.14 25.04
C GLU C 299 7.57 -9.23 25.62
N VAL C 300 7.99 -10.50 25.57
CA VAL C 300 7.31 -11.54 26.35
C VAL C 300 7.29 -11.19 27.85
N ALA C 301 8.45 -10.77 28.38
CA ALA C 301 8.57 -10.38 29.77
C ALA C 301 7.72 -9.14 30.05
N TYR C 302 7.77 -8.20 29.13
CA TYR C 302 7.02 -6.94 29.27
C TYR C 302 5.52 -7.20 29.32
N ALA C 303 5.03 -8.01 28.38
CA ALA C 303 3.59 -8.26 28.32
C ALA C 303 3.13 -8.95 29.59
N ALA C 304 3.92 -9.90 30.05
CA ALA C 304 3.54 -10.65 31.24
C ALA C 304 3.55 -9.73 32.48
N SER C 305 4.51 -8.81 32.53
CA SER C 305 4.55 -7.83 33.59
C SER C 305 3.28 -6.95 33.58
N LEU C 306 2.87 -6.51 32.39
CA LEU C 306 1.67 -5.67 32.31
C LEU C 306 0.46 -6.48 32.77
N MET C 307 0.46 -7.78 32.44
CA MET C 307 -0.62 -8.66 32.90
C MET C 307 -0.64 -8.69 34.43
N ASP C 308 0.55 -8.77 35.02
CA ASP C 308 0.65 -8.75 36.49
C ASP C 308 0.19 -7.40 37.06
N GLY C 309 0.34 -6.33 36.28
CA GLY C 309 -0.17 -5.03 36.67
C GLY C 309 -1.69 -4.96 36.57
N ILE C 310 -2.21 -5.43 35.45
CA ILE C 310 -3.65 -5.54 35.27
C ILE C 310 -4.32 -6.40 36.36
N SER C 311 -3.65 -7.47 36.78
CA SER C 311 -4.23 -8.37 37.78
C SER C 311 -3.98 -7.86 39.20
N ARG C 312 -3.33 -6.71 39.31
CA ARG C 312 -3.01 -6.12 40.62
C ARG C 312 -2.19 -7.10 41.47
N LYS C 313 -1.21 -7.73 40.84
CA LYS C 313 -0.32 -8.74 41.45
C LYS C 313 -0.98 -10.03 41.95
N GLU C 314 -2.28 -10.19 41.71
CA GLU C 314 -2.90 -11.50 41.88
C GLU C 314 -2.40 -12.46 40.81
N PRO C 315 -2.31 -13.76 41.15
CA PRO C 315 -1.89 -14.75 40.16
C PRO C 315 -2.82 -14.70 38.94
N TRP C 316 -2.23 -14.82 37.76
CA TRP C 316 -3.00 -14.71 36.54
C TRP C 316 -2.72 -15.90 35.61
N PHE C 317 -3.43 -15.95 34.50
CA PHE C 317 -3.56 -17.16 33.71
C PHE C 317 -3.03 -16.88 32.30
N GLN C 318 -2.04 -17.62 31.84
CA GLN C 318 -1.62 -17.52 30.44
C GLN C 318 -2.50 -18.48 29.65
N MET C 319 -3.55 -17.95 29.04
CA MET C 319 -4.51 -18.78 28.27
C MET C 319 -3.90 -19.26 26.95
N GLU C 320 -3.17 -18.41 26.26
CA GLU C 320 -2.55 -18.79 24.99
C GLU C 320 -1.18 -18.18 24.81
N HIS C 321 -0.31 -18.96 24.17
CA HIS C 321 0.87 -18.47 23.47
C HIS C 321 1.22 -19.54 22.46
N SER C 322 2.32 -19.39 21.72
CA SER C 322 2.66 -20.41 20.73
C SER C 322 3.98 -21.05 21.06
N THR C 323 4.10 -22.33 20.76
CA THR C 323 5.34 -23.08 20.93
C THR C 323 6.40 -22.59 19.94
N SER C 324 5.95 -22.16 18.77
CA SER C 324 6.86 -21.68 17.74
C SER C 324 6.10 -20.75 16.80
N ALA C 325 6.25 -20.93 15.49
CA ALA C 325 5.63 -19.98 14.56
C ALA C 325 4.10 -19.87 14.67
N VAL C 326 3.55 -18.68 14.39
CA VAL C 326 2.11 -18.53 14.24
C VAL C 326 1.79 -18.66 12.76
N ASN C 327 0.53 -18.40 12.36
CA ASN C 327 0.12 -18.50 10.96
C ASN C 327 -0.11 -17.14 10.32
N TRP C 328 -0.23 -16.10 11.14
CA TRP C 328 -0.85 -14.86 10.67
C TRP C 328 0.08 -13.71 10.27
N ARG C 329 1.40 -13.87 10.44
CA ARG C 329 2.33 -12.81 10.10
C ARG C 329 2.68 -12.90 8.61
N PRO C 330 3.20 -11.81 8.04
CA PRO C 330 3.68 -11.84 6.65
C PRO C 330 4.76 -12.91 6.48
N ILE C 331 5.61 -13.07 7.51
CA ILE C 331 6.62 -14.11 7.52
C ILE C 331 6.59 -14.68 8.92
N ASN C 332 6.17 -15.94 9.02
CA ASN C 332 6.04 -16.57 10.32
C ASN C 332 7.33 -17.23 10.79
N TYR C 333 8.27 -16.41 11.26
CA TYR C 333 9.54 -16.92 11.80
C TYR C 333 9.28 -17.94 12.91
N ARG C 334 10.12 -18.97 12.99
CA ARG C 334 10.04 -19.90 14.12
C ARG C 334 10.66 -19.30 15.36
N ALA C 335 10.25 -19.80 16.52
CA ALA C 335 10.88 -19.43 17.79
C ALA C 335 12.23 -20.12 17.89
N GLU C 336 13.20 -19.46 18.52
CA GLU C 336 14.51 -20.05 18.76
C GLU C 336 14.36 -21.27 19.66
N PRO C 337 15.15 -22.33 19.39
CA PRO C 337 15.12 -23.50 20.26
C PRO C 337 15.31 -23.11 21.70
N GLY C 338 14.46 -23.63 22.57
CA GLY C 338 14.49 -23.26 23.98
C GLY C 338 13.30 -22.39 24.37
N SER C 339 12.59 -21.83 23.39
CA SER C 339 11.52 -20.88 23.67
C SER C 339 10.35 -21.47 24.43
N VAL C 340 10.06 -22.74 24.18
CA VAL C 340 8.92 -23.37 24.83
C VAL C 340 9.04 -23.23 26.37
N VAL C 341 10.13 -23.76 26.92
CA VAL C 341 10.36 -23.63 28.37
C VAL C 341 10.64 -22.19 28.77
N ARG C 342 11.44 -21.49 27.97
CA ARG C 342 11.90 -20.17 28.41
C ARG C 342 10.77 -19.12 28.46
N ASP C 343 10.04 -18.93 27.37
CA ASP C 343 8.96 -17.96 27.33
C ASP C 343 7.92 -18.29 28.40
N SER C 344 7.62 -19.58 28.57
CA SER C 344 6.61 -19.99 29.56
C SER C 344 7.05 -19.69 30.99
N LEU C 345 8.31 -19.96 31.30
CA LEU C 345 8.82 -19.66 32.64
C LEU C 345 8.97 -18.15 32.88
N ALA C 346 9.16 -17.38 31.82
CA ALA C 346 9.06 -15.91 31.95
C ALA C 346 7.67 -15.48 32.39
N GLN C 347 6.65 -16.16 31.87
CA GLN C 347 5.29 -15.79 32.22
C GLN C 347 5.00 -16.21 33.66
N VAL C 348 5.52 -17.38 34.05
CA VAL C 348 5.42 -17.80 35.44
C VAL C 348 6.13 -16.82 36.38
N ALA C 349 7.34 -16.39 35.99
CA ALA C 349 8.13 -15.47 36.81
C ALA C 349 7.34 -14.21 37.07
N MET C 350 6.66 -13.73 36.03
CA MET C 350 5.87 -12.51 36.13
C MET C 350 4.48 -12.74 36.74
N GLY C 351 4.25 -13.91 37.33
CA GLY C 351 3.06 -14.10 38.16
C GLY C 351 2.01 -15.10 37.69
N ALA C 352 2.20 -15.67 36.50
CA ALA C 352 1.23 -16.66 36.01
C ALA C 352 1.28 -17.96 36.81
N ASP C 353 0.11 -18.45 37.24
CA ASP C 353 -0.01 -19.77 37.86
C ASP C 353 -0.69 -20.74 36.91
N ALA C 354 -0.79 -20.35 35.65
CA ALA C 354 -1.28 -21.25 34.61
C ALA C 354 -0.59 -20.92 33.28
N ILE C 355 -0.14 -21.98 32.61
CA ILE C 355 0.57 -21.83 31.33
C ILE C 355 -0.14 -22.68 30.27
N CYS C 356 -0.75 -22.03 29.29
CA CYS C 356 -1.50 -22.75 28.25
C CYS C 356 -1.17 -22.20 26.87
N TYR C 357 -1.23 -23.09 25.88
CA TYR C 357 -0.89 -22.78 24.50
C TYR C 357 -2.10 -22.84 23.59
N PHE C 358 -2.10 -22.01 22.55
CA PHE C 358 -2.91 -22.34 21.38
C PHE C 358 -1.98 -23.05 20.41
N GLN C 359 -2.22 -24.33 20.13
CA GLN C 359 -3.28 -25.14 20.75
C GLN C 359 -2.67 -26.53 21.02
N TRP C 360 -3.47 -27.45 21.54
CA TRP C 360 -2.94 -28.78 21.86
C TRP C 360 -2.39 -29.57 20.65
N ARG C 361 -3.23 -29.84 19.66
CA ARG C 361 -2.77 -30.57 18.47
C ARG C 361 -2.84 -29.70 17.22
N GLN C 362 -1.74 -29.63 16.47
CA GLN C 362 -1.72 -28.78 15.28
C GLN C 362 -2.82 -29.23 14.30
N SER C 363 -3.67 -28.31 13.88
CA SER C 363 -4.74 -28.62 12.91
C SER C 363 -4.17 -29.09 11.58
N LYS C 364 -4.86 -30.02 10.91
CA LYS C 364 -4.43 -30.44 9.58
C LYS C 364 -5.27 -29.81 8.46
N ALA C 365 -6.30 -29.06 8.85
CA ALA C 365 -7.13 -28.35 7.88
C ALA C 365 -7.60 -27.03 8.50
N GLY C 366 -7.88 -26.05 7.64
CA GLY C 366 -8.49 -24.82 8.10
C GLY C 366 -7.45 -23.73 8.24
N ALA C 367 -7.91 -22.52 8.52
CA ALA C 367 -7.09 -21.31 8.42
C ALA C 367 -5.87 -21.28 9.32
N GLU C 368 -5.88 -22.09 10.38
CA GLU C 368 -4.79 -22.06 11.36
C GLU C 368 -3.92 -23.33 11.35
N LYS C 369 -4.04 -24.13 10.30
CA LYS C 369 -3.21 -25.34 10.24
C LYS C 369 -1.70 -25.09 10.30
N TRP C 370 -1.26 -23.90 9.90
CA TRP C 370 0.16 -23.59 9.96
C TRP C 370 0.63 -22.96 11.27
N HIS C 371 -0.30 -22.79 12.20
CA HIS C 371 0.00 -22.25 13.52
C HIS C 371 0.55 -23.40 14.36
N SER C 372 1.73 -23.19 14.95
CA SER C 372 2.40 -24.23 15.73
C SER C 372 1.53 -24.62 16.89
N SER C 373 1.80 -25.79 17.46
CA SER C 373 1.01 -26.35 18.56
C SER C 373 1.88 -27.24 19.46
N MET C 374 1.27 -27.84 20.48
CA MET C 374 2.01 -28.67 21.42
C MET C 374 2.41 -30.01 20.80
N VAL C 375 1.47 -30.62 20.08
CA VAL C 375 1.76 -31.76 19.22
C VAL C 375 1.78 -31.25 17.78
N PRO C 376 2.99 -31.12 17.20
CA PRO C 376 3.10 -30.61 15.82
C PRO C 376 2.58 -31.60 14.80
N HIS C 377 2.46 -31.15 13.54
CA HIS C 377 2.12 -32.07 12.48
C HIS C 377 3.05 -33.29 12.52
N ALA C 378 4.31 -33.06 12.90
CA ALA C 378 5.32 -34.11 12.92
C ALA C 378 5.03 -35.18 13.98
N GLY C 379 4.25 -34.81 15.00
CA GLY C 379 3.86 -35.77 16.03
C GLY C 379 4.75 -35.74 17.26
N GLU C 380 4.63 -36.79 18.07
CA GLU C 380 5.33 -36.83 19.35
C GLU C 380 6.85 -36.95 19.17
N ASP C 381 7.31 -37.51 18.05
CA ASP C 381 8.74 -37.47 17.74
C ASP C 381 9.12 -36.12 17.14
N SER C 382 9.13 -35.11 17.98
CA SER C 382 9.54 -33.78 17.56
C SER C 382 10.22 -33.10 18.73
N GLN C 383 11.15 -32.22 18.41
CA GLN C 383 11.77 -31.40 19.45
C GLN C 383 10.75 -30.56 20.21
N ILE C 384 9.77 -29.99 19.50
CA ILE C 384 8.75 -29.21 20.20
C ILE C 384 7.96 -30.05 21.21
N PHE C 385 7.51 -31.24 20.83
CA PHE C 385 6.81 -32.06 21.81
C PHE C 385 7.72 -32.48 22.98
N ARG C 386 8.98 -32.79 22.71
CA ARG C 386 9.92 -33.10 23.80
C ARG C 386 10.03 -31.92 24.75
N ASP C 387 10.15 -30.71 24.18
CA ASP C 387 10.17 -29.50 25.00
C ASP C 387 8.87 -29.33 25.79
N VAL C 388 7.73 -29.60 25.15
CA VAL C 388 6.44 -29.45 25.81
C VAL C 388 6.41 -30.37 27.02
N CYS C 389 7.00 -31.55 26.86
CA CYS C 389 7.05 -32.52 27.96
C CYS C 389 7.97 -32.04 29.08
N GLU C 390 9.13 -31.50 28.70
CA GLU C 390 10.10 -30.96 29.66
C GLU C 390 9.48 -29.84 30.49
N LEU C 391 8.74 -28.97 29.82
CA LEU C 391 8.04 -27.87 30.50
C LEU C 391 7.00 -28.38 31.48
N GLY C 392 6.20 -29.37 31.07
CA GLY C 392 5.24 -29.93 31.99
C GLY C 392 5.90 -30.52 33.23
N ALA C 393 7.06 -31.15 33.06
CA ALA C 393 7.79 -31.68 34.22
C ALA C 393 8.32 -30.55 35.09
N ASP C 394 8.81 -29.49 34.45
CA ASP C 394 9.28 -28.31 35.18
C ASP C 394 8.17 -27.66 35.99
N LEU C 395 6.98 -27.54 35.40
CA LEU C 395 5.87 -26.92 36.13
C LEU C 395 5.46 -27.82 37.29
N GLY C 396 5.62 -29.13 37.12
CA GLY C 396 5.36 -30.06 38.21
C GLY C 396 6.33 -29.85 39.36
N ARG C 397 7.61 -29.66 39.04
CA ARG C 397 8.63 -29.43 40.06
C ARG C 397 8.40 -28.11 40.80
N LEU C 398 8.05 -27.07 40.07
CA LEU C 398 7.76 -25.78 40.69
C LEU C 398 6.55 -25.89 41.58
N SER C 399 5.60 -26.75 41.20
CA SER C 399 4.42 -26.99 42.00
C SER C 399 4.80 -27.68 43.32
N ASP C 400 5.67 -28.69 43.22
CA ASP C 400 6.15 -29.42 44.40
C ASP C 400 6.85 -28.45 45.37
N GLU C 401 7.49 -27.44 44.81
CA GLU C 401 8.21 -26.43 45.59
C GLU C 401 7.28 -25.37 46.18
N GLY C 402 5.99 -25.45 45.86
CA GLY C 402 5.01 -24.53 46.42
C GLY C 402 4.96 -23.13 45.80
N LEU C 403 5.23 -23.05 44.50
CA LEU C 403 5.22 -21.75 43.85
C LEU C 403 3.82 -21.11 43.81
N MET C 404 2.78 -21.92 43.72
CA MET C 404 1.41 -21.41 43.63
C MET C 404 1.08 -20.34 44.67
N GLY C 405 0.43 -19.27 44.23
CA GLY C 405 -0.02 -18.25 45.15
C GLY C 405 1.04 -17.22 45.52
N THR C 406 2.32 -17.54 45.34
CA THR C 406 3.37 -16.53 45.52
C THR C 406 3.09 -15.41 44.54
N LYS C 407 3.64 -14.22 44.80
CA LYS C 407 3.38 -13.08 43.94
C LYS C 407 4.69 -12.45 43.50
N THR C 408 4.66 -11.85 42.31
CA THR C 408 5.84 -11.20 41.78
C THR C 408 6.13 -9.98 42.63
N VAL C 409 7.36 -9.86 43.13
CA VAL C 409 7.72 -8.77 44.03
C VAL C 409 7.49 -7.39 43.43
N LYS C 410 7.25 -6.42 44.30
CA LYS C 410 7.12 -5.05 43.84
C LYS C 410 8.48 -4.48 43.46
N SER C 411 8.58 -4.02 42.21
CA SER C 411 9.81 -3.37 41.73
C SER C 411 10.01 -2.00 42.37
N LYS C 412 11.23 -1.50 42.32
CA LYS C 412 11.45 -0.12 42.69
C LYS C 412 10.98 0.84 41.60
N VAL C 413 10.79 0.32 40.39
CA VAL C 413 10.41 1.17 39.27
C VAL C 413 9.09 0.77 38.64
N ALA C 414 8.19 1.73 38.41
CA ALA C 414 6.95 1.45 37.67
C ALA C 414 7.01 2.15 36.34
N VAL C 415 6.71 1.40 35.27
CA VAL C 415 6.65 1.99 33.93
C VAL C 415 5.17 2.05 33.56
N VAL C 416 4.68 3.26 33.36
CA VAL C 416 3.23 3.45 33.20
C VAL C 416 2.75 3.14 31.80
N PHE C 417 1.66 2.39 31.71
CA PHE C 417 0.97 2.16 30.44
C PHE C 417 -0.48 2.64 30.47
N ASP C 418 -0.91 3.27 29.38
CA ASP C 418 -2.22 3.92 29.32
C ASP C 418 -2.93 3.59 28.02
N TYR C 419 -3.89 2.69 28.05
CA TYR C 419 -4.63 2.32 26.83
C TYR C 419 -5.25 3.52 26.11
N GLU C 420 -5.87 4.41 26.87
CA GLU C 420 -6.50 5.60 26.25
C GLU C 420 -5.49 6.56 25.61
N SER C 421 -4.34 6.74 26.24
CA SER C 421 -3.27 7.51 25.61
C SER C 421 -2.82 6.88 24.29
N GLN C 422 -2.64 5.55 24.27
CA GLN C 422 -2.36 4.86 23.01
C GLN C 422 -3.41 5.23 21.97
N TRP C 423 -4.68 5.12 22.35
CA TRP C 423 -5.76 5.47 21.42
C TRP C 423 -5.63 6.91 20.91
N ALA C 424 -5.29 7.84 21.80
CA ALA C 424 -5.16 9.23 21.39
C ALA C 424 -4.02 9.39 20.38
N THR C 425 -2.95 8.61 20.55
CA THR C 425 -1.79 8.72 19.65
C THR C 425 -2.04 8.15 18.25
N GLU C 426 -3.15 7.42 18.10
CA GLU C 426 -3.48 6.80 16.82
C GLU C 426 -4.18 7.78 15.88
N TYR C 427 -4.52 8.97 16.35
CA TYR C 427 -5.16 9.94 15.45
C TYR C 427 -4.24 10.30 14.27
N THR C 428 -4.83 10.52 13.09
CA THR C 428 -4.02 10.65 11.86
C THR C 428 -3.49 12.05 11.57
N ALA C 429 -3.85 13.03 12.39
CA ALA C 429 -3.30 14.38 12.23
C ALA C 429 -2.61 14.83 13.50
N ASN C 430 -1.86 13.92 14.11
CA ASN C 430 -0.98 14.28 15.23
C ASN C 430 0.32 14.87 14.66
N PRO C 431 1.22 15.36 15.53
CA PRO C 431 2.45 15.95 14.97
C PRO C 431 3.23 14.99 14.08
N THR C 432 3.18 13.69 14.38
CA THR C 432 3.74 12.70 13.48
C THR C 432 3.01 11.38 13.66
N GLN C 433 2.72 10.71 12.56
CA GLN C 433 1.96 9.48 12.68
C GLN C 433 2.92 8.32 12.98
N GLN C 434 4.21 8.63 13.14
CA GLN C 434 5.20 7.62 13.51
C GLN C 434 5.25 7.38 15.03
N VAL C 435 4.56 8.21 15.80
CA VAL C 435 4.64 8.07 17.26
C VAL C 435 3.37 7.48 17.83
N ASP C 436 3.49 6.29 18.41
CA ASP C 436 2.43 5.71 19.24
C ASP C 436 2.92 5.73 20.68
N HIS C 437 2.00 5.86 21.64
CA HIS C 437 2.35 5.71 23.05
C HIS C 437 3.10 4.41 23.30
N TRP C 438 2.54 3.30 22.78
CA TRP C 438 2.95 1.98 23.25
C TRP C 438 4.44 1.62 23.14
N THR C 439 5.15 2.14 22.15
CA THR C 439 6.54 1.74 21.97
C THR C 439 7.44 2.28 23.08
N GLU C 440 7.05 3.41 23.66
CA GLU C 440 7.91 4.05 24.66
C GLU C 440 8.02 3.26 25.98
N PRO C 441 6.88 2.82 26.57
CA PRO C 441 7.07 2.04 27.79
C PRO C 441 7.87 0.75 27.57
N LEU C 442 7.71 0.11 26.41
CA LEU C 442 8.54 -1.05 26.07
C LEU C 442 10.02 -0.67 26.06
N ASP C 443 10.34 0.42 25.36
CA ASP C 443 11.73 0.90 25.26
C ASP C 443 12.32 1.12 26.65
N TRP C 444 11.55 1.75 27.55
CA TRP C 444 11.99 2.00 28.92
C TRP C 444 12.17 0.70 29.71
N PHE C 445 11.25 -0.24 29.56
CA PHE C 445 11.34 -1.53 30.25
C PHE C 445 12.63 -2.21 29.86
N ARG C 446 12.95 -2.13 28.57
CA ARG C 446 14.14 -2.79 28.04
C ARG C 446 15.44 -2.09 28.42
N ALA C 447 15.42 -0.76 28.42
CA ALA C 447 16.61 0.03 28.79
C ALA C 447 16.92 -0.11 30.27
N LEU C 448 15.88 -0.14 31.10
CA LEU C 448 16.05 -0.41 32.52
C LEU C 448 16.67 -1.80 32.70
N ALA C 449 16.11 -2.80 32.02
CA ALA C 449 16.70 -4.14 32.03
C ALA C 449 18.16 -4.15 31.57
N ASP C 450 18.53 -3.35 30.56
CA ASP C 450 19.93 -3.27 30.12
C ASP C 450 20.81 -2.78 31.26
N ASN C 451 20.19 -2.08 32.21
CA ASN C 451 20.90 -1.53 33.34
C ASN C 451 20.64 -2.37 34.59
N GLY C 452 20.14 -3.60 34.41
CA GLY C 452 20.06 -4.56 35.52
C GLY C 452 18.90 -4.29 36.46
N ILE C 453 17.89 -3.56 35.97
CA ILE C 453 16.71 -3.26 36.77
C ILE C 453 15.47 -3.94 36.14
N THR C 454 14.70 -4.66 36.96
CA THR C 454 13.44 -5.26 36.48
C THR C 454 12.27 -4.36 36.89
N ALA C 455 11.65 -3.67 35.93
CA ALA C 455 10.53 -2.80 36.23
C ALA C 455 9.20 -3.55 36.33
N ASP C 456 8.22 -2.97 37.02
CA ASP C 456 6.84 -3.41 36.89
C ASP C 456 6.18 -2.51 35.85
N VAL C 457 5.40 -3.09 34.95
CA VAL C 457 4.60 -2.28 34.01
C VAL C 457 3.24 -2.09 34.69
N VAL C 458 2.87 -0.84 34.92
CA VAL C 458 1.70 -0.53 35.76
C VAL C 458 0.73 0.38 35.00
N PRO C 459 -0.53 -0.07 34.84
CA PRO C 459 -1.53 0.77 34.17
C PRO C 459 -1.71 2.11 34.88
N VAL C 460 -2.08 3.13 34.10
CA VAL C 460 -2.12 4.50 34.60
C VAL C 460 -3.08 4.70 35.76
N ARG C 461 -4.21 3.97 35.79
CA ARG C 461 -5.15 4.11 36.91
C ARG C 461 -4.74 3.33 38.16
N SER C 462 -3.70 2.52 38.05
CA SER C 462 -3.23 1.69 39.16
C SER C 462 -2.16 2.45 39.95
N ASP C 463 -1.46 1.74 40.85
CA ASP C 463 -0.65 2.44 41.86
C ASP C 463 0.81 2.80 41.53
N TRP C 464 1.05 3.32 40.33
CA TRP C 464 2.41 3.68 39.95
C TRP C 464 2.95 4.78 40.85
N ASP C 465 2.08 5.59 41.48
CA ASP C 465 2.59 6.65 42.34
C ASP C 465 2.86 6.20 43.78
N SER C 466 2.85 4.89 44.00
CA SER C 466 3.26 4.31 45.28
C SER C 466 4.67 3.73 45.18
N TYR C 467 5.30 3.87 44.00
CA TYR C 467 6.62 3.28 43.77
C TYR C 467 7.67 4.31 44.13
N GLU C 468 8.92 3.88 44.33
CA GLU C 468 10.01 4.83 44.57
C GLU C 468 10.29 5.67 43.32
N ILE C 469 10.13 5.02 42.17
CA ILE C 469 10.48 5.62 40.87
C ILE C 469 9.40 5.26 39.87
N ALA C 470 9.08 6.17 38.95
CA ALA C 470 8.11 5.84 37.91
C ALA C 470 8.50 6.50 36.60
N VAL C 471 7.93 6.02 35.51
CA VAL C 471 8.22 6.56 34.19
C VAL C 471 6.89 6.86 33.54
N LEU C 472 6.74 8.08 33.00
CA LEU C 472 5.61 8.39 32.13
C LEU C 472 6.16 8.44 30.72
N PRO C 473 5.95 7.36 29.95
CA PRO C 473 6.53 7.26 28.60
C PRO C 473 5.47 7.54 27.55
N CYS C 474 5.50 8.76 26.99
CA CYS C 474 4.55 9.21 25.98
C CYS C 474 3.09 9.06 26.44
N VAL C 475 2.82 9.43 27.69
CA VAL C 475 1.47 9.40 28.23
C VAL C 475 0.78 10.66 27.74
N TYR C 476 0.31 10.58 26.50
CA TYR C 476 -0.18 11.72 25.73
C TYR C 476 -1.30 12.46 26.44
N LEU C 477 -2.22 11.74 27.06
CA LEU C 477 -3.32 12.34 27.80
C LEU C 477 -2.95 12.44 29.28
N LEU C 478 -3.18 13.59 29.90
CA LEU C 478 -3.14 13.71 31.36
C LEU C 478 -4.34 14.55 31.79
N SER C 479 -5.26 13.94 32.55
CA SER C 479 -6.37 14.73 33.12
C SER C 479 -5.81 15.63 34.22
N GLU C 480 -6.63 16.55 34.72
CA GLU C 480 -6.21 17.34 35.87
C GLU C 480 -5.94 16.40 37.04
N GLU C 481 -6.78 15.37 37.19
CA GLU C 481 -6.60 14.41 38.29
C GLU C 481 -5.26 13.68 38.20
N THR C 482 -4.87 13.25 37.01
CA THR C 482 -3.64 12.48 36.90
C THR C 482 -2.46 13.44 37.09
N SER C 483 -2.63 14.66 36.57
CA SER C 483 -1.62 15.70 36.67
C SER C 483 -1.32 16.02 38.13
N ARG C 484 -2.37 16.05 38.95
CA ARG C 484 -2.21 16.26 40.37
C ARG C 484 -1.47 15.08 41.01
N ARG C 485 -1.82 13.85 40.64
CA ARG C 485 -1.05 12.69 41.12
C ARG C 485 0.43 12.81 40.76
N VAL C 486 0.74 13.40 39.60
CA VAL C 486 2.13 13.57 39.20
C VAL C 486 2.87 14.56 40.09
N ARG C 487 2.26 15.72 40.35
CA ARG C 487 2.87 16.76 41.21
C ARG C 487 3.14 16.24 42.60
N GLU C 488 2.14 15.57 43.16
CA GLU C 488 2.25 15.05 44.52
C GLU C 488 3.25 13.91 44.61
N PHE C 489 3.27 13.05 43.59
CA PHE C 489 4.24 11.96 43.55
C PHE C 489 5.65 12.52 43.68
N VAL C 490 5.99 13.50 42.84
CA VAL C 490 7.30 14.15 42.92
C VAL C 490 7.49 14.96 44.21
N ALA C 491 6.54 15.85 44.55
CA ALA C 491 6.72 16.72 45.72
C ALA C 491 6.99 15.91 46.98
N ASN C 492 6.37 14.75 47.08
CA ASN C 492 6.55 13.89 48.25
C ASN C 492 7.84 13.08 48.25
N GLY C 493 8.68 13.21 47.22
CA GLY C 493 9.96 12.50 47.21
C GLY C 493 10.13 11.45 46.12
N GLY C 494 9.14 11.33 45.23
CA GLY C 494 9.24 10.37 44.16
C GLY C 494 10.26 10.80 43.13
N LYS C 495 10.77 9.85 42.36
CA LYS C 495 11.73 10.10 41.29
C LYS C 495 11.01 9.76 40.00
N LEU C 496 10.87 10.71 39.09
CA LEU C 496 9.96 10.51 37.97
C LEU C 496 10.60 10.84 36.64
N PHE C 497 10.58 9.88 35.71
CA PHE C 497 11.00 10.12 34.35
C PHE C 497 9.77 10.52 33.53
N VAL C 498 9.92 11.54 32.66
CA VAL C 498 8.84 11.98 31.78
C VAL C 498 9.40 12.16 30.36
N THR C 499 8.64 11.77 29.35
CA THR C 499 9.15 11.89 27.98
C THR C 499 8.33 12.86 27.13
N TYR C 500 8.88 13.19 25.96
CA TYR C 500 8.14 13.82 24.88
C TYR C 500 6.79 13.10 24.67
N TYR C 501 5.81 13.81 24.10
CA TYR C 501 4.47 13.27 23.87
C TYR C 501 3.77 12.85 25.16
N THR C 502 4.12 13.52 26.25
CA THR C 502 3.43 13.34 27.53
C THR C 502 2.67 14.60 27.92
N GLY C 503 1.41 14.41 28.32
CA GLY C 503 0.61 15.49 28.87
C GLY C 503 0.34 16.59 27.85
N LEU C 504 0.22 16.20 26.58
CA LEU C 504 -0.09 17.21 25.57
C LEU C 504 -1.53 17.70 25.73
N SER C 505 -2.43 16.78 26.07
CA SER C 505 -3.86 17.08 26.15
C SER C 505 -4.51 16.53 27.41
N ASP C 506 -5.72 17.00 27.69
CA ASP C 506 -6.50 16.40 28.75
C ASP C 506 -7.25 15.20 28.15
N GLU C 507 -8.12 14.60 28.95
CA GLU C 507 -8.78 13.35 28.57
C GLU C 507 -9.77 13.49 27.41
N ASN C 508 -10.14 14.73 27.07
CA ASN C 508 -11.00 15.00 25.91
C ASN C 508 -10.18 15.39 24.67
N ASP C 509 -8.86 15.20 24.76
CA ASP C 509 -7.91 15.65 23.75
C ASP C 509 -8.00 17.17 23.50
N HIS C 510 -8.28 17.94 24.55
CA HIS C 510 -8.07 19.38 24.53
C HIS C 510 -6.66 19.68 25.00
N ILE C 511 -5.96 20.53 24.25
CA ILE C 511 -4.55 20.86 24.52
C ILE C 511 -4.41 21.67 25.80
N TRP C 512 -3.42 21.33 26.63
CA TRP C 512 -3.05 22.17 27.76
C TRP C 512 -2.19 23.29 27.20
N LEU C 513 -2.66 24.53 27.33
CA LEU C 513 -2.02 25.68 26.70
C LEU C 513 -0.86 26.27 27.51
N GLY C 514 -0.10 27.15 26.88
CA GLY C 514 0.93 27.93 27.56
C GLY C 514 2.33 27.36 27.49
N GLY C 515 2.48 26.24 26.81
CA GLY C 515 3.77 25.56 26.68
C GLY C 515 3.64 24.10 27.13
N TYR C 516 4.14 23.17 26.31
CA TYR C 516 4.04 21.75 26.65
C TYR C 516 5.14 21.39 27.65
N PRO C 517 4.87 20.42 28.55
CA PRO C 517 3.59 19.75 28.78
C PRO C 517 2.80 20.68 29.70
N GLY C 518 1.62 21.10 29.26
CA GLY C 518 0.94 22.25 29.84
C GLY C 518 0.37 22.07 31.24
N SER C 519 0.29 20.85 31.72
CA SER C 519 -0.29 20.68 33.07
C SER C 519 0.76 20.30 34.11
N ILE C 520 1.96 19.93 33.68
CA ILE C 520 2.99 19.55 34.63
C ILE C 520 4.35 20.18 34.35
N ARG C 521 4.40 21.20 33.49
CA ARG C 521 5.70 21.79 33.14
C ARG C 521 6.45 22.37 34.33
N ASP C 522 5.73 22.74 35.39
CA ASP C 522 6.40 23.29 36.55
C ASP C 522 7.02 22.20 37.44
N VAL C 523 6.54 20.97 37.28
CA VAL C 523 7.15 19.82 37.95
C VAL C 523 8.47 19.43 37.28
N VAL C 524 8.44 19.26 35.97
CA VAL C 524 9.61 18.80 35.22
C VAL C 524 10.57 19.93 34.88
N GLY C 525 10.13 21.18 35.02
CA GLY C 525 11.06 22.30 34.87
C GLY C 525 11.55 22.48 33.44
N VAL C 526 10.74 22.07 32.47
CA VAL C 526 11.01 22.42 31.07
C VAL C 526 9.78 23.11 30.44
N ARG C 527 10.01 23.84 29.35
CA ARG C 527 8.89 24.40 28.58
C ARG C 527 9.18 24.22 27.09
N VAL C 528 8.29 23.51 26.40
CA VAL C 528 8.39 23.22 24.99
C VAL C 528 7.45 24.14 24.23
N GLU C 529 7.95 24.81 23.19
CA GLU C 529 7.15 25.73 22.39
C GLU C 529 6.65 25.11 21.10
N GLU C 530 7.38 24.12 20.60
CA GLU C 530 7.16 23.61 19.26
C GLU C 530 7.76 22.21 19.22
N PHE C 531 7.35 21.38 18.25
CA PHE C 531 7.97 20.05 18.10
C PHE C 531 8.82 20.03 16.86
N ALA C 532 9.81 19.12 16.82
CA ALA C 532 10.58 18.93 15.60
C ALA C 532 10.57 17.47 15.20
N PRO C 533 9.48 17.01 14.55
CA PRO C 533 9.43 15.64 14.06
C PRO C 533 10.51 15.37 13.03
N MET C 534 10.91 14.11 12.92
CA MET C 534 12.00 13.71 12.04
C MET C 534 11.60 12.45 11.28
N GLY C 535 12.24 12.23 10.13
CA GLY C 535 11.90 11.06 9.34
C GLY C 535 12.67 11.06 8.04
N ASN C 536 12.33 10.12 7.15
CA ASN C 536 13.06 9.90 5.90
CA ASN C 536 13.07 10.01 5.90
C ASN C 536 12.17 10.04 4.67
N ASP C 537 10.98 10.62 4.83
CA ASP C 537 10.03 10.65 3.73
C ASP C 537 10.04 11.97 2.95
N MET C 538 10.93 12.89 3.31
CA MET C 538 11.03 14.18 2.67
C MET C 538 12.50 14.51 2.38
N PRO C 539 12.84 14.67 1.09
CA PRO C 539 14.24 14.97 0.71
C PRO C 539 14.81 16.13 1.53
N GLY C 540 15.89 15.85 2.25
CA GLY C 540 16.62 16.91 2.96
C GLY C 540 15.98 17.33 4.27
N ALA C 541 14.88 16.70 4.64
CA ALA C 541 14.28 17.01 5.95
C ALA C 541 15.05 16.27 7.05
N LEU C 542 14.92 16.77 8.28
CA LEU C 542 15.67 16.25 9.44
C LEU C 542 15.34 14.76 9.69
N ASP C 543 16.34 13.88 9.67
CA ASP C 543 16.09 12.44 9.84
C ASP C 543 16.60 11.89 11.18
N HIS C 544 17.42 12.67 11.87
CA HIS C 544 17.94 12.30 13.18
C HIS C 544 18.53 13.56 13.82
N LEU C 545 18.79 13.48 15.11
CA LEU C 545 19.51 14.51 15.83
C LEU C 545 20.48 13.84 16.78
N ASP C 546 21.78 14.06 16.60
CA ASP C 546 22.74 13.58 17.58
C ASP C 546 22.54 14.33 18.87
N LEU C 547 22.73 13.66 20.01
CA LEU C 547 22.83 14.34 21.29
C LEU C 547 24.30 14.44 21.67
N ASP C 548 24.63 15.38 22.55
CA ASP C 548 26.03 15.58 22.88
C ASP C 548 26.57 14.53 23.86
N ASN C 549 25.71 13.58 24.26
CA ASN C 549 26.14 12.49 25.15
C ASN C 549 26.37 11.17 24.41
N GLY C 550 26.46 11.24 23.08
CA GLY C 550 26.82 10.06 22.30
C GLY C 550 25.65 9.19 21.91
N THR C 551 24.43 9.72 22.07
CA THR C 551 23.23 9.00 21.66
C THR C 551 22.61 9.73 20.48
N VAL C 552 21.60 9.13 19.86
CA VAL C 552 21.00 9.75 18.67
C VAL C 552 19.48 9.67 18.75
N ALA C 553 18.84 10.83 18.62
CA ALA C 553 17.38 10.89 18.60
C ALA C 553 16.83 10.60 17.21
N HIS C 554 15.69 9.91 17.14
CA HIS C 554 14.96 9.72 15.89
C HIS C 554 13.49 10.05 16.07
N ASP C 555 12.80 10.24 14.94
CA ASP C 555 11.33 10.40 14.88
C ASP C 555 10.75 11.67 15.52
N PHE C 556 11.26 12.07 16.68
CA PHE C 556 10.68 13.20 17.41
C PHE C 556 11.64 13.86 18.40
N ALA C 557 11.59 15.20 18.45
CA ALA C 557 12.33 15.99 19.45
C ALA C 557 11.50 17.22 19.85
N ASP C 558 11.43 17.49 21.16
CA ASP C 558 10.82 18.71 21.67
C ASP C 558 11.74 19.92 21.48
N VAL C 559 11.20 21.05 21.06
CA VAL C 559 11.95 22.29 21.11
C VAL C 559 11.79 22.96 22.48
N ILE C 560 12.65 22.57 23.41
CA ILE C 560 12.67 23.12 24.75
C ILE C 560 13.33 24.50 24.69
N THR C 561 12.62 25.53 25.13
CA THR C 561 13.15 26.88 24.99
C THR C 561 13.43 27.56 26.33
N SER C 562 13.02 26.94 27.43
CA SER C 562 13.45 27.41 28.74
C SER C 562 13.46 26.25 29.73
N THR C 563 14.31 26.36 30.74
CA THR C 563 14.35 25.37 31.82
C THR C 563 14.35 26.09 33.16
N ALA C 564 13.92 25.39 34.21
CA ALA C 564 13.80 26.03 35.52
C ALA C 564 15.17 26.32 36.16
N ASP C 565 15.20 27.25 37.10
CA ASP C 565 16.47 27.56 37.76
CA ASP C 565 16.44 27.58 37.80
C ASP C 565 16.94 26.38 38.61
N THR C 566 16.02 25.47 38.92
CA THR C 566 16.34 24.27 39.69
C THR C 566 16.79 23.09 38.81
N SER C 567 16.82 23.30 37.50
CA SER C 567 17.07 22.22 36.55
C SER C 567 18.53 22.09 36.16
N THR C 568 18.89 20.92 35.67
CA THR C 568 20.22 20.68 35.13
C THR C 568 20.09 20.06 33.75
N VAL C 569 20.76 20.64 32.75
CA VAL C 569 20.73 20.05 31.42
C VAL C 569 21.75 18.91 31.33
N LEU C 570 21.28 17.69 31.07
CA LEU C 570 22.16 16.53 31.07
C LEU C 570 22.65 16.21 29.65
N ALA C 571 21.93 16.69 28.65
CA ALA C 571 22.29 16.45 27.25
C ALA C 571 21.55 17.45 26.39
N SER C 572 22.13 17.77 25.24
CA SER C 572 21.58 18.76 24.32
C SER C 572 21.83 18.26 22.92
N TYR C 573 21.06 18.74 21.93
CA TYR C 573 21.28 18.27 20.56
C TYR C 573 22.50 18.92 19.92
N LYS C 574 23.09 18.22 18.95
CA LYS C 574 24.10 18.82 18.08
C LYS C 574 23.54 18.76 16.69
N ALA C 575 23.56 19.89 15.98
CA ALA C 575 22.93 19.99 14.68
C ALA C 575 23.51 21.15 13.89
N GLU C 576 23.30 21.15 12.57
CA GLU C 576 23.67 22.30 11.77
C GLU C 576 22.85 23.49 12.23
N ARG C 577 23.48 24.66 12.27
CA ARG C 577 22.89 25.84 12.89
C ARG C 577 21.54 26.22 12.30
N TRP C 578 21.40 26.09 10.99
CA TRP C 578 20.18 26.53 10.31
C TRP C 578 18.96 25.71 10.71
N THR C 579 19.18 24.54 11.29
CA THR C 579 18.08 23.68 11.72
C THR C 579 17.40 24.27 12.95
N GLY C 580 18.14 25.11 13.67
CA GLY C 580 17.65 25.70 14.89
C GLY C 580 17.72 24.76 16.08
N MET C 581 18.21 23.54 15.87
CA MET C 581 18.17 22.56 16.95
C MET C 581 19.48 22.45 17.72
N ASN C 582 20.52 23.14 17.25
CA ASN C 582 21.80 23.04 17.93
C ASN C 582 21.75 23.64 19.34
N GLU C 583 22.27 22.86 20.30
CA GLU C 583 22.29 23.25 21.71
C GLU C 583 20.92 23.39 22.38
N VAL C 584 19.86 22.91 21.72
CA VAL C 584 18.55 22.83 22.39
C VAL C 584 18.64 21.69 23.42
N PRO C 585 18.16 21.92 24.65
CA PRO C 585 18.17 20.87 25.69
C PRO C 585 17.42 19.62 25.26
N ALA C 586 17.99 18.44 25.53
CA ALA C 586 17.41 17.17 25.11
C ALA C 586 16.99 16.32 26.30
N ILE C 587 17.80 16.37 27.35
CA ILE C 587 17.50 15.63 28.57
C ILE C 587 17.73 16.58 29.73
N VAL C 588 16.70 16.80 30.56
CA VAL C 588 16.79 17.82 31.61
C VAL C 588 16.40 17.24 32.96
N ALA C 589 17.26 17.43 33.95
CA ALA C 589 16.98 16.96 35.31
C ALA C 589 16.39 18.11 36.09
N ASN C 590 15.56 17.81 37.09
CA ASN C 590 14.96 18.87 37.89
C ASN C 590 14.69 18.39 39.31
N GLY C 591 14.60 19.34 40.23
CA GLY C 591 14.17 19.06 41.59
C GLY C 591 12.88 19.82 41.84
N TYR C 592 11.96 19.20 42.56
CA TYR C 592 10.63 19.77 42.82
C TYR C 592 10.13 19.20 44.13
N GLY C 593 9.87 20.06 45.12
CA GLY C 593 9.59 19.56 46.47
C GLY C 593 10.72 18.66 46.91
N ASP C 594 10.39 17.48 47.45
CA ASP C 594 11.40 16.55 47.95
C ASP C 594 11.85 15.51 46.93
N GLY C 595 11.38 15.65 45.69
CA GLY C 595 11.61 14.66 44.66
C GLY C 595 12.43 15.16 43.51
N ARG C 596 12.59 14.31 42.49
CA ARG C 596 13.46 14.61 41.36
C ARG C 596 12.74 14.17 40.10
N THR C 597 13.02 14.84 38.98
CA THR C 597 12.52 14.40 37.68
C THR C 597 13.66 14.38 36.68
N VAL C 598 13.47 13.62 35.61
CA VAL C 598 14.29 13.77 34.42
C VAL C 598 13.35 13.79 33.25
N TYR C 599 13.47 14.81 32.40
CA TYR C 599 12.60 14.94 31.24
C TYR C 599 13.44 14.57 30.00
N VAL C 600 12.96 13.61 29.21
CA VAL C 600 13.64 13.17 27.99
C VAL C 600 12.86 13.69 26.77
N GLY C 601 13.39 14.71 26.11
CA GLY C 601 12.61 15.44 25.11
C GLY C 601 12.62 14.82 23.71
N CYS C 602 13.09 13.58 23.59
CA CYS C 602 13.17 12.95 22.28
C CYS C 602 13.09 11.43 22.40
N ARG C 603 12.89 10.79 21.26
CA ARG C 603 12.90 9.33 21.20
C ARG C 603 14.32 8.78 21.02
N LEU C 604 14.82 8.15 22.08
CA LEU C 604 16.19 7.63 22.12
C LEU C 604 16.23 6.13 21.92
N GLY C 605 15.06 5.47 22.01
CA GLY C 605 14.99 4.03 21.82
C GLY C 605 15.61 3.27 22.98
N ARG C 606 15.52 1.95 22.94
CA ARG C 606 16.18 1.12 23.94
C ARG C 606 17.66 1.49 24.08
N GLN C 607 18.36 1.64 22.95
CA GLN C 607 19.80 1.83 22.99
C GLN C 607 20.20 3.17 23.59
N GLY C 608 19.54 4.26 23.18
CA GLY C 608 19.88 5.57 23.69
C GLY C 608 19.44 5.75 25.15
N LEU C 609 18.27 5.20 25.50
CA LEU C 609 17.84 5.25 26.90
C LEU C 609 18.80 4.46 27.77
N ALA C 610 19.22 3.29 27.28
CA ALA C 610 20.06 2.43 28.11
C ALA C 610 21.38 3.13 28.38
N LYS C 611 21.93 3.77 27.36
CA LYS C 611 23.20 4.47 27.47
C LYS C 611 23.09 5.73 28.34
N SER C 612 21.94 6.41 28.29
CA SER C 612 21.72 7.63 29.05
C SER C 612 21.33 7.40 30.52
N LEU C 613 20.90 6.19 30.83
CA LEU C 613 20.38 5.91 32.17
C LEU C 613 21.33 6.16 33.37
N PRO C 614 22.62 5.78 33.26
CA PRO C 614 23.51 6.10 34.38
C PRO C 614 23.54 7.59 34.71
N ALA C 615 23.61 8.47 33.70
CA ALA C 615 23.60 9.90 33.94
C ALA C 615 22.28 10.34 34.55
N MET C 616 21.17 9.79 34.04
CA MET C 616 19.86 10.25 34.49
C MET C 616 19.60 9.74 35.90
N LEU C 617 19.93 8.47 36.16
CA LEU C 617 19.78 7.88 37.49
C LEU C 617 20.68 8.63 38.50
N GLY C 618 21.88 8.99 38.05
CA GLY C 618 22.79 9.80 38.87
C GLY C 618 22.16 11.09 39.37
N SER C 619 21.53 11.84 38.46
CA SER C 619 20.92 13.12 38.81
C SER C 619 19.77 12.96 39.80
N MET C 620 19.23 11.75 39.90
CA MET C 620 18.13 11.45 40.81
CA MET C 620 18.15 11.54 40.85
C MET C 620 18.62 10.87 42.14
N GLY C 621 19.94 10.65 42.26
CA GLY C 621 20.51 10.05 43.45
C GLY C 621 20.35 8.54 43.44
N LEU C 622 20.36 7.94 42.26
CA LEU C 622 20.10 6.51 42.14
C LEU C 622 21.25 5.76 41.47
N SER C 623 22.46 6.25 41.62
CA SER C 623 23.63 5.60 41.01
C SER C 623 23.85 4.16 41.47
N ASP C 624 23.36 3.84 42.67
CA ASP C 624 23.53 2.50 43.25
C ASP C 624 22.52 1.47 42.72
N LEU C 625 21.55 1.91 41.93
CA LEU C 625 20.49 1.01 41.50
C LEU C 625 20.92 0.07 40.37
N ALA C 626 21.82 0.54 39.52
CA ALA C 626 22.20 -0.20 38.32
C ALA C 626 22.87 -1.54 38.64
N GLY C 627 22.73 -2.49 37.73
CA GLY C 627 23.31 -3.81 37.89
C GLY C 627 23.61 -4.44 36.55
N ASP C 628 23.65 -5.77 36.56
CA ASP C 628 24.08 -6.56 35.42
C ASP C 628 22.95 -6.76 34.43
N GLY C 629 23.11 -6.22 33.22
CA GLY C 629 22.03 -6.25 32.25
C GLY C 629 21.98 -7.47 31.36
N ARG C 630 22.94 -8.40 31.49
CA ARG C 630 22.99 -9.56 30.59
C ARG C 630 21.86 -10.55 30.86
N VAL C 631 21.33 -10.52 32.08
CA VAL C 631 20.24 -11.40 32.44
C VAL C 631 19.08 -10.56 32.96
N LEU C 632 17.87 -11.09 32.90
CA LEU C 632 16.74 -10.48 33.59
C LEU C 632 16.53 -11.32 34.83
N ARG C 633 16.41 -10.66 35.97
CA ARG C 633 16.15 -11.37 37.23
C ARG C 633 14.75 -10.98 37.70
N VAL C 634 13.89 -11.97 37.86
CA VAL C 634 12.50 -11.74 38.25
C VAL C 634 12.21 -12.59 39.49
N GLU C 635 11.57 -12.00 40.50
CA GLU C 635 11.34 -12.71 41.76
C GLU C 635 9.86 -12.85 42.14
N ARG C 636 9.49 -14.03 42.64
CA ARG C 636 8.21 -14.23 43.32
C ARG C 636 8.43 -14.63 44.78
N ALA C 637 7.52 -14.20 45.66
CA ALA C 637 7.66 -14.50 47.08
C ALA C 637 6.29 -14.58 47.74
N ASP C 638 6.20 -15.28 48.87
CA ASP C 638 4.92 -15.28 49.61
C ASP C 638 4.80 -14.01 50.43
N SER C 643 9.53 -17.61 51.65
CA SER C 643 10.06 -18.23 50.44
C SER C 643 10.29 -17.19 49.36
N HIS C 644 11.40 -17.33 48.64
CA HIS C 644 11.73 -16.49 47.50
C HIS C 644 12.10 -17.39 46.34
N PHE C 645 11.60 -17.06 45.16
CA PHE C 645 11.97 -17.76 43.95
C PHE C 645 12.52 -16.76 42.96
N GLU C 646 13.73 -17.00 42.47
CA GLU C 646 14.32 -16.10 41.49
C GLU C 646 14.43 -16.79 40.14
N PHE C 647 13.95 -16.10 39.10
CA PHE C 647 13.99 -16.62 37.74
C PHE C 647 15.01 -15.79 36.97
N VAL C 648 15.99 -16.45 36.35
CA VAL C 648 17.11 -15.74 35.75
C VAL C 648 17.20 -16.12 34.29
N PHE C 649 17.10 -15.12 33.40
CA PHE C 649 17.03 -15.37 31.96
C PHE C 649 18.17 -14.71 31.22
N ASN C 650 18.85 -15.43 30.35
CA ASN C 650 19.82 -14.79 29.47
C ASN C 650 19.08 -13.88 28.49
N ARG C 651 19.49 -12.61 28.42
CA ARG C 651 18.88 -11.67 27.48
C ARG C 651 19.71 -11.49 26.21
N THR C 652 20.80 -12.25 26.09
CA THR C 652 21.74 -12.02 24.99
C THR C 652 21.90 -13.22 24.04
N HIS C 653 22.74 -13.05 23.04
CA HIS C 653 22.93 -14.05 22.01
C HIS C 653 24.15 -14.94 22.27
N GLU C 654 24.72 -14.84 23.45
CA GLU C 654 25.89 -15.65 23.81
CA GLU C 654 25.86 -15.68 23.80
C GLU C 654 25.66 -16.21 25.21
N PRO C 655 26.28 -17.38 25.51
CA PRO C 655 26.19 -17.87 26.89
C PRO C 655 26.77 -16.84 27.87
N VAL C 656 26.16 -16.71 29.05
CA VAL C 656 26.63 -15.77 30.05
C VAL C 656 26.73 -16.49 31.39
N THR C 657 27.73 -16.12 32.19
CA THR C 657 27.88 -16.69 33.52
C THR C 657 27.60 -15.63 34.58
N VAL C 658 26.69 -15.93 35.50
CA VAL C 658 26.37 -15.00 36.59
C VAL C 658 26.25 -15.72 37.92
N ASP C 659 26.43 -14.99 39.00
CA ASP C 659 26.26 -15.53 40.35
C ASP C 659 24.79 -15.73 40.65
N VAL C 660 24.44 -16.86 41.26
CA VAL C 660 23.07 -17.10 41.70
C VAL C 660 23.05 -17.63 43.14
N GLU C 661 22.14 -17.08 43.94
CA GLU C 661 21.96 -17.50 45.33
C GLU C 661 20.83 -18.52 45.43
N GLY C 662 20.98 -19.50 46.32
CA GLY C 662 19.92 -20.47 46.50
C GLY C 662 20.09 -21.81 45.81
N GLU C 663 19.04 -22.62 45.89
CA GLU C 663 19.01 -23.94 45.31
C GLU C 663 18.31 -23.92 43.96
N ALA C 664 18.98 -24.42 42.93
CA ALA C 664 18.39 -24.47 41.61
C ALA C 664 17.31 -25.56 41.57
N ILE C 665 16.10 -25.19 41.16
CA ILE C 665 14.99 -26.11 41.13
C ILE C 665 14.50 -26.37 39.70
N ALA C 666 14.98 -25.57 38.76
CA ALA C 666 14.63 -25.77 37.34
C ALA C 666 15.69 -25.12 36.47
N ALA C 667 15.98 -25.73 35.32
CA ALA C 667 16.99 -25.18 34.42
C ALA C 667 16.71 -25.67 33.02
N SER C 668 16.85 -24.79 32.05
CA SER C 668 16.74 -25.17 30.66
C SER C 668 17.85 -24.44 29.93
N LEU C 669 18.66 -25.18 29.17
CA LEU C 669 19.81 -24.61 28.47
C LEU C 669 20.70 -23.82 29.41
N ALA C 670 20.99 -24.40 30.57
CA ALA C 670 21.82 -23.73 31.56
C ALA C 670 22.32 -24.74 32.56
N HIS C 671 23.46 -24.43 33.18
CA HIS C 671 24.04 -25.32 34.18
C HIS C 671 24.46 -24.49 35.38
N VAL C 672 24.12 -24.97 36.57
CA VAL C 672 24.49 -24.31 37.81
C VAL C 672 25.56 -25.13 38.52
N ASP C 673 26.65 -24.47 38.92
CA ASP C 673 27.71 -25.15 39.66
C ASP C 673 28.36 -24.18 40.62
N ASP C 674 28.30 -24.51 41.91
CA ASP C 674 29.02 -23.76 42.93
C ASP C 674 28.58 -22.30 42.98
N GLY C 675 27.28 -22.06 42.95
CA GLY C 675 26.73 -20.73 43.07
C GLY C 675 26.83 -19.87 41.80
N ARG C 676 27.16 -20.50 40.69
CA ARG C 676 27.23 -19.78 39.41
C ARG C 676 26.48 -20.51 38.32
N ALA C 677 25.77 -19.77 37.47
CA ALA C 677 24.99 -20.37 36.39
C ALA C 677 25.60 -19.94 35.09
N THR C 678 25.88 -20.90 34.22
CA THR C 678 26.25 -20.59 32.85
C THR C 678 24.97 -20.83 32.06
N ILE C 679 24.38 -19.75 31.56
CA ILE C 679 23.08 -19.81 30.92
C ILE C 679 23.26 -19.56 29.42
N ASP C 680 22.82 -20.50 28.60
CA ASP C 680 22.96 -20.37 27.15
C ASP C 680 21.94 -19.38 26.64
N PRO C 681 22.09 -18.92 25.39
CA PRO C 681 21.02 -18.08 24.85
C PRO C 681 19.72 -18.85 24.92
N THR C 682 18.62 -18.14 25.19
CA THR C 682 17.28 -18.74 25.36
C THR C 682 17.21 -19.67 26.58
N GLY C 683 18.17 -19.53 27.48
CA GLY C 683 18.21 -20.35 28.69
C GLY C 683 17.63 -19.67 29.90
N VAL C 684 17.37 -20.47 30.93
CA VAL C 684 16.76 -19.97 32.15
C VAL C 684 17.12 -20.88 33.32
N VAL C 685 17.28 -20.28 34.50
CA VAL C 685 17.41 -21.04 35.74
CA VAL C 685 17.49 -20.99 35.77
C VAL C 685 16.46 -20.46 36.77
N VAL C 686 15.95 -21.33 37.64
CA VAL C 686 15.02 -20.90 38.66
C VAL C 686 15.61 -21.39 39.97
N LEU C 687 15.71 -20.49 40.94
CA LEU C 687 16.32 -20.79 42.23
C LEU C 687 15.34 -20.53 43.36
N ARG C 688 15.46 -21.34 44.41
CA ARG C 688 14.69 -21.10 45.62
C ARG C 688 15.61 -20.85 46.80
N ARG C 689 15.22 -19.96 47.71
CA ARG C 689 15.82 -19.99 49.05
C ARG C 689 14.81 -19.53 50.08
#